data_1TSQ
# 
_entry.id   1TSQ 
# 
_audit_conform.dict_name       mmcif_pdbx.dic 
_audit_conform.dict_version    5.376 
_audit_conform.dict_location   http://mmcif.pdb.org/dictionaries/ascii/mmcif_pdbx.dic 
# 
loop_
_database_2.database_id 
_database_2.database_code 
_database_2.pdbx_database_accession 
_database_2.pdbx_DOI 
PDB   1TSQ         pdb_00001tsq 10.2210/pdb1tsq/pdb 
RCSB  RCSB022875   ?            ?                   
WWPDB D_1000022875 ?            ?                   
# 
_pdbx_database_status.status_code                     REL 
_pdbx_database_status.entry_id                        1TSQ 
_pdbx_database_status.recvd_initial_deposition_date   2004-06-21 
_pdbx_database_status.deposit_site                    RCSB 
_pdbx_database_status.process_site                    RCSB 
_pdbx_database_status.status_code_sf                  ? 
_pdbx_database_status.status_code_mr                  ? 
_pdbx_database_status.SG_entry                        ? 
_pdbx_database_status.pdb_format_compatible           Y 
_pdbx_database_status.status_code_cs                  ? 
_pdbx_database_status.methods_development_category    ? 
_pdbx_database_status.status_code_nmr_data            ? 
# 
loop_
_audit_author.name 
_audit_author.pdbx_ordinal 
'Prabu-Jeyabalan, M.' 1 
'Nalivaika, E.A.'     2 
'King, N.M.'          3 
'Schiffer, C.A.'      4 
# 
_citation.id                        primary 
_citation.title                     
;Structural basis for coevolution of a human immunodeficiency virus type 1 nucleocapsid-p1 cleavage site with a V82A drug-resistant mutation in viral protease
;
_citation.journal_abbrev            J.Virol. 
_citation.journal_volume            78 
_citation.page_first                12446 
_citation.page_last                 12454 
_citation.year                      2004 
_citation.journal_id_ASTM           JOVIAM 
_citation.country                   US 
_citation.journal_id_ISSN           0022-538X 
_citation.journal_id_CSD            0825 
_citation.book_publisher            ? 
_citation.pdbx_database_id_PubMed   15507631 
_citation.pdbx_database_id_DOI      10.1128/JVI.78.22.12446-12454.2004 
# 
loop_
_citation_author.citation_id 
_citation_author.name 
_citation_author.ordinal 
_citation_author.identifier_ORCID 
primary 'Prabu-Jeyabalan, M.' 1 ? 
primary 'Nalivaika, E.A.'     2 ? 
primary 'King, N.M.'          3 ? 
primary 'Schiffer, C.A.'      4 ? 
# 
_cell.entry_id           1TSQ 
_cell.length_a           50.771 
_cell.length_b           57.258 
_cell.length_c           60.917 
_cell.angle_alpha        90.00 
_cell.angle_beta         90.00 
_cell.angle_gamma        90.00 
_cell.Z_PDB              8 
_cell.pdbx_unique_axis   ? 
# 
_symmetry.entry_id                         1TSQ 
_symmetry.space_group_name_H-M             'P 21 21 21' 
_symmetry.pdbx_full_space_group_name_H-M   ? 
_symmetry.cell_setting                     ? 
_symmetry.Int_Tables_number                19 
_symmetry.space_group_name_Hall            ? 
# 
loop_
_entity.id 
_entity.type 
_entity.src_method 
_entity.pdbx_description 
_entity.formula_weight 
_entity.pdbx_number_of_molecules 
_entity.pdbx_ec 
_entity.pdbx_mutation 
_entity.pdbx_fragment 
_entity.details 
1 polymer     syn 'Pol polyprotein'              10772.724 2   3.4.23.16 Q7K,D25N,L63P,V82A protease ? 
2 polymer     syn 'AP2V NC-P1 SUBSTRATE PEPTIDE' 1190.395  1   ?         AP2V               ?        ? 
3 non-polymer syn 'ACETATE ION'                  59.044    10  ?         ?                  ?        ? 
4 water       nat water                          18.015    138 ?         ?                  ?        ? 
# 
loop_
_entity_poly.entity_id 
_entity_poly.type 
_entity_poly.nstd_linkage 
_entity_poly.nstd_monomer 
_entity_poly.pdbx_seq_one_letter_code 
_entity_poly.pdbx_seq_one_letter_code_can 
_entity_poly.pdbx_strand_id 
_entity_poly.pdbx_target_identifier 
1 'polypeptide(L)' no no 
;PQITLWKRPLVTIRIGGQLKEALLNTGADDTVLEEMNLPGKWKPKMIGGIGGFIKVRQYDQIPVEICGHKAIGTVLVGPT
PANIIGRNLLTQIGCTLNF
;
;PQITLWKRPLVTIRIGGQLKEALLNTGADDTVLEEMNLPGKWKPKMIGGIGGFIKVRQYDQIPVEICGHKAIGTVLVGPT
PANIIGRNLLTQIGCTLNF
;
A,B ? 
2 'polypeptide(L)' no no RQVNFLGKIN                                                                                             
RQVNFLGKIN                                                                                             P   ? 
# 
loop_
_entity_poly_seq.entity_id 
_entity_poly_seq.num 
_entity_poly_seq.mon_id 
_entity_poly_seq.hetero 
1 1  PRO n 
1 2  GLN n 
1 3  ILE n 
1 4  THR n 
1 5  LEU n 
1 6  TRP n 
1 7  LYS n 
1 8  ARG n 
1 9  PRO n 
1 10 LEU n 
1 11 VAL n 
1 12 THR n 
1 13 ILE n 
1 14 ARG n 
1 15 ILE n 
1 16 GLY n 
1 17 GLY n 
1 18 GLN n 
1 19 LEU n 
1 20 LYS n 
1 21 GLU n 
1 22 ALA n 
1 23 LEU n 
1 24 LEU n 
1 25 ASN n 
1 26 THR n 
1 27 GLY n 
1 28 ALA n 
1 29 ASP n 
1 30 ASP n 
1 31 THR n 
1 32 VAL n 
1 33 LEU n 
1 34 GLU n 
1 35 GLU n 
1 36 MET n 
1 37 ASN n 
1 38 LEU n 
1 39 PRO n 
1 40 GLY n 
1 41 LYS n 
1 42 TRP n 
1 43 LYS n 
1 44 PRO n 
1 45 LYS n 
1 46 MET n 
1 47 ILE n 
1 48 GLY n 
1 49 GLY n 
1 50 ILE n 
1 51 GLY n 
1 52 GLY n 
1 53 PHE n 
1 54 ILE n 
1 55 LYS n 
1 56 VAL n 
1 57 ARG n 
1 58 GLN n 
1 59 TYR n 
1 60 ASP n 
1 61 GLN n 
1 62 ILE n 
1 63 PRO n 
1 64 VAL n 
1 65 GLU n 
1 66 ILE n 
1 67 CYS n 
1 68 GLY n 
1 69 HIS n 
1 70 LYS n 
1 71 ALA n 
1 72 ILE n 
1 73 GLY n 
1 74 THR n 
1 75 VAL n 
1 76 LEU n 
1 77 VAL n 
1 78 GLY n 
1 79 PRO n 
1 80 THR n 
1 81 PRO n 
1 82 ALA n 
1 83 ASN n 
1 84 ILE n 
1 85 ILE n 
1 86 GLY n 
1 87 ARG n 
1 88 ASN n 
1 89 LEU n 
1 90 LEU n 
1 91 THR n 
1 92 GLN n 
1 93 ILE n 
1 94 GLY n 
1 95 CYS n 
1 96 THR n 
1 97 LEU n 
1 98 ASN n 
1 99 PHE n 
2 1  ARG n 
2 2  GLN n 
2 3  VAL n 
2 4  ASN n 
2 5  PHE n 
2 6  LEU n 
2 7  GLY n 
2 8  LYS n 
2 9  ILE n 
2 10 ASN n 
# 
loop_
_struct_ref.id 
_struct_ref.db_name 
_struct_ref.db_code 
_struct_ref.pdbx_db_accession 
_struct_ref.entity_id 
_struct_ref.pdbx_seq_one_letter_code 
_struct_ref.pdbx_align_begin 
_struct_ref.pdbx_db_isoform 
1 UNP POL_HV1A2 P03369 1 
;PQITLWQRPLVTIRIGGQLKEALLDTGADDTVLEEMNLPGKWKPKMIGGIGGFIKVRQYDQIPVEICGHKAIGTVLVGPT
PVNIIGRNLLTQIGCTLNF
;
57  ? 
2 UNP GAG_HV1H2 P04591 2 RQANFLGK                                                                                               
428 ? 
# 
loop_
_struct_ref_seq.align_id 
_struct_ref_seq.ref_id 
_struct_ref_seq.pdbx_PDB_id_code 
_struct_ref_seq.pdbx_strand_id 
_struct_ref_seq.seq_align_beg 
_struct_ref_seq.pdbx_seq_align_beg_ins_code 
_struct_ref_seq.seq_align_end 
_struct_ref_seq.pdbx_seq_align_end_ins_code 
_struct_ref_seq.pdbx_db_accession 
_struct_ref_seq.db_align_beg 
_struct_ref_seq.pdbx_db_align_beg_ins_code 
_struct_ref_seq.db_align_end 
_struct_ref_seq.pdbx_db_align_end_ins_code 
_struct_ref_seq.pdbx_auth_seq_align_beg 
_struct_ref_seq.pdbx_auth_seq_align_end 
1 1 1TSQ A 1 ? 99 ? P03369 57  ? 155 ? 1 99 
2 1 1TSQ B 1 ? 99 ? P03369 57  ? 155 ? 1 99 
3 2 1TSQ P 1 ? 10 ? P04591 428 ? 437 ? 2 11 
# 
loop_
_struct_ref_seq_dif.align_id 
_struct_ref_seq_dif.pdbx_pdb_id_code 
_struct_ref_seq_dif.mon_id 
_struct_ref_seq_dif.pdbx_pdb_strand_id 
_struct_ref_seq_dif.seq_num 
_struct_ref_seq_dif.pdbx_pdb_ins_code 
_struct_ref_seq_dif.pdbx_seq_db_name 
_struct_ref_seq_dif.pdbx_seq_db_accession_code 
_struct_ref_seq_dif.db_mon_id 
_struct_ref_seq_dif.pdbx_seq_db_seq_num 
_struct_ref_seq_dif.details 
_struct_ref_seq_dif.pdbx_auth_seq_num 
_struct_ref_seq_dif.pdbx_ordinal 
1 1TSQ LYS A 7  ? UNP P03369 GLN 63  'engineered mutation' 7  1 
1 1TSQ ASN A 25 ? UNP P03369 ASP 81  'engineered mutation' 25 2 
1 1TSQ ALA A 82 ? UNP P03369 VAL 138 'engineered mutation' 82 3 
2 1TSQ LYS B 7  ? UNP P03369 GLN 63  'engineered mutation' 7  4 
2 1TSQ ASN B 25 ? UNP P03369 ASP 81  'engineered mutation' 25 5 
2 1TSQ ALA B 82 ? UNP P03369 VAL 138 'engineered mutation' 82 6 
3 1TSQ VAL P 3  ? UNP P04591 ALA 430 'see remark 999'      4  7 
3 1TSQ ASN P 10 ? UNP P04591 TRP 437 'engineered mutation' 11 8 
# 
loop_
_chem_comp.id 
_chem_comp.type 
_chem_comp.mon_nstd_flag 
_chem_comp.name 
_chem_comp.pdbx_synonyms 
_chem_comp.formula 
_chem_comp.formula_weight 
ACT non-polymer         . 'ACETATE ION'   ? 'C2 H3 O2 -1'    59.044  
ALA 'L-peptide linking' y ALANINE         ? 'C3 H7 N O2'     89.093  
ARG 'L-peptide linking' y ARGININE        ? 'C6 H15 N4 O2 1' 175.209 
ASN 'L-peptide linking' y ASPARAGINE      ? 'C4 H8 N2 O3'    132.118 
ASP 'L-peptide linking' y 'ASPARTIC ACID' ? 'C4 H7 N O4'     133.103 
CYS 'L-peptide linking' y CYSTEINE        ? 'C3 H7 N O2 S'   121.158 
GLN 'L-peptide linking' y GLUTAMINE       ? 'C5 H10 N2 O3'   146.144 
GLU 'L-peptide linking' y 'GLUTAMIC ACID' ? 'C5 H9 N O4'     147.129 
GLY 'peptide linking'   y GLYCINE         ? 'C2 H5 N O2'     75.067  
HIS 'L-peptide linking' y HISTIDINE       ? 'C6 H10 N3 O2 1' 156.162 
HOH non-polymer         . WATER           ? 'H2 O'           18.015  
ILE 'L-peptide linking' y ISOLEUCINE      ? 'C6 H13 N O2'    131.173 
LEU 'L-peptide linking' y LEUCINE         ? 'C6 H13 N O2'    131.173 
LYS 'L-peptide linking' y LYSINE          ? 'C6 H15 N2 O2 1' 147.195 
MET 'L-peptide linking' y METHIONINE      ? 'C5 H11 N O2 S'  149.211 
PHE 'L-peptide linking' y PHENYLALANINE   ? 'C9 H11 N O2'    165.189 
PRO 'L-peptide linking' y PROLINE         ? 'C5 H9 N O2'     115.130 
THR 'L-peptide linking' y THREONINE       ? 'C4 H9 N O3'     119.119 
TRP 'L-peptide linking' y TRYPTOPHAN      ? 'C11 H12 N2 O2'  204.225 
TYR 'L-peptide linking' y TYROSINE        ? 'C9 H11 N O3'    181.189 
VAL 'L-peptide linking' y VALINE          ? 'C5 H11 N O2'    117.146 
# 
_exptl.entry_id          1TSQ 
_exptl.method            'X-RAY DIFFRACTION' 
_exptl.crystals_number   1 
# 
_exptl_crystal.id                    1 
_exptl_crystal.density_meas          ? 
_exptl_crystal.density_Matthews      1.95 
_exptl_crystal.density_percent_sol   36.83 
_exptl_crystal.description           ? 
_exptl_crystal.F_000                 ? 
_exptl_crystal.preparation           ? 
# 
_exptl_crystal_grow.crystal_id      1 
_exptl_crystal_grow.method          'VAPOR DIFFUSION, HANGING DROP' 
_exptl_crystal_grow.temp            298 
_exptl_crystal_grow.temp_details    ? 
_exptl_crystal_grow.pH              6.2 
_exptl_crystal_grow.pdbx_details    
'SODIUM PHOSPHATE, SODIUM CITRATE, AMMONIUM SULPHATE, pH 6.2, VAPOR DIFFUSION, HANGING DROP, temperature 298K' 
_exptl_crystal_grow.pdbx_pH_range   . 
# 
_diffrn.id                     1 
_diffrn.ambient_temp           220 
_diffrn.ambient_temp_details   ? 
_diffrn.crystal_id             1 
# 
_diffrn_detector.diffrn_id              1 
_diffrn_detector.detector               'IMAGE PLATE' 
_diffrn_detector.type                   'RIGAKU RAXIS' 
_diffrn_detector.pdbx_collection_date   2002-07-12 
_diffrn_detector.details                ? 
# 
_diffrn_radiation.diffrn_id                        1 
_diffrn_radiation.wavelength_id                    1 
_diffrn_radiation.pdbx_monochromatic_or_laue_m_l   M 
_diffrn_radiation.monochromator                    'YALE MIRRORS' 
_diffrn_radiation.pdbx_diffrn_protocol             'SINGLE WAVELENGTH' 
_diffrn_radiation.pdbx_scattering_type             x-ray 
# 
_diffrn_radiation_wavelength.id           1 
_diffrn_radiation_wavelength.wavelength   1.5418 
_diffrn_radiation_wavelength.wt           1.0 
# 
_diffrn_source.diffrn_id                   1 
_diffrn_source.source                      'ROTATING ANODE' 
_diffrn_source.type                        RIGAKU 
_diffrn_source.pdbx_synchrotron_site       ? 
_diffrn_source.pdbx_synchrotron_beamline   ? 
_diffrn_source.pdbx_wavelength             ? 
_diffrn_source.pdbx_wavelength_list        1.5418 
# 
_reflns.entry_id                     1TSQ 
_reflns.observed_criterion_sigma_I   -3 
_reflns.observed_criterion_sigma_F   -3 
_reflns.d_resolution_low             37.99 
_reflns.d_resolution_high            2.0 
_reflns.number_obs                   12492 
_reflns.number_all                   12492 
_reflns.percent_possible_obs         99.7 
_reflns.pdbx_Rmerge_I_obs            0.075 
_reflns.pdbx_Rsym_value              ? 
_reflns.pdbx_netI_over_sigmaI        ? 
_reflns.B_iso_Wilson_estimate        17.4 
_reflns.pdbx_redundancy              ? 
_reflns.R_free_details               ? 
_reflns.limit_h_max                  ? 
_reflns.limit_h_min                  ? 
_reflns.limit_k_max                  ? 
_reflns.limit_k_min                  ? 
_reflns.limit_l_max                  ? 
_reflns.limit_l_min                  ? 
_reflns.observed_criterion_F_max     ? 
_reflns.observed_criterion_F_min     ? 
_reflns.pdbx_chi_squared             ? 
_reflns.pdbx_scaling_rejects         ? 
_reflns.pdbx_diffrn_id               1 
_reflns.pdbx_ordinal                 1 
# 
_refine.entry_id                                 1TSQ 
_refine.ls_number_reflns_obs                     12453 
_refine.ls_number_reflns_all                     ? 
_refine.pdbx_ls_sigma_I                          ? 
_refine.pdbx_ls_sigma_F                          -3 
_refine.pdbx_data_cutoff_high_absF               1209271.69 
_refine.pdbx_data_cutoff_low_absF                0.000000 
_refine.pdbx_data_cutoff_high_rms_absF           ? 
_refine.ls_d_res_low                             37.99 
_refine.ls_d_res_high                            2.00 
_refine.ls_percent_reflns_obs                    99.6 
_refine.ls_R_factor_obs                          0.195 
_refine.ls_R_factor_all                          ? 
_refine.ls_R_factor_R_work                       0.195 
_refine.ls_R_factor_R_free                       0.231 
_refine.ls_R_factor_R_free_error                 0.006 
_refine.ls_R_factor_R_free_error_details         ? 
_refine.ls_percent_reflns_R_free                 10.3 
_refine.ls_number_reflns_R_free                  1277 
_refine.ls_number_parameters                     ? 
_refine.ls_number_restraints                     ? 
_refine.occupancy_min                            ? 
_refine.occupancy_max                            ? 
_refine.correlation_coeff_Fo_to_Fc               ? 
_refine.correlation_coeff_Fo_to_Fc_free          ? 
_refine.B_iso_mean                               26.9 
_refine.aniso_B[1][1]                            -7.06 
_refine.aniso_B[2][2]                            2.28 
_refine.aniso_B[3][3]                            4.78 
_refine.aniso_B[1][2]                            0.00 
_refine.aniso_B[1][3]                            0.00 
_refine.aniso_B[2][3]                            0.00 
_refine.solvent_model_details                    'FLAT MODEL' 
_refine.solvent_model_param_ksol                 0.374042 
_refine.solvent_model_param_bsol                 79.3011 
_refine.pdbx_solvent_vdw_probe_radii             ? 
_refine.pdbx_solvent_ion_probe_radii             ? 
_refine.pdbx_solvent_shrinkage_radii             ? 
_refine.pdbx_ls_cross_valid_method               THROUGHOUT 
_refine.details                                  ? 
_refine.pdbx_starting_model                      1MTR 
_refine.pdbx_method_to_determine_struct          'MOLECULAR REPLACEMENT' 
_refine.pdbx_isotropic_thermal_model             RESTRAINED 
_refine.pdbx_stereochemistry_target_values       'MAXIMUM LIKELIHOOD' 
_refine.pdbx_stereochem_target_val_spec_case     ? 
_refine.pdbx_R_Free_selection_details            RANDOM 
_refine.pdbx_overall_ESU_R                       ? 
_refine.pdbx_overall_ESU_R_Free                  ? 
_refine.overall_SU_ML                            ? 
_refine.overall_SU_B                             ? 
_refine.ls_redundancy_reflns_obs                 ? 
_refine.B_iso_min                                ? 
_refine.B_iso_max                                ? 
_refine.overall_SU_R_Cruickshank_DPI             ? 
_refine.overall_SU_R_free                        ? 
_refine.ls_wR_factor_R_free                      ? 
_refine.ls_wR_factor_R_work                      ? 
_refine.overall_FOM_free_R_set                   ? 
_refine.overall_FOM_work_R_set                   ? 
_refine.pdbx_refine_id                           'X-RAY DIFFRACTION' 
_refine.pdbx_diffrn_id                           1 
_refine.pdbx_TLS_residual_ADP_flag               ? 
_refine.pdbx_overall_phase_error                 ? 
_refine.pdbx_overall_SU_R_free_Cruickshank_DPI   ? 
_refine.pdbx_overall_SU_R_Blow_DPI               ? 
_refine.pdbx_overall_SU_R_free_Blow_DPI          ? 
# 
_refine_analyze.entry_id                        1TSQ 
_refine_analyze.Luzzati_coordinate_error_obs    0.22 
_refine_analyze.Luzzati_sigma_a_obs             0.16 
_refine_analyze.Luzzati_d_res_low_obs           5.00 
_refine_analyze.Luzzati_coordinate_error_free   0.27 
_refine_analyze.Luzzati_sigma_a_free            0.22 
_refine_analyze.Luzzati_d_res_low_free          ? 
_refine_analyze.number_disordered_residues      ? 
_refine_analyze.occupancy_sum_hydrogen          ? 
_refine_analyze.occupancy_sum_non_hydrogen      ? 
_refine_analyze.pdbx_Luzzati_d_res_high_obs     ? 
_refine_analyze.pdbx_refine_id                  'X-RAY DIFFRACTION' 
# 
_refine_hist.pdbx_refine_id                   'X-RAY DIFFRACTION' 
_refine_hist.cycle_id                         LAST 
_refine_hist.pdbx_number_atoms_protein        1544 
_refine_hist.pdbx_number_atoms_nucleic_acid   0 
_refine_hist.pdbx_number_atoms_ligand         40 
_refine_hist.number_atoms_solvent             138 
_refine_hist.number_atoms_total               1722 
_refine_hist.d_res_high                       2.00 
_refine_hist.d_res_low                        37.99 
# 
loop_
_refine_ls_restr.type 
_refine_ls_restr.dev_ideal 
_refine_ls_restr.dev_ideal_target 
_refine_ls_restr.weight 
_refine_ls_restr.number 
_refine_ls_restr.pdbx_refine_id 
_refine_ls_restr.pdbx_restraint_function 
r_bond_refined_d         0.017 ? ? ? 'X-RAY DIFFRACTION' ? 
r_angle_refined_deg      1.3   ? ? ? 'X-RAY DIFFRACTION' ? 
r_dihedral_angle_1_deg   1.4   ? ? ? 'X-RAY DIFFRACTION' ? 
r_chiral_restr           0.101 ? ? ? 'X-RAY DIFFRACTION' ? 
r_gen_planes_refined     0.006 ? ? ? 'X-RAY DIFFRACTION' ? 
r_nbd_refined            0.237 ? ? ? 'X-RAY DIFFRACTION' ? 
r_xyhbond_nbd_refined    0.137 ? ? ? 'X-RAY DIFFRACTION' ? 
r_symmetry_vdw_refined   0.253 ? ? ? 'X-RAY DIFFRACTION' ? 
r_symmetry_hbond_refined 0.147 ? ? ? 'X-RAY DIFFRACTION' ? 
# 
_refine_ls_shell.pdbx_total_number_of_bins_used   6 
_refine_ls_shell.d_res_high                       2.00 
_refine_ls_shell.d_res_low                        2.13 
_refine_ls_shell.number_reflns_R_work             1840 
_refine_ls_shell.R_factor_R_work                  0.221 
_refine_ls_shell.percent_reflns_obs               99.0 
_refine_ls_shell.R_factor_R_free                  0.279 
_refine_ls_shell.R_factor_R_free_error            0.020 
_refine_ls_shell.percent_reflns_R_free            9.2 
_refine_ls_shell.number_reflns_R_free             186 
_refine_ls_shell.number_reflns_obs                ? 
_refine_ls_shell.redundancy_reflns_obs            ? 
_refine_ls_shell.number_reflns_all                ? 
_refine_ls_shell.pdbx_refine_id                   'X-RAY DIFFRACTION' 
_refine_ls_shell.R_factor_all                     ? 
# 
loop_
_pdbx_xplor_file.serial_no 
_pdbx_xplor_file.param_file 
_pdbx_xplor_file.topol_file 
_pdbx_xplor_file.pdbx_refine_id 
1 PROTEIN_REP.PARAM PROTEIN.TOP 'X-RAY DIFFRACTION' 
2 WATER_REP.PARAM   WATER.TOP   'X-RAY DIFFRACTION' 
3 ACE.PARAM         ACE.TOP     'X-RAY DIFFRACTION' 
# 
_struct.entry_id                  1TSQ 
_struct.title                     
'CRYSTAL STRUCTURE OF AP2V SUBSTRATE VARIANT OF NC-P1 DECAMER PEPTIDE IN COMPLEX WITH V82A/D25N HIV-1 PROTEASE MUTANT' 
_struct.pdbx_model_details        ? 
_struct.pdbx_CASP_flag            ? 
_struct.pdbx_model_type_details   ? 
# 
_struct_keywords.entry_id        1TSQ 
_struct_keywords.pdbx_keywords   'hydrolase/viral protein' 
_struct_keywords.text            
'CO-EVOLUTION, NUCLEOCAPDIS, SUBSTRATE RECOGNITION, HIV-1 PROTEASE, hydrolase-viral protein COMPLEX' 
# 
loop_
_struct_asym.id 
_struct_asym.pdbx_blank_PDB_chainid_flag 
_struct_asym.pdbx_modified 
_struct_asym.entity_id 
_struct_asym.details 
A N N 1 ? 
B N N 1 ? 
C N N 2 ? 
D N N 3 ? 
E N N 3 ? 
F N N 3 ? 
G N N 3 ? 
H N N 3 ? 
I N N 3 ? 
J N N 3 ? 
K N N 3 ? 
L N N 3 ? 
M N N 3 ? 
N N N 4 ? 
O N N 4 ? 
P N N 4 ? 
# 
loop_
_struct_biol.id 
_struct_biol.details 
_struct_biol.pdbx_parent_biol_id 
1 'V82A HIV-1 PROTEASE DIMER IS PRESENT IN EACH ASYMMETRIC UNIT'              ? 
2 'DECAMER PEPTIDE REPRESENTING AP2V NC-P1 SUBSTRATE BOUND TO HIV-1 PROTEASE' ? 
# 
loop_
_struct_conf.conf_type_id 
_struct_conf.id 
_struct_conf.pdbx_PDB_helix_id 
_struct_conf.beg_label_comp_id 
_struct_conf.beg_label_asym_id 
_struct_conf.beg_label_seq_id 
_struct_conf.pdbx_beg_PDB_ins_code 
_struct_conf.end_label_comp_id 
_struct_conf.end_label_asym_id 
_struct_conf.end_label_seq_id 
_struct_conf.pdbx_end_PDB_ins_code 
_struct_conf.beg_auth_comp_id 
_struct_conf.beg_auth_asym_id 
_struct_conf.beg_auth_seq_id 
_struct_conf.end_auth_comp_id 
_struct_conf.end_auth_asym_id 
_struct_conf.end_auth_seq_id 
_struct_conf.pdbx_PDB_helix_class 
_struct_conf.details 
_struct_conf.pdbx_PDB_helix_length 
HELX_P HELX_P1 1 GLY A 86 ? THR A 91 ? GLY A 86 THR A 91 1 ? 6 
HELX_P HELX_P2 2 GLY B 86 ? THR B 91 ? GLY B 86 THR B 91 1 ? 6 
# 
_struct_conf_type.id          HELX_P 
_struct_conf_type.criteria    ? 
_struct_conf_type.reference   ? 
# 
loop_
_struct_sheet.id 
_struct_sheet.type 
_struct_sheet.number_strands 
_struct_sheet.details 
A ? 4 ? 
B ? 8 ? 
C ? 8 ? 
# 
loop_
_struct_sheet_order.sheet_id 
_struct_sheet_order.range_id_1 
_struct_sheet_order.range_id_2 
_struct_sheet_order.offset 
_struct_sheet_order.sense 
A 1 2 ? anti-parallel 
A 2 3 ? anti-parallel 
A 3 4 ? anti-parallel 
B 1 2 ? anti-parallel 
B 2 3 ? anti-parallel 
B 3 4 ? parallel      
B 4 5 ? anti-parallel 
B 5 6 ? parallel      
B 6 7 ? anti-parallel 
B 7 8 ? anti-parallel 
C 1 2 ? anti-parallel 
C 2 3 ? anti-parallel 
C 3 4 ? parallel      
C 4 5 ? anti-parallel 
C 5 6 ? parallel      
C 6 7 ? anti-parallel 
C 7 8 ? anti-parallel 
# 
loop_
_struct_sheet_range.sheet_id 
_struct_sheet_range.id 
_struct_sheet_range.beg_label_comp_id 
_struct_sheet_range.beg_label_asym_id 
_struct_sheet_range.beg_label_seq_id 
_struct_sheet_range.pdbx_beg_PDB_ins_code 
_struct_sheet_range.end_label_comp_id 
_struct_sheet_range.end_label_asym_id 
_struct_sheet_range.end_label_seq_id 
_struct_sheet_range.pdbx_end_PDB_ins_code 
_struct_sheet_range.beg_auth_comp_id 
_struct_sheet_range.beg_auth_asym_id 
_struct_sheet_range.beg_auth_seq_id 
_struct_sheet_range.end_auth_comp_id 
_struct_sheet_range.end_auth_asym_id 
_struct_sheet_range.end_auth_seq_id 
A 1 GLN A 2  ? THR A 4  ? GLN A 2  THR A 4  
A 2 THR B 96 ? ASN B 98 ? THR B 96 ASN B 98 
A 3 THR A 96 ? ASN A 98 ? THR A 96 ASN A 98 
A 4 GLN B 2  ? ILE B 3  ? GLN B 2  ILE B 3  
B 1 LYS A 43 ? GLY A 49 ? LYS A 43 GLY A 49 
B 2 GLY A 52 ? ILE A 66 ? GLY A 52 ILE A 66 
B 3 HIS A 69 ? GLY A 78 ? HIS A 69 GLY A 78 
B 4 VAL A 32 ? GLU A 34 ? VAL A 32 GLU A 34 
B 5 ILE A 84 ? ILE A 85 ? ILE A 84 ILE A 85 
B 6 GLN A 18 ? LEU A 24 ? GLN A 18 LEU A 24 
B 7 LEU A 10 ? ILE A 15 ? LEU A 10 ILE A 15 
B 8 GLY A 52 ? ILE A 66 ? GLY A 52 ILE A 66 
C 1 LYS B 43 ? GLY B 49 ? LYS B 43 GLY B 49 
C 2 GLY B 52 ? ILE B 66 ? GLY B 52 ILE B 66 
C 3 HIS B 69 ? VAL B 77 ? HIS B 69 VAL B 77 
C 4 VAL B 32 ? LEU B 33 ? VAL B 32 LEU B 33 
C 5 ILE B 84 ? ILE B 85 ? ILE B 84 ILE B 85 
C 6 GLN B 18 ? LEU B 24 ? GLN B 18 LEU B 24 
C 7 LEU B 10 ? ILE B 15 ? LEU B 10 ILE B 15 
C 8 GLY B 52 ? ILE B 66 ? GLY B 52 ILE B 66 
# 
loop_
_pdbx_struct_sheet_hbond.sheet_id 
_pdbx_struct_sheet_hbond.range_id_1 
_pdbx_struct_sheet_hbond.range_id_2 
_pdbx_struct_sheet_hbond.range_1_label_atom_id 
_pdbx_struct_sheet_hbond.range_1_label_comp_id 
_pdbx_struct_sheet_hbond.range_1_label_asym_id 
_pdbx_struct_sheet_hbond.range_1_label_seq_id 
_pdbx_struct_sheet_hbond.range_1_PDB_ins_code 
_pdbx_struct_sheet_hbond.range_1_auth_atom_id 
_pdbx_struct_sheet_hbond.range_1_auth_comp_id 
_pdbx_struct_sheet_hbond.range_1_auth_asym_id 
_pdbx_struct_sheet_hbond.range_1_auth_seq_id 
_pdbx_struct_sheet_hbond.range_2_label_atom_id 
_pdbx_struct_sheet_hbond.range_2_label_comp_id 
_pdbx_struct_sheet_hbond.range_2_label_asym_id 
_pdbx_struct_sheet_hbond.range_2_label_seq_id 
_pdbx_struct_sheet_hbond.range_2_PDB_ins_code 
_pdbx_struct_sheet_hbond.range_2_auth_atom_id 
_pdbx_struct_sheet_hbond.range_2_auth_comp_id 
_pdbx_struct_sheet_hbond.range_2_auth_asym_id 
_pdbx_struct_sheet_hbond.range_2_auth_seq_id 
A 1 2 N ILE A 3  ? N ILE A 3  O LEU B 97 ? O LEU B 97 
A 2 3 O THR B 96 ? O THR B 96 N ASN A 98 ? N ASN A 98 
A 3 4 N LEU A 97 ? N LEU A 97 O ILE B 3  ? O ILE B 3  
B 1 2 N LYS A 43 ? N LYS A 43 O GLN A 58 ? O GLN A 58 
B 2 3 N ILE A 66 ? N ILE A 66 O HIS A 69 ? O HIS A 69 
B 3 4 O LEU A 76 ? O LEU A 76 N LEU A 33 ? N LEU A 33 
B 4 5 N VAL A 32 ? N VAL A 32 O ILE A 84 ? O ILE A 84 
B 5 6 O ILE A 85 ? O ILE A 85 N LEU A 23 ? N LEU A 23 
B 6 7 O LYS A 20 ? O LYS A 20 N ILE A 13 ? N ILE A 13 
B 7 8 N ARG A 14 ? N ARG A 14 O GLU A 65 ? O GLU A 65 
C 1 2 N LYS B 45 ? N LYS B 45 O VAL B 56 ? O VAL B 56 
C 2 3 N ILE B 66 ? N ILE B 66 O HIS B 69 ? O HIS B 69 
C 3 4 O LEU B 76 ? O LEU B 76 N LEU B 33 ? N LEU B 33 
C 4 5 N VAL B 32 ? N VAL B 32 O ILE B 84 ? O ILE B 84 
C 5 6 O ILE B 85 ? O ILE B 85 N LEU B 23 ? N LEU B 23 
C 6 7 O LYS B 20 ? O LYS B 20 N ILE B 13 ? N ILE B 13 
C 7 8 N ARG B 14 ? N ARG B 14 O GLU B 65 ? O GLU B 65 
# 
loop_
_struct_site.id 
_struct_site.pdbx_evidence_code 
_struct_site.pdbx_auth_asym_id 
_struct_site.pdbx_auth_comp_id 
_struct_site.pdbx_auth_seq_id 
_struct_site.pdbx_auth_ins_code 
_struct_site.pdbx_num_residues 
_struct_site.details 
AC1 Software B ACT 501 ? 5 'BINDING SITE FOR RESIDUE ACT B 501' 
AC2 Software B ACT 502 ? 4 'BINDING SITE FOR RESIDUE ACT B 502' 
AC3 Software A ACT 503 ? 3 'BINDING SITE FOR RESIDUE ACT A 503' 
AC4 Software A ACT 504 ? 4 'BINDING SITE FOR RESIDUE ACT A 504' 
AC5 Software B ACT 505 ? 3 'BINDING SITE FOR RESIDUE ACT B 505' 
AC6 Software A ACT 506 ? 1 'BINDING SITE FOR RESIDUE ACT A 506' 
AC7 Software A ACT 507 ? 4 'BINDING SITE FOR RESIDUE ACT A 507' 
AC8 Software B ACT 508 ? 7 'BINDING SITE FOR RESIDUE ACT B 508' 
AC9 Software B ACT 509 ? 5 'BINDING SITE FOR RESIDUE ACT B 509' 
BC1 Software B ACT 510 ? 6 'BINDING SITE FOR RESIDUE ACT B 510' 
# 
loop_
_struct_site_gen.id 
_struct_site_gen.site_id 
_struct_site_gen.pdbx_num_res 
_struct_site_gen.label_comp_id 
_struct_site_gen.label_asym_id 
_struct_site_gen.label_seq_id 
_struct_site_gen.pdbx_auth_ins_code 
_struct_site_gen.auth_comp_id 
_struct_site_gen.auth_asym_id 
_struct_site_gen.auth_seq_id 
_struct_site_gen.label_atom_id 
_struct_site_gen.label_alt_id 
_struct_site_gen.symmetry 
_struct_site_gen.details 
1  AC1 5 PRO A 1  ? PRO A 1   . ? 4_456 ? 
2  AC1 5 HOH N .  ? HOH A 527 . ? 3_555 ? 
3  AC1 5 HOH N .  ? HOH A 554 . ? 3_555 ? 
4  AC1 5 HIS B 69 ? HIS B 69  . ? 1_555 ? 
5  AC1 5 LYS B 70 ? LYS B 70  . ? 1_555 ? 
6  AC2 4 PRO B 1  ? PRO B 1   . ? 1_555 ? 
7  AC2 4 ARG B 57 ? ARG B 57  . ? 2_455 ? 
8  AC2 4 HIS B 69 ? HIS B 69  . ? 1_555 ? 
9  AC2 4 HOH O .  ? HOH B 561 . ? 1_555 ? 
10 AC3 3 GLN A 2  ? GLN A 2   . ? 4_556 ? 
11 AC3 3 ARG A 14 ? ARG A 14  . ? 1_555 ? 
12 AC3 3 LYS B 55 ? LYS B 55  . ? 2_555 ? 
13 AC4 4 LYS A 20 ? LYS A 20  . ? 1_555 ? 
14 AC4 4 GLU A 21 ? GLU A 21  . ? 1_555 ? 
15 AC4 4 ASN A 83 ? ASN A 83  . ? 1_555 ? 
16 AC4 4 HOH N .  ? HOH A 559 . ? 1_555 ? 
17 AC5 3 TRP B 42 ? TRP B 42  . ? 1_555 ? 
18 AC5 3 ARG B 57 ? ARG B 57  . ? 1_555 ? 
19 AC5 3 GLU B 65 ? GLU B 65  . ? 2_454 ? 
20 AC6 1 ARG A 8  ? ARG A 8   . ? 1_555 ? 
21 AC7 4 MET A 36 ? MET A 36  . ? 1_555 ? 
22 AC7 4 ASN A 37 ? ASN A 37  . ? 1_555 ? 
23 AC7 4 PRO B 39 ? PRO B 39  . ? 1_655 ? 
24 AC7 4 GLY B 40 ? GLY B 40  . ? 1_655 ? 
25 AC8 7 ARG A 14 ? ARG A 14  . ? 1_455 ? 
26 AC8 7 GLY A 16 ? GLY A 16  . ? 1_455 ? 
27 AC8 7 GLY A 17 ? GLY A 17  . ? 1_455 ? 
28 AC8 7 HOH N .  ? HOH A 542 . ? 1_455 ? 
29 AC8 7 HOH N .  ? HOH A 548 . ? 1_455 ? 
30 AC8 7 ARG B 14 ? ARG B 14  . ? 1_555 ? 
31 AC8 7 HOH O .  ? HOH B 549 . ? 1_555 ? 
32 AC9 5 LYS B 20 ? LYS B 20  . ? 1_555 ? 
33 AC9 5 GLU B 21 ? GLU B 21  . ? 1_555 ? 
34 AC9 5 ASN B 83 ? ASN B 83  . ? 1_555 ? 
35 AC9 5 HOH O .  ? HOH B 555 . ? 1_555 ? 
36 AC9 5 HOH O .  ? HOH B 567 . ? 1_555 ? 
37 BC1 6 PRO A 39 ? PRO A 39  . ? 1_455 ? 
38 BC1 6 GLY A 40 ? GLY A 40  . ? 1_455 ? 
39 BC1 6 MET B 36 ? MET B 36  . ? 1_555 ? 
40 BC1 6 ASN B 37 ? ASN B 37  . ? 1_555 ? 
41 BC1 6 HOH O .  ? HOH B 518 . ? 1_555 ? 
42 BC1 6 HOH O .  ? HOH B 544 . ? 1_555 ? 
# 
_atom_sites.entry_id                    1TSQ 
_atom_sites.fract_transf_matrix[1][1]   0.00933275 
_atom_sites.fract_transf_matrix[1][2]   -0.01237997 
_atom_sites.fract_transf_matrix[1][3]   -0.01214778 
_atom_sites.fract_transf_matrix[2][1]   -0.01525712 
_atom_sites.fract_transf_matrix[2][2]   -0.00431735 
_atom_sites.fract_transf_matrix[2][3]   -0.00732169 
_atom_sites.fract_transf_matrix[3][1]   0.00182281 
_atom_sites.fract_transf_matrix[3][2]   0.01210577 
_atom_sites.fract_transf_matrix[3][3]   -0.01093676 
_atom_sites.fract_transf_vector[1]      0.096967 
_atom_sites.fract_transf_vector[2]      0.019308 
_atom_sites.fract_transf_vector[3]      0.292532 
# 
loop_
_atom_type.symbol 
C 
N 
O 
S 
# 
loop_
_atom_site.group_PDB 
_atom_site.id 
_atom_site.type_symbol 
_atom_site.label_atom_id 
_atom_site.label_alt_id 
_atom_site.label_comp_id 
_atom_site.label_asym_id 
_atom_site.label_entity_id 
_atom_site.label_seq_id 
_atom_site.pdbx_PDB_ins_code 
_atom_site.Cartn_x 
_atom_site.Cartn_y 
_atom_site.Cartn_z 
_atom_site.occupancy 
_atom_site.B_iso_or_equiv 
_atom_site.pdbx_formal_charge 
_atom_site.auth_seq_id 
_atom_site.auth_comp_id 
_atom_site.auth_asym_id 
_atom_site.auth_atom_id 
_atom_site.pdbx_PDB_model_num 
ATOM   1    N N   . PRO A 1 1  ? -6.314  1.135   -18.257 1.00 30.20 ? 1   PRO A N   1 
ATOM   2    C CA  . PRO A 1 1  ? -7.553  0.746   -17.552 1.00 29.00 ? 1   PRO A CA  1 
ATOM   3    C C   . PRO A 1 1  ? -7.723  1.526   -16.252 1.00 27.49 ? 1   PRO A C   1 
ATOM   4    O O   . PRO A 1 1  ? -6.766  2.104   -15.731 1.00 26.77 ? 1   PRO A O   1 
ATOM   5    C CB  . PRO A 1 1  ? -7.446  -0.750  -17.283 1.00 29.75 ? 1   PRO A CB  1 
ATOM   6    C CG  . PRO A 1 1  ? -5.938  -0.942  -17.246 1.00 30.55 ? 1   PRO A CG  1 
ATOM   7    C CD  . PRO A 1 1  ? -5.416  -0.028  -18.360 1.00 31.07 ? 1   PRO A CD  1 
ATOM   8    N N   . GLN A 1 2  ? -8.950  1.558   -15.742 1.00 27.44 ? 2   GLN A N   1 
ATOM   9    C CA  . GLN A 1 2  ? -9.237  2.250   -14.492 1.00 27.02 ? 2   GLN A CA  1 
ATOM   10   C C   . GLN A 1 2  ? -9.620  1.223   -13.444 1.00 25.59 ? 2   GLN A C   1 
ATOM   11   O O   . GLN A 1 2  ? -10.569 0.464   -13.628 1.00 27.00 ? 2   GLN A O   1 
ATOM   12   C CB  . GLN A 1 2  ? -10.365 3.272   -14.676 1.00 27.61 ? 2   GLN A CB  1 
ATOM   13   C CG  . GLN A 1 2  ? -10.919 3.835   -13.367 1.00 30.76 ? 2   GLN A CG  1 
ATOM   14   C CD  . GLN A 1 2  ? -11.458 5.251   -13.510 1.00 32.16 ? 2   GLN A CD  1 
ATOM   15   O OE1 . GLN A 1 2  ? -12.238 5.711   -12.683 1.00 34.28 ? 2   GLN A OE1 1 
ATOM   16   N NE2 . GLN A 1 2  ? -11.028 5.952   -14.554 1.00 35.32 ? 2   GLN A NE2 1 
ATOM   17   N N   . ILE A 1 3  ? -8.869  1.203   -12.346 1.00 25.42 ? 3   ILE A N   1 
ATOM   18   C CA  . ILE A 1 3  ? -9.109  0.253   -11.259 1.00 24.80 ? 3   ILE A CA  1 
ATOM   19   C C   . ILE A 1 3  ? -9.750  0.934   -10.056 1.00 23.41 ? 3   ILE A C   1 
ATOM   20   O O   . ILE A 1 3  ? -9.169  1.852   -9.484  1.00 21.11 ? 3   ILE A O   1 
ATOM   21   C CB  . ILE A 1 3  ? -7.785  -0.389  -10.767 1.00 25.48 ? 3   ILE A CB  1 
ATOM   22   C CG1 . ILE A 1 3  ? -6.915  -0.806  -11.957 1.00 26.76 ? 3   ILE A CG1 1 
ATOM   23   C CG2 . ILE A 1 3  ? -8.084  -1.578  -9.878  1.00 22.58 ? 3   ILE A CG2 1 
ATOM   24   C CD1 . ILE A 1 3  ? -7.558  -1.801  -12.881 1.00 31.12 ? 3   ILE A CD1 1 
ATOM   25   N N   . THR A 1 4  ? -10.941 0.487   -9.667  1.00 24.08 ? 4   THR A N   1 
ATOM   26   C CA  . THR A 1 4  ? -11.609 1.069   -8.506  1.00 23.91 ? 4   THR A CA  1 
ATOM   27   C C   . THR A 1 4  ? -11.027 0.404   -7.258  1.00 23.32 ? 4   THR A C   1 
ATOM   28   O O   . THR A 1 4  ? -10.342 -0.613  -7.356  1.00 22.54 ? 4   THR A O   1 
ATOM   29   C CB  . THR A 1 4  ? -13.137 0.845   -8.545  1.00 25.41 ? 4   THR A CB  1 
ATOM   30   O OG1 . THR A 1 4  ? -13.416 -0.555  -8.667  1.00 25.59 ? 4   THR A OG1 1 
ATOM   31   C CG2 . THR A 1 4  ? -13.759 1.612   -9.715  1.00 26.05 ? 4   THR A CG2 1 
ATOM   32   N N   . LEU A 1 5  ? -11.298 0.959   -6.085  1.00 20.14 ? 5   LEU A N   1 
ATOM   33   C CA  . LEU A 1 5  ? -10.730 0.379   -4.876  1.00 20.52 ? 5   LEU A CA  1 
ATOM   34   C C   . LEU A 1 5  ? -11.715 -0.317  -3.941  1.00 19.08 ? 5   LEU A C   1 
ATOM   35   O O   . LEU A 1 5  ? -11.459 -0.450  -2.746  1.00 18.33 ? 5   LEU A O   1 
ATOM   36   C CB  . LEU A 1 5  ? -9.927  1.450   -4.135  1.00 17.61 ? 5   LEU A CB  1 
ATOM   37   C CG  . LEU A 1 5  ? -8.763  2.003   -4.971  1.00 19.78 ? 5   LEU A CG  1 
ATOM   38   C CD1 . LEU A 1 5  ? -8.184  3.257   -4.319  1.00 16.78 ? 5   LEU A CD1 1 
ATOM   39   C CD2 . LEU A 1 5  ? -7.690  0.927   -5.132  1.00 18.30 ? 5   LEU A CD2 1 
ATOM   40   N N   . TRP A 1 6  ? -12.838 -0.771  -4.494  1.00 19.06 ? 6   TRP A N   1 
ATOM   41   C CA  . TRP A 1 6  ? -13.842 -1.489  -3.712  1.00 21.04 ? 6   TRP A CA  1 
ATOM   42   C C   . TRP A 1 6  ? -13.207 -2.779  -3.202  1.00 19.52 ? 6   TRP A C   1 
ATOM   43   O O   . TRP A 1 6  ? -13.459 -3.219  -2.079  1.00 20.32 ? 6   TRP A O   1 
ATOM   44   C CB  . TRP A 1 6  ? -15.056 -1.837  -4.587  1.00 21.28 ? 6   TRP A CB  1 
ATOM   45   C CG  . TRP A 1 6  ? -15.877 -0.649  -4.999  1.00 24.32 ? 6   TRP A CG  1 
ATOM   46   C CD1 . TRP A 1 6  ? -16.042 -0.162  -6.265  1.00 26.06 ? 6   TRP A CD1 1 
ATOM   47   C CD2 . TRP A 1 6  ? -16.683 0.175   -4.145  1.00 25.00 ? 6   TRP A CD2 1 
ATOM   48   N NE1 . TRP A 1 6  ? -16.907 0.909   -6.254  1.00 26.03 ? 6   TRP A NE1 1 
ATOM   49   C CE2 . TRP A 1 6  ? -17.314 1.136   -4.965  1.00 25.31 ? 6   TRP A CE2 1 
ATOM   50   C CE3 . TRP A 1 6  ? -16.936 0.193   -2.766  1.00 25.37 ? 6   TRP A CE3 1 
ATOM   51   C CZ2 . TRP A 1 6  ? -18.188 2.101   -4.454  1.00 25.43 ? 6   TRP A CZ2 1 
ATOM   52   C CZ3 . TRP A 1 6  ? -17.809 1.155   -2.257  1.00 26.21 ? 6   TRP A CZ3 1 
ATOM   53   C CH2 . TRP A 1 6  ? -18.421 2.095   -3.103  1.00 25.49 ? 6   TRP A CH2 1 
ATOM   54   N N   . LYS A 1 7  ? -12.386 -3.384  -4.052  1.00 19.34 ? 7   LYS A N   1 
ATOM   55   C CA  . LYS A 1 7  ? -11.685 -4.620  -3.728  1.00 19.15 ? 7   LYS A CA  1 
ATOM   56   C C   . LYS A 1 7  ? -10.187 -4.361  -3.899  1.00 19.95 ? 7   LYS A C   1 
ATOM   57   O O   . LYS A 1 7  ? -9.786  -3.320  -4.427  1.00 17.65 ? 7   LYS A O   1 
ATOM   58   C CB  . LYS A 1 7  ? -12.139 -5.741  -4.680  1.00 21.44 ? 7   LYS A CB  1 
ATOM   59   C CG  . LYS A 1 7  ? -11.967 -5.408  -6.172  1.00 27.75 ? 7   LYS A CG  1 
ATOM   60   C CD  . LYS A 1 7  ? -12.631 -6.428  -7.107  1.00 27.40 ? 7   LYS A CD  1 
ATOM   61   C CE  . LYS A 1 7  ? -11.958 -7.792  -7.038  1.00 30.40 ? 7   LYS A CE  1 
ATOM   62   N NZ  . LYS A 1 7  ? -12.532 -8.757  -8.013  1.00 33.97 ? 7   LYS A NZ  1 
ATOM   63   N N   . ARG A 1 8  ? -9.359  -5.294  -3.444  1.00 20.35 ? 8   ARG A N   1 
ATOM   64   C CA  . ARG A 1 8  ? -7.918  -5.135  -3.591  1.00 21.19 ? 8   ARG A CA  1 
ATOM   65   C C   . ARG A 1 8  ? -7.606  -5.016  -5.078  1.00 19.62 ? 8   ARG A C   1 
ATOM   66   O O   . ARG A 1 8  ? -8.120  -5.786  -5.880  1.00 21.16 ? 8   ARG A O   1 
ATOM   67   C CB  . ARG A 1 8  ? -7.186  -6.343  -2.996  1.00 21.04 ? 8   ARG A CB  1 
ATOM   68   C CG  . ARG A 1 8  ? -7.194  -6.340  -1.481  1.00 22.83 ? 8   ARG A CG  1 
ATOM   69   C CD  . ARG A 1 8  ? -6.428  -7.508  -0.884  1.00 26.22 ? 8   ARG A CD  1 
ATOM   70   N NE  . ARG A 1 8  ? -6.664  -7.574  0.553   1.00 27.92 ? 8   ARG A NE  1 
ATOM   71   C CZ  . ARG A 1 8  ? -6.154  -8.491  1.363   1.00 30.20 ? 8   ARG A CZ  1 
ATOM   72   N NH1 . ARG A 1 8  ? -5.357  -9.439  0.886   1.00 31.77 ? 8   ARG A NH1 1 
ATOM   73   N NH2 . ARG A 1 8  ? -6.453  -8.465  2.653   1.00 28.83 ? 8   ARG A NH2 1 
ATOM   74   N N   . PRO A 1 9  ? -6.785  -4.030  -5.465  1.00 18.84 ? 9   PRO A N   1 
ATOM   75   C CA  . PRO A 1 9  ? -6.431  -3.843  -6.876  1.00 18.90 ? 9   PRO A CA  1 
ATOM   76   C C   . PRO A 1 9  ? -5.415  -4.883  -7.339  1.00 20.02 ? 9   PRO A C   1 
ATOM   77   O O   . PRO A 1 9  ? -4.217  -4.608  -7.425  1.00 18.86 ? 9   PRO A O   1 
ATOM   78   C CB  . PRO A 1 9  ? -5.870  -2.424  -6.897  1.00 18.63 ? 9   PRO A CB  1 
ATOM   79   C CG  . PRO A 1 9  ? -5.181  -2.346  -5.562  1.00 18.51 ? 9   PRO A CG  1 
ATOM   80   C CD  . PRO A 1 9  ? -6.183  -2.976  -4.628  1.00 19.01 ? 9   PRO A CD  1 
ATOM   81   N N   . LEU A 1 10 ? -5.900  -6.089  -7.611  1.00 20.13 ? 10  LEU A N   1 
ATOM   82   C CA  . LEU A 1 10 ? -5.039  -7.163  -8.074  1.00 22.45 ? 10  LEU A CA  1 
ATOM   83   C C   . LEU A 1 10 ? -5.113  -7.226  -9.592  1.00 23.45 ? 10  LEU A C   1 
ATOM   84   O O   . LEU A 1 10 ? -6.189  -7.087  -10.171 1.00 24.80 ? 10  LEU A O   1 
ATOM   85   C CB  . LEU A 1 10 ? -5.491  -8.502  -7.487  1.00 24.18 ? 10  LEU A CB  1 
ATOM   86   C CG  . LEU A 1 10 ? -5.533  -8.630  -5.965  1.00 23.25 ? 10  LEU A CG  1 
ATOM   87   C CD1 . LEU A 1 10 ? -6.214  -9.938  -5.592  1.00 28.06 ? 10  LEU A CD1 1 
ATOM   88   C CD2 . LEU A 1 10 ? -4.122  -8.572  -5.395  1.00 23.35 ? 10  LEU A CD2 1 
ATOM   89   N N   . VAL A 1 11 ? -3.964  -7.411  -10.233 1.00 23.05 ? 11  VAL A N   1 
ATOM   90   C CA  . VAL A 1 11 ? -3.906  -7.515  -11.689 1.00 22.78 ? 11  VAL A CA  1 
ATOM   91   C C   . VAL A 1 11 ? -2.954  -8.634  -12.052 1.00 22.93 ? 11  VAL A C   1 
ATOM   92   O O   . VAL A 1 11 ? -2.166  -9.086  -11.220 1.00 24.75 ? 11  VAL A O   1 
ATOM   93   C CB  . VAL A 1 11 ? -3.369  -6.229  -12.362 1.00 20.60 ? 11  VAL A CB  1 
ATOM   94   C CG1 . VAL A 1 11 ? -4.295  -5.055  -12.085 1.00 20.61 ? 11  VAL A CG1 1 
ATOM   95   C CG2 . VAL A 1 11 ? -1.953  -5.943  -11.873 1.00 21.47 ? 11  VAL A CG2 1 
ATOM   96   N N   . THR A 1 12 ? -3.019  -9.081  -13.299 1.00 25.09 ? 12  THR A N   1 
ATOM   97   C CA  . THR A 1 12 ? -2.126  -10.134 -13.749 1.00 26.53 ? 12  THR A CA  1 
ATOM   98   C C   . THR A 1 12 ? -0.823  -9.512  -14.236 1.00 26.57 ? 12  THR A C   1 
ATOM   99   O O   . THR A 1 12 ? -0.822  -8.489  -14.927 1.00 29.13 ? 12  THR A O   1 
ATOM   100  C CB  . THR A 1 12 ? -2.737  -10.951 -14.901 1.00 26.61 ? 12  THR A CB  1 
ATOM   101  O OG1 . THR A 1 12 ? -4.027  -11.441 -14.517 1.00 27.98 ? 12  THR A OG1 1 
ATOM   102  C CG2 . THR A 1 12 ? -1.833  -12.132 -15.231 1.00 28.73 ? 12  THR A CG2 1 
ATOM   103  N N   . ILE A 1 13 ? 0.290   -10.126 -13.862 1.00 25.81 ? 13  ILE A N   1 
ATOM   104  C CA  . ILE A 1 13 ? 1.593   -9.636  -14.283 1.00 26.11 ? 13  ILE A CA  1 
ATOM   105  C C   . ILE A 1 13 ? 2.406   -10.797 -14.826 1.00 26.99 ? 13  ILE A C   1 
ATOM   106  O O   . ILE A 1 13 ? 2.176   -11.957 -14.467 1.00 24.90 ? 13  ILE A O   1 
ATOM   107  C CB  . ILE A 1 13 ? 2.383   -8.995  -13.114 1.00 27.84 ? 13  ILE A CB  1 
ATOM   108  C CG1 . ILE A 1 13 ? 2.591   -10.025 -12.003 1.00 28.21 ? 13  ILE A CG1 1 
ATOM   109  C CG2 . ILE A 1 13 ? 1.645   -7.769  -12.587 1.00 27.94 ? 13  ILE A CG2 1 
ATOM   110  C CD1 . ILE A 1 13 ? 3.503   -9.547  -10.899 1.00 28.58 ? 13  ILE A CD1 1 
ATOM   111  N N   . ARG A 1 14 ? 3.350   -10.484 -15.702 1.00 25.72 ? 14  ARG A N   1 
ATOM   112  C CA  . ARG A 1 14 ? 4.205   -11.512 -16.270 1.00 27.35 ? 14  ARG A CA  1 
ATOM   113  C C   . ARG A 1 14 ? 5.630   -11.208 -15.823 1.00 26.42 ? 14  ARG A C   1 
ATOM   114  O O   . ARG A 1 14 ? 6.127   -10.098 -16.020 1.00 23.56 ? 14  ARG A O   1 
ATOM   115  C CB  . ARG A 1 14 ? 4.118   -11.494 -17.799 1.00 31.44 ? 14  ARG A CB  1 
ATOM   116  C CG  . ARG A 1 14 ? 4.877   -12.627 -18.476 1.00 35.36 ? 14  ARG A CG  1 
ATOM   117  C CD  . ARG A 1 14 ? 5.142   -12.324 -19.943 1.00 39.66 ? 14  ARG A CD  1 
ATOM   118  N NE  . ARG A 1 14 ? 6.158   -13.222 -20.493 1.00 45.12 ? 14  ARG A NE  1 
ATOM   119  C CZ  . ARG A 1 14 ? 6.858   -12.981 -21.600 1.00 48.05 ? 14  ARG A CZ  1 
ATOM   120  N NH1 . ARG A 1 14 ? 6.660   -11.862 -22.287 1.00 48.00 ? 14  ARG A NH1 1 
ATOM   121  N NH2 . ARG A 1 14 ? 7.769   -13.855 -22.015 1.00 47.22 ? 14  ARG A NH2 1 
ATOM   122  N N   . ILE A 1 15 ? 6.275   -12.188 -15.200 1.00 28.34 ? 15  ILE A N   1 
ATOM   123  C CA  . ILE A 1 15 ? 7.647   -12.024 -14.739 1.00 31.74 ? 15  ILE A CA  1 
ATOM   124  C C   . ILE A 1 15 ? 8.399   -13.346 -14.739 1.00 34.23 ? 15  ILE A C   1 
ATOM   125  O O   . ILE A 1 15 ? 7.855   -14.385 -14.356 1.00 34.48 ? 15  ILE A O   1 
ATOM   126  C CB  . ILE A 1 15 ? 7.711   -11.446 -13.317 1.00 30.94 ? 15  ILE A CB  1 
ATOM   127  C CG1 . ILE A 1 15 ? 9.174   -11.404 -12.857 1.00 31.99 ? 15  ILE A CG1 1 
ATOM   128  C CG2 . ILE A 1 15 ? 6.852   -12.285 -12.374 1.00 30.56 ? 15  ILE A CG2 1 
ATOM   129  C CD1 . ILE A 1 15 ? 9.387   -10.841 -11.484 1.00 35.28 ? 15  ILE A CD1 1 
ATOM   130  N N   . GLY A 1 16 ? 9.658   -13.294 -15.165 1.00 36.58 ? 16  GLY A N   1 
ATOM   131  C CA  . GLY A 1 16 ? 10.479  -14.489 -15.210 1.00 39.93 ? 16  GLY A CA  1 
ATOM   132  C C   . GLY A 1 16 ? 9.786   -15.624 -15.934 1.00 42.08 ? 16  GLY A C   1 
ATOM   133  O O   . GLY A 1 16 ? 10.036  -16.799 -15.648 1.00 43.74 ? 16  GLY A O   1 
ATOM   134  N N   . GLY A 1 17 ? 8.907   -15.270 -16.868 1.00 42.79 ? 17  GLY A N   1 
ATOM   135  C CA  . GLY A 1 17 ? 8.176   -16.270 -17.628 1.00 44.11 ? 17  GLY A CA  1 
ATOM   136  C C   . GLY A 1 17 ? 6.804   -16.586 -17.055 1.00 44.90 ? 17  GLY A C   1 
ATOM   137  O O   . GLY A 1 17 ? 5.840   -16.771 -17.798 1.00 46.02 ? 17  GLY A O   1 
ATOM   138  N N   . GLN A 1 18 ? 6.714   -16.633 -15.730 1.00 44.40 ? 18  GLN A N   1 
ATOM   139  C CA  . GLN A 1 18 ? 5.465   -16.948 -15.045 1.00 41.92 ? 18  GLN A CA  1 
ATOM   140  C C   . GLN A 1 18 ? 4.429   -15.827 -15.004 1.00 40.19 ? 18  GLN A C   1 
ATOM   141  O O   . GLN A 1 18 ? 4.756   -14.641 -15.098 1.00 37.51 ? 18  GLN A O   1 
ATOM   142  C CB  . GLN A 1 18 ? 5.755   -17.392 -13.607 1.00 43.38 ? 18  GLN A CB  1 
ATOM   143  C CG  . GLN A 1 18 ? 6.330   -18.792 -13.482 1.00 45.18 ? 18  GLN A CG  1 
ATOM   144  C CD  . GLN A 1 18 ? 6.643   -19.159 -12.046 1.00 46.31 ? 18  GLN A CD  1 
ATOM   145  O OE1 . GLN A 1 18 ? 6.555   -20.327 -11.658 1.00 49.20 ? 18  GLN A OE1 1 
ATOM   146  N NE2 . GLN A 1 18 ? 7.024   -18.168 -11.250 1.00 47.00 ? 18  GLN A NE2 1 
ATOM   147  N N   . LEU A 1 19 ? 3.172   -16.236 -14.856 1.00 37.61 ? 19  LEU A N   1 
ATOM   148  C CA  . LEU A 1 19 ? 2.044   -15.319 -14.756 1.00 35.99 ? 19  LEU A CA  1 
ATOM   149  C C   . LEU A 1 19 ? 1.500   -15.418 -13.337 1.00 34.55 ? 19  LEU A C   1 
ATOM   150  O O   . LEU A 1 19 ? 1.270   -16.521 -12.834 1.00 32.87 ? 19  LEU A O   1 
ATOM   151  C CB  . LEU A 1 19 ? 0.936   -15.709 -15.738 1.00 36.82 ? 19  LEU A CB  1 
ATOM   152  C CG  . LEU A 1 19 ? 0.812   -14.957 -17.064 1.00 37.76 ? 19  LEU A CG  1 
ATOM   153  C CD1 . LEU A 1 19 ? 2.095   -15.085 -17.878 1.00 39.00 ? 19  LEU A CD1 1 
ATOM   154  C CD2 . LEU A 1 19 ? -0.378  -15.515 -17.831 1.00 37.38 ? 19  LEU A CD2 1 
ATOM   155  N N   . LYS A 1 20 ? 1.305   -14.274 -12.690 1.00 32.10 ? 20  LYS A N   1 
ATOM   156  C CA  . LYS A 1 20 ? 0.770   -14.259 -11.336 1.00 31.20 ? 20  LYS A CA  1 
ATOM   157  C C   . LYS A 1 20 ? -0.069  -13.024 -11.047 1.00 30.29 ? 20  LYS A C   1 
ATOM   158  O O   . LYS A 1 20 ? -0.087  -12.074 -11.830 1.00 28.18 ? 20  LYS A O   1 
ATOM   159  C CB  . LYS A 1 20 ? 1.900   -14.381 -10.314 1.00 33.94 ? 20  LYS A CB  1 
ATOM   160  C CG  . LYS A 1 20 ? 3.175   -13.646 -10.672 1.00 35.84 ? 20  LYS A CG  1 
ATOM   161  C CD  . LYS A 1 20 ? 4.323   -14.122 -9.794  1.00 37.42 ? 20  LYS A CD  1 
ATOM   162  C CE  . LYS A 1 20 ? 4.531   -15.631 -9.927  1.00 38.82 ? 20  LYS A CE  1 
ATOM   163  N NZ  . LYS A 1 20 ? 5.559   -16.148 -8.976  1.00 36.50 ? 20  LYS A NZ  1 
ATOM   164  N N   . GLU A 1 21 ? -0.782  -13.058 -9.927  1.00 27.62 ? 21  GLU A N   1 
ATOM   165  C CA  . GLU A 1 21 ? -1.621  -11.940 -9.517  1.00 27.91 ? 21  GLU A CA  1 
ATOM   166  C C   . GLU A 1 21 ? -0.833  -11.123 -8.505  1.00 25.43 ? 21  GLU A C   1 
ATOM   167  O O   . GLU A 1 21 ? -0.194  -11.676 -7.609  1.00 25.30 ? 21  GLU A O   1 
ATOM   168  C CB  . GLU A 1 21 ? -2.916  -12.456 -8.888  1.00 29.56 ? 21  GLU A CB  1 
ATOM   169  C CG  . GLU A 1 21 ? -3.730  -13.357 -9.812  1.00 34.51 ? 21  GLU A CG  1 
ATOM   170  C CD  . GLU A 1 21 ? -4.309  -12.610 -11.005 1.00 36.86 ? 21  GLU A CD  1 
ATOM   171  O OE1 . GLU A 1 21 ? -5.138  -11.700 -10.788 1.00 38.95 ? 21  GLU A OE1 1 
ATOM   172  O OE2 . GLU A 1 21 ? -3.940  -12.932 -12.156 1.00 37.46 ? 21  GLU A OE2 1 
ATOM   173  N N   . ALA A 1 22 ? -0.866  -9.806  -8.664  1.00 21.78 ? 22  ALA A N   1 
ATOM   174  C CA  . ALA A 1 22 ? -0.145  -8.919  -7.769  1.00 22.10 ? 22  ALA A CA  1 
ATOM   175  C C   . ALA A 1 22 ? -0.963  -7.679  -7.442  1.00 21.89 ? 22  ALA A C   1 
ATOM   176  O O   . ALA A 1 22 ? -1.786  -7.227  -8.241  1.00 22.32 ? 22  ALA A O   1 
ATOM   177  C CB  . ALA A 1 22 ? 1.194   -8.520  -8.390  1.00 22.61 ? 22  ALA A CB  1 
ATOM   178  N N   . LEU A 1 23 ? -0.714  -7.139  -6.255  1.00 21.34 ? 23  LEU A N   1 
ATOM   179  C CA  . LEU A 1 23 ? -1.408  -5.965  -5.747  1.00 22.05 ? 23  LEU A CA  1 
ATOM   180  C C   . LEU A 1 23 ? -0.737  -4.654  -6.154  1.00 21.62 ? 23  LEU A C   1 
ATOM   181  O O   . LEU A 1 23 ? 0.447   -4.442  -5.887  1.00 22.01 ? 23  LEU A O   1 
ATOM   182  C CB  . LEU A 1 23 ? -1.482  -6.053  -4.212  1.00 21.68 ? 23  LEU A CB  1 
ATOM   183  C CG  . LEU A 1 23 ? -2.341  -5.032  -3.457  1.00 24.30 ? 23  LEU A CG  1 
ATOM   184  C CD1 . LEU A 1 23 ? -3.798  -5.249  -3.803  1.00 23.39 ? 23  LEU A CD1 1 
ATOM   185  C CD2 . LEU A 1 23 ? -2.142  -5.195  -1.956  1.00 25.50 ? 23  LEU A CD2 1 
ATOM   186  N N   . LEU A 1 24 ? -1.488  -3.783  -6.819  1.00 19.55 ? 24  LEU A N   1 
ATOM   187  C CA  . LEU A 1 24 ? -0.955  -2.483  -7.218  1.00 21.31 ? 24  LEU A CA  1 
ATOM   188  C C   . LEU A 1 24 ? -0.956  -1.693  -5.918  1.00 19.89 ? 24  LEU A C   1 
ATOM   189  O O   . LEU A 1 24 ? -2.007  -1.264  -5.444  1.00 20.76 ? 24  LEU A O   1 
ATOM   190  C CB  . LEU A 1 24 ? -1.865  -1.829  -8.263  1.00 19.84 ? 24  LEU A CB  1 
ATOM   191  C CG  . LEU A 1 24 ? -1.567  -2.093  -9.751  1.00 25.75 ? 24  LEU A CG  1 
ATOM   192  C CD1 . LEU A 1 24 ? -0.779  -3.381  -9.952  1.00 24.04 ? 24  LEU A CD1 1 
ATOM   193  C CD2 . LEU A 1 24 ? -2.881  -2.125  -10.517 1.00 23.25 ? 24  LEU A CD2 1 
ATOM   194  N N   . ASN A 1 25 ? 0.232   -1.494  -5.362  1.00 19.11 ? 25  ASN A N   1 
ATOM   195  C CA  . ASN A 1 25 ? 0.396   -0.847  -4.070  1.00 17.57 ? 25  ASN A CA  1 
ATOM   196  C C   . ASN A 1 25 ? 1.096   0.515   -4.082  1.00 18.56 ? 25  ASN A C   1 
ATOM   197  O O   . ASN A 1 25 ? 2.326   0.593   -4.138  1.00 17.03 ? 25  ASN A O   1 
ATOM   198  C CB  . ASN A 1 25 ? 1.157   -1.828  -3.168  1.00 19.63 ? 25  ASN A CB  1 
ATOM   199  C CG  . ASN A 1 25 ? 1.177   -1.412  -1.710  1.00 20.16 ? 25  ASN A CG  1 
ATOM   200  O OD1 . ASN A 1 25 ? 1.593   -2.190  -0.848  1.00 20.93 ? 25  ASN A OD1 1 
ATOM   201  N ND2 . ASN A 1 25 ? 0.742   -0.194  -1.426  1.00 16.31 ? 25  ASN A ND2 1 
ATOM   202  N N   . THR A 1 26 ? 0.308   1.588   -3.991  1.00 17.78 ? 26  THR A N   1 
ATOM   203  C CA  . THR A 1 26 ? 0.857   2.942   -3.985  1.00 17.49 ? 26  THR A CA  1 
ATOM   204  C C   . THR A 1 26 ? 1.540   3.264   -2.666  1.00 18.88 ? 26  THR A C   1 
ATOM   205  O O   . THR A 1 26 ? 2.191   4.306   -2.533  1.00 19.05 ? 26  THR A O   1 
ATOM   206  C CB  . THR A 1 26 ? -0.234  3.989   -4.219  1.00 16.88 ? 26  THR A CB  1 
ATOM   207  O OG1 . THR A 1 26 ? -1.260  3.828   -3.228  1.00 18.26 ? 26  THR A OG1 1 
ATOM   208  C CG2 . THR A 1 26 ? -0.840  3.826   -5.613  1.00 15.51 ? 26  THR A CG2 1 
ATOM   209  N N   . GLY A 1 27 ? 1.386   2.372   -1.691  1.00 19.16 ? 27  GLY A N   1 
ATOM   210  C CA  . GLY A 1 27 ? 1.994   2.582   -0.388  1.00 19.15 ? 27  GLY A CA  1 
ATOM   211  C C   . GLY A 1 27 ? 3.254   1.753   -0.213  1.00 20.87 ? 27  GLY A C   1 
ATOM   212  O O   . GLY A 1 27 ? 3.702   1.510   0.909   1.00 20.29 ? 27  GLY A O   1 
ATOM   213  N N   . ALA A 1 28 ? 3.821   1.320   -1.335  1.00 20.16 ? 28  ALA A N   1 
ATOM   214  C CA  . ALA A 1 28 ? 5.037   0.523   -1.342  1.00 21.44 ? 28  ALA A CA  1 
ATOM   215  C C   . ALA A 1 28 ? 6.061   1.191   -2.259  1.00 22.72 ? 28  ALA A C   1 
ATOM   216  O O   . ALA A 1 28 ? 5.774   1.453   -3.432  1.00 21.67 ? 28  ALA A O   1 
ATOM   217  C CB  . ALA A 1 28 ? 4.733   -0.893  -1.845  1.00 19.77 ? 28  ALA A CB  1 
ATOM   218  N N   . ASP A 1 29 ? 7.251   1.466   -1.732  1.00 22.61 ? 29  ASP A N   1 
ATOM   219  C CA  . ASP A 1 29 ? 8.295   2.097   -2.536  1.00 24.45 ? 29  ASP A CA  1 
ATOM   220  C C   . ASP A 1 29 ? 8.845   1.118   -3.563  1.00 24.33 ? 29  ASP A C   1 
ATOM   221  O O   . ASP A 1 29 ? 9.154   1.495   -4.697  1.00 25.51 ? 29  ASP A O   1 
ATOM   222  C CB  . ASP A 1 29 ? 9.469   2.562   -1.669  1.00 24.63 ? 29  ASP A CB  1 
ATOM   223  C CG  . ASP A 1 29 ? 9.053   3.518   -0.574  1.00 26.52 ? 29  ASP A CG  1 
ATOM   224  O OD1 . ASP A 1 29 ? 8.080   4.276   -0.771  1.00 25.80 ? 29  ASP A OD1 1 
ATOM   225  O OD2 . ASP A 1 29 ? 9.724   3.519   0.481   1.00 27.94 ? 29  ASP A OD2 1 
ATOM   226  N N   . ASP A 1 30 ? 8.959   -0.143  -3.153  1.00 23.51 ? 30  ASP A N   1 
ATOM   227  C CA  . ASP A 1 30 ? 9.516   -1.187  -4.004  1.00 22.85 ? 30  ASP A CA  1 
ATOM   228  C C   . ASP A 1 30 ? 8.518   -2.275  -4.375  1.00 23.72 ? 30  ASP A C   1 
ATOM   229  O O   . ASP A 1 30 ? 7.399   -2.312  -3.865  1.00 23.47 ? 30  ASP A O   1 
ATOM   230  C CB  . ASP A 1 30 ? 10.703  -1.840  -3.300  1.00 23.57 ? 30  ASP A CB  1 
ATOM   231  C CG  . ASP A 1 30 ? 11.613  -0.830  -2.646  1.00 27.48 ? 30  ASP A CG  1 
ATOM   232  O OD1 . ASP A 1 30 ? 12.153  0.040   -3.362  1.00 27.91 ? 30  ASP A OD1 1 
ATOM   233  O OD2 . ASP A 1 30 ? 11.782  -0.902  -1.409  1.00 29.47 ? 30  ASP A OD2 1 
ATOM   234  N N   . THR A 1 31 ? 8.953   -3.165  -5.262  1.00 21.30 ? 31  THR A N   1 
ATOM   235  C CA  . THR A 1 31 ? 8.140   -4.283  -5.720  1.00 22.73 ? 31  THR A CA  1 
ATOM   236  C C   . THR A 1 31 ? 8.626   -5.549  -5.021  1.00 22.86 ? 31  THR A C   1 
ATOM   237  O O   . THR A 1 31 ? 9.819   -5.861  -5.038  1.00 23.29 ? 31  THR A O   1 
ATOM   238  C CB  . THR A 1 31 ? 8.267   -4.457  -7.248  1.00 22.28 ? 31  THR A CB  1 
ATOM   239  O OG1 . THR A 1 31 ? 7.747   -3.292  -7.894  1.00 21.52 ? 31  THR A OG1 1 
ATOM   240  C CG2 . THR A 1 31 ? 7.503   -5.683  -7.720  1.00 23.15 ? 31  THR A CG2 1 
ATOM   241  N N   . VAL A 1 32 ? 7.699   -6.267  -4.399  1.00 22.14 ? 32  VAL A N   1 
ATOM   242  C CA  . VAL A 1 32 ? 8.032   -7.485  -3.678  1.00 22.99 ? 32  VAL A CA  1 
ATOM   243  C C   . VAL A 1 32 ? 7.141   -8.626  -4.135  1.00 24.19 ? 32  VAL A C   1 
ATOM   244  O O   . VAL A 1 32 ? 5.914   -8.504  -4.157  1.00 23.08 ? 32  VAL A O   1 
ATOM   245  C CB  . VAL A 1 32 ? 7.840   -7.307  -2.164  1.00 22.44 ? 32  VAL A CB  1 
ATOM   246  C CG1 . VAL A 1 32 ? 8.525   -8.446  -1.418  1.00 23.71 ? 32  VAL A CG1 1 
ATOM   247  C CG2 . VAL A 1 32 ? 8.389   -5.959  -1.723  1.00 25.94 ? 32  VAL A CG2 1 
ATOM   248  N N   . LEU A 1 33 ? 7.766   -9.738  -4.501  1.00 23.76 ? 33  LEU A N   1 
ATOM   249  C CA  . LEU A 1 33 ? 7.031   -10.901 -4.957  1.00 25.35 ? 33  LEU A CA  1 
ATOM   250  C C   . LEU A 1 33 ? 7.232   -12.051 -3.989  1.00 25.93 ? 33  LEU A C   1 
ATOM   251  O O   . LEU A 1 33 ? 8.289   -12.165 -3.363  1.00 24.45 ? 33  LEU A O   1 
ATOM   252  C CB  . LEU A 1 33 ? 7.510   -11.314 -6.352  1.00 27.03 ? 33  LEU A CB  1 
ATOM   253  C CG  . LEU A 1 33 ? 7.542   -10.192 -7.393  1.00 30.07 ? 33  LEU A CG  1 
ATOM   254  C CD1 . LEU A 1 33 ? 7.828   -10.784 -8.761  1.00 31.93 ? 33  LEU A CD1 1 
ATOM   255  C CD2 . LEU A 1 33 ? 6.204   -9.451  -7.406  1.00 30.69 ? 33  LEU A CD2 1 
ATOM   256  N N   . GLU A 1 34 ? 6.207   -12.884 -3.855  1.00 26.20 ? 34  GLU A N   1 
ATOM   257  C CA  . GLU A 1 34 ? 6.280   -14.048 -2.980  1.00 30.19 ? 34  GLU A CA  1 
ATOM   258  C C   . GLU A 1 34 ? 7.468   -14.875 -3.463  1.00 29.59 ? 34  GLU A C   1 
ATOM   259  O O   . GLU A 1 34 ? 7.831   -14.821 -4.641  1.00 29.03 ? 34  GLU A O   1 
ATOM   260  C CB  . GLU A 1 34 ? 4.993   -14.871 -3.084  1.00 32.59 ? 34  GLU A CB  1 
ATOM   261  C CG  . GLU A 1 34 ? 4.383   -15.237 -1.738  1.00 38.56 ? 34  GLU A CG  1 
ATOM   262  C CD  . GLU A 1 34 ? 5.227   -16.223 -0.943  1.00 41.28 ? 34  GLU A CD  1 
ATOM   263  O OE1 . GLU A 1 34 ? 5.246   -17.424 -1.304  1.00 38.87 ? 34  GLU A OE1 1 
ATOM   264  O OE2 . GLU A 1 34 ? 5.866   -15.791 0.046   1.00 42.35 ? 34  GLU A OE2 1 
ATOM   265  N N   . GLU A 1 35 ? 8.075   -15.635 -2.564  1.00 30.55 ? 35  GLU A N   1 
ATOM   266  C CA  . GLU A 1 35 ? 9.228   -16.437 -2.944  1.00 32.28 ? 35  GLU A CA  1 
ATOM   267  C C   . GLU A 1 35 ? 9.074   -17.136 -4.299  1.00 32.23 ? 35  GLU A C   1 
ATOM   268  O O   . GLU A 1 35 ? 8.034   -17.732 -4.594  1.00 31.48 ? 35  GLU A O   1 
ATOM   269  C CB  . GLU A 1 35 ? 9.528   -17.484 -1.873  1.00 34.89 ? 35  GLU A CB  1 
ATOM   270  C CG  . GLU A 1 35 ? 10.662  -18.413 -2.262  1.00 37.14 ? 35  GLU A CG  1 
ATOM   271  C CD  . GLU A 1 35 ? 11.958  -17.666 -2.517  1.00 39.84 ? 35  GLU A CD  1 
ATOM   272  O OE1 . GLU A 1 35 ? 12.693  -18.052 -3.451  1.00 42.07 ? 35  GLU A OE1 1 
ATOM   273  O OE2 . GLU A 1 35 ? 12.244  -16.698 -1.781  1.00 42.89 ? 35  GLU A OE2 1 
ATOM   274  N N   . MET A 1 36 ? 10.115  -17.028 -5.122  1.00 30.22 ? 36  MET A N   1 
ATOM   275  C CA  . MET A 1 36 ? 10.161  -17.669 -6.431  1.00 31.54 ? 36  MET A CA  1 
ATOM   276  C C   . MET A 1 36 ? 11.638  -17.834 -6.792  1.00 30.68 ? 36  MET A C   1 
ATOM   277  O O   . MET A 1 36 ? 12.442  -16.921 -6.601  1.00 31.21 ? 36  MET A O   1 
ATOM   278  C CB  . MET A 1 36 ? 9.412   -16.845 -7.487  1.00 30.14 ? 36  MET A CB  1 
ATOM   279  C CG  . MET A 1 36 ? 10.033  -15.520 -7.855  1.00 33.55 ? 36  MET A CG  1 
ATOM   280  S SD  . MET A 1 36 ? 9.060   -14.697 -9.143  1.00 37.16 ? 36  MET A SD  1 
ATOM   281  C CE  . MET A 1 36 ? 9.128   -15.927 -10.457 1.00 36.82 ? 36  MET A CE  1 
ATOM   282  N N   . ASN A 1 37 ? 11.991  -19.007 -7.301  1.00 30.43 ? 37  ASN A N   1 
ATOM   283  C CA  . ASN A 1 37 ? 13.379  -19.315 -7.628  1.00 30.38 ? 37  ASN A CA  1 
ATOM   284  C C   . ASN A 1 37 ? 13.919  -18.679 -8.914  1.00 29.74 ? 37  ASN A C   1 
ATOM   285  O O   . ASN A 1 37 ? 14.209  -19.374 -9.892  1.00 28.52 ? 37  ASN A O   1 
ATOM   286  C CB  . ASN A 1 37 ? 13.553  -20.839 -7.683  1.00 31.98 ? 37  ASN A CB  1 
ATOM   287  C CG  . ASN A 1 37 ? 14.949  -21.284 -7.297  1.00 32.88 ? 37  ASN A CG  1 
ATOM   288  O OD1 . ASN A 1 37 ? 15.296  -22.458 -7.437  1.00 37.53 ? 37  ASN A OD1 1 
ATOM   289  N ND2 . ASN A 1 37 ? 15.755  -20.354 -6.799  1.00 31.28 ? 37  ASN A ND2 1 
ATOM   290  N N   . LEU A 1 38 ? 14.066  -17.359 -8.903  1.00 28.68 ? 38  LEU A N   1 
ATOM   291  C CA  . LEU A 1 38 ? 14.580  -16.636 -10.061 1.00 28.55 ? 38  LEU A CA  1 
ATOM   292  C C   . LEU A 1 38 ? 16.086  -16.814 -10.210 1.00 26.90 ? 38  LEU A C   1 
ATOM   293  O O   . LEU A 1 38 ? 16.809  -16.862 -9.221  1.00 25.21 ? 38  LEU A O   1 
ATOM   294  C CB  . LEU A 1 38 ? 14.286  -15.140 -9.935  1.00 29.83 ? 38  LEU A CB  1 
ATOM   295  C CG  . LEU A 1 38 ? 12.853  -14.651 -10.117 1.00 31.60 ? 38  LEU A CG  1 
ATOM   296  C CD1 . LEU A 1 38 ? 12.744  -13.199 -9.643  1.00 33.39 ? 38  LEU A CD1 1 
ATOM   297  C CD2 . LEU A 1 38 ? 12.468  -14.786 -11.582 1.00 29.65 ? 38  LEU A CD2 1 
ATOM   298  N N   . PRO A 1 39 ? 16.573  -16.922 -11.457 1.00 27.36 ? 39  PRO A N   1 
ATOM   299  C CA  . PRO A 1 39 ? 18.003  -17.086 -11.732 1.00 26.44 ? 39  PRO A CA  1 
ATOM   300  C C   . PRO A 1 39 ? 18.688  -15.724 -11.713 1.00 28.39 ? 39  PRO A C   1 
ATOM   301  O O   . PRO A 1 39 ? 18.031  -14.694 -11.847 1.00 26.98 ? 39  PRO A O   1 
ATOM   302  C CB  . PRO A 1 39 ? 18.015  -17.702 -13.123 1.00 26.30 ? 39  PRO A CB  1 
ATOM   303  C CG  . PRO A 1 39 ? 16.832  -17.042 -13.777 1.00 24.78 ? 39  PRO A CG  1 
ATOM   304  C CD  . PRO A 1 39 ? 15.776  -17.106 -12.688 1.00 26.75 ? 39  PRO A CD  1 
ATOM   305  N N   . GLY A 1 40 ? 20.006  -15.723 -11.546 1.00 29.09 ? 40  GLY A N   1 
ATOM   306  C CA  . GLY A 1 40 ? 20.737  -14.470 -11.535 1.00 30.26 ? 40  GLY A CA  1 
ATOM   307  C C   . GLY A 1 40 ? 21.327  -14.082 -10.194 1.00 29.50 ? 40  GLY A C   1 
ATOM   308  O O   . GLY A 1 40 ? 21.002  -14.661 -9.157  1.00 29.57 ? 40  GLY A O   1 
ATOM   309  N N   . LYS A 1 41 ? 22.201  -13.084 -10.220 1.00 29.44 ? 41  LYS A N   1 
ATOM   310  C CA  . LYS A 1 41 ? 22.846  -12.599 -9.010  1.00 28.47 ? 41  LYS A CA  1 
ATOM   311  C C   . LYS A 1 41 ? 21.866  -11.704 -8.263  1.00 29.57 ? 41  LYS A C   1 
ATOM   312  O O   . LYS A 1 41 ? 20.974  -11.107 -8.866  1.00 30.23 ? 41  LYS A O   1 
ATOM   313  C CB  . LYS A 1 41 ? 24.104  -11.823 -9.371  1.00 28.49 ? 41  LYS A CB  1 
ATOM   314  N N   . TRP A 1 42 ? 22.026  -11.620 -6.948  1.00 27.88 ? 42  TRP A N   1 
ATOM   315  C CA  . TRP A 1 42 ? 21.153  -10.790 -6.138  1.00 27.73 ? 42  TRP A CA  1 
ATOM   316  C C   . TRP A 1 42 ? 21.884  -10.228 -4.926  1.00 28.00 ? 42  TRP A C   1 
ATOM   317  O O   . TRP A 1 42 ? 22.959  -10.705 -4.554  1.00 28.01 ? 42  TRP A O   1 
ATOM   318  C CB  . TRP A 1 42 ? 19.936  -11.596 -5.674  1.00 29.77 ? 42  TRP A CB  1 
ATOM   319  C CG  . TRP A 1 42 ? 20.280  -12.880 -4.979  1.00 31.57 ? 42  TRP A CG  1 
ATOM   320  C CD1 . TRP A 1 42 ? 20.568  -14.080 -5.566  1.00 32.05 ? 42  TRP A CD1 1 
ATOM   321  C CD2 . TRP A 1 42 ? 20.369  -13.093 -3.565  1.00 31.68 ? 42  TRP A CD2 1 
ATOM   322  N NE1 . TRP A 1 42 ? 20.823  -15.028 -4.605  1.00 32.74 ? 42  TRP A NE1 1 
ATOM   323  C CE2 . TRP A 1 42 ? 20.708  -14.450 -3.368  1.00 32.69 ? 42  TRP A CE2 1 
ATOM   324  C CE3 . TRP A 1 42 ? 20.192  -12.267 -2.444  1.00 32.51 ? 42  TRP A CE3 1 
ATOM   325  C CZ2 . TRP A 1 42 ? 20.875  -15.006 -2.094  1.00 33.00 ? 42  TRP A CZ2 1 
ATOM   326  C CZ3 . TRP A 1 42 ? 20.358  -12.819 -1.174  1.00 33.64 ? 42  TRP A CZ3 1 
ATOM   327  C CH2 . TRP A 1 42 ? 20.695  -14.179 -1.012  1.00 33.95 ? 42  TRP A CH2 1 
ATOM   328  N N   . LYS A 1 43 ? 21.295  -9.206  -4.318  1.00 26.53 ? 43  LYS A N   1 
ATOM   329  C CA  . LYS A 1 43 ? 21.873  -8.580  -3.140  1.00 25.33 ? 43  LYS A CA  1 
ATOM   330  C C   . LYS A 1 43 ? 20.884  -8.696  -1.990  1.00 24.57 ? 43  LYS A C   1 
ATOM   331  O O   . LYS A 1 43 ? 19.675  -8.624  -2.190  1.00 22.14 ? 43  LYS A O   1 
ATOM   332  C CB  . LYS A 1 43 ? 22.173  -7.115  -3.418  1.00 28.06 ? 43  LYS A CB  1 
ATOM   333  N N   . PRO A 1 44 ? 21.385  -8.894  -0.767  1.00 25.25 ? 44  PRO A N   1 
ATOM   334  C CA  . PRO A 1 44 ? 20.495  -9.009  0.388   1.00 25.30 ? 44  PRO A CA  1 
ATOM   335  C C   . PRO A 1 44 ? 19.906  -7.644  0.722   1.00 23.27 ? 44  PRO A C   1 
ATOM   336  O O   . PRO A 1 44 ? 20.586  -6.625  0.602   1.00 21.81 ? 44  PRO A O   1 
ATOM   337  C CB  . PRO A 1 44 ? 21.423  -9.506  1.492   1.00 27.44 ? 44  PRO A CB  1 
ATOM   338  C CG  . PRO A 1 44 ? 22.516  -10.204 0.745   1.00 28.39 ? 44  PRO A CG  1 
ATOM   339  C CD  . PRO A 1 44 ? 22.760  -9.262  -0.398  1.00 27.43 ? 44  PRO A CD  1 
ATOM   340  N N   . LYS A 1 45 ? 18.644  -7.624  1.134   1.00 22.73 ? 45  LYS A N   1 
ATOM   341  C CA  . LYS A 1 45 ? 17.994  -6.373  1.503   1.00 23.44 ? 45  LYS A CA  1 
ATOM   342  C C   . LYS A 1 45 ? 16.982  -6.617  2.614   1.00 23.51 ? 45  LYS A C   1 
ATOM   343  O O   . LYS A 1 45 ? 16.569  -7.747  2.853   1.00 22.40 ? 45  LYS A O   1 
ATOM   344  C CB  . LYS A 1 45 ? 17.289  -5.756  0.291   1.00 25.22 ? 45  LYS A CB  1 
ATOM   345  C CG  . LYS A 1 45 ? 16.682  -4.389  0.557   1.00 29.47 ? 45  LYS A CG  1 
ATOM   346  C CD  . LYS A 1 45 ? 16.173  -3.733  -0.722  1.00 29.33 ? 45  LYS A CD  1 
ATOM   347  C CE  . LYS A 1 45 ? 15.776  -2.287  -0.471  1.00 31.18 ? 45  LYS A CE  1 
ATOM   348  N NZ  . LYS A 1 45 ? 15.361  -1.595  -1.724  1.00 34.96 ? 45  LYS A NZ  1 
ATOM   349  N N   . MET A 1 46 ? 16.604  -5.549  3.304   1.00 22.82 ? 46  MET A N   1 
ATOM   350  C CA  . MET A 1 46 ? 15.621  -5.630  4.377   1.00 23.43 ? 46  MET A CA  1 
ATOM   351  C C   . MET A 1 46 ? 14.555  -4.590  4.080   1.00 21.97 ? 46  MET A C   1 
ATOM   352  O O   . MET A 1 46 ? 14.863  -3.411  3.947   1.00 23.88 ? 46  MET A O   1 
ATOM   353  C CB  . MET A 1 46 ? 16.270  -5.316  5.727   1.00 25.37 ? 46  MET A CB  1 
ATOM   354  C CG  . MET A 1 46 ? 17.221  -6.388  6.216   1.00 32.27 ? 46  MET A CG  1 
ATOM   355  S SD  . MET A 1 46 ? 16.326  -7.686  7.061   1.00 39.11 ? 46  MET A SD  1 
ATOM   356  C CE  . MET A 1 46 ? 16.705  -7.280  8.756   1.00 36.15 ? 46  MET A CE  1 
ATOM   357  N N   . ILE A 1 47 ? 13.307  -5.019  3.954   1.00 21.51 ? 47  ILE A N   1 
ATOM   358  C CA  . ILE A 1 47 ? 12.229  -4.079  3.689   1.00 20.95 ? 47  ILE A CA  1 
ATOM   359  C C   . ILE A 1 47 ? 11.225  -4.150  4.829   1.00 21.66 ? 47  ILE A C   1 
ATOM   360  O O   . ILE A 1 47 ? 10.977  -5.223  5.392   1.00 19.56 ? 47  ILE A O   1 
ATOM   361  C CB  . ILE A 1 47 ? 11.523  -4.380  2.361   1.00 22.47 ? 47  ILE A CB  1 
ATOM   362  C CG1 . ILE A 1 47 ? 10.972  -5.809  2.372   1.00 23.62 ? 47  ILE A CG1 1 
ATOM   363  C CG2 . ILE A 1 47 ? 12.493  -4.165  1.214   1.00 23.40 ? 47  ILE A CG2 1 
ATOM   364  C CD1 . ILE A 1 47 ? 10.056  -6.124  1.207   1.00 25.59 ? 47  ILE A CD1 1 
ATOM   365  N N   . GLY A 1 48 ? 10.651  -3.003  5.172   1.00 20.71 ? 48  GLY A N   1 
ATOM   366  C CA  . GLY A 1 48 ? 9.709   -2.971  6.270   1.00 24.11 ? 48  GLY A CA  1 
ATOM   367  C C   . GLY A 1 48 ? 8.294   -2.582  5.910   1.00 27.37 ? 48  GLY A C   1 
ATOM   368  O O   . GLY A 1 48 ? 8.034   -1.975  4.869   1.00 27.10 ? 48  GLY A O   1 
ATOM   369  N N   . GLY A 1 49 ? 7.379   -2.954  6.795   1.00 28.80 ? 49  GLY A N   1 
ATOM   370  C CA  . GLY A 1 49 ? 5.972   -2.649  6.618   1.00 31.19 ? 49  GLY A CA  1 
ATOM   371  C C   . GLY A 1 49 ? 5.337   -2.707  7.990   1.00 31.39 ? 49  GLY A C   1 
ATOM   372  O O   . GLY A 1 49 ? 6.033   -2.590  9.000   1.00 28.61 ? 49  GLY A O   1 
ATOM   373  N N   . ILE A 1 50 ? 4.021   -2.869  8.050   1.00 32.97 ? 50  ILE A N   1 
ATOM   374  C CA  . ILE A 1 50 ? 3.374   -2.965  9.343   1.00 34.89 ? 50  ILE A CA  1 
ATOM   375  C C   . ILE A 1 50 ? 3.774   -4.322  9.899   1.00 34.18 ? 50  ILE A C   1 
ATOM   376  O O   . ILE A 1 50 ? 3.800   -5.311  9.173   1.00 35.55 ? 50  ILE A O   1 
ATOM   377  C CB  . ILE A 1 50 ? 1.840   -2.876  9.218   1.00 37.06 ? 50  ILE A CB  1 
ATOM   378  C CG1 . ILE A 1 50 ? 1.181   -3.585  10.404  1.00 38.04 ? 50  ILE A CG1 1 
ATOM   379  C CG2 . ILE A 1 50 ? 1.394   -3.447  7.892   1.00 38.95 ? 50  ILE A CG2 1 
ATOM   380  C CD1 . ILE A 1 50 ? -0.325  -3.575  10.367  1.00 39.27 ? 50  ILE A CD1 1 
ATOM   381  N N   . GLY A 1 51 ? 4.104   -4.367  11.181  1.00 33.45 ? 51  GLY A N   1 
ATOM   382  C CA  . GLY A 1 51 ? 4.508   -5.627  11.771  1.00 32.06 ? 51  GLY A CA  1 
ATOM   383  C C   . GLY A 1 51 ? 6.015   -5.743  11.892  1.00 30.24 ? 51  GLY A C   1 
ATOM   384  O O   . GLY A 1 51 ? 6.509   -6.365  12.830  1.00 31.77 ? 51  GLY A O   1 
ATOM   385  N N   . GLY A 1 52 ? 6.748   -5.155  10.948  1.00 27.82 ? 52  GLY A N   1 
ATOM   386  C CA  . GLY A 1 52 ? 8.200   -5.215  11.009  1.00 26.17 ? 52  GLY A CA  1 
ATOM   387  C C   . GLY A 1 52 ? 8.909   -5.340  9.673   1.00 25.56 ? 52  GLY A C   1 
ATOM   388  O O   . GLY A 1 52 ? 8.374   -4.973  8.624   1.00 25.38 ? 52  GLY A O   1 
ATOM   389  N N   . PHE A 1 53 ? 10.131  -5.855  9.710   1.00 23.22 ? 53  PHE A N   1 
ATOM   390  C CA  . PHE A 1 53 ? 10.914  -6.029  8.496   1.00 24.59 ? 53  PHE A CA  1 
ATOM   391  C C   . PHE A 1 53 ? 11.082  -7.495  8.137   1.00 23.35 ? 53  PHE A C   1 
ATOM   392  O O   . PHE A 1 53 ? 10.979  -8.367  8.996   1.00 25.86 ? 53  PHE A O   1 
ATOM   393  C CB  . PHE A 1 53 ? 12.306  -5.417  8.665   1.00 23.71 ? 53  PHE A CB  1 
ATOM   394  C CG  . PHE A 1 53 ? 12.315  -3.921  8.700   1.00 24.76 ? 53  PHE A CG  1 
ATOM   395  C CD1 . PHE A 1 53 ? 11.785  -3.231  9.782   1.00 23.01 ? 53  PHE A CD1 1 
ATOM   396  C CD2 . PHE A 1 53 ? 12.855  -3.195  7.644   1.00 23.61 ? 53  PHE A CD2 1 
ATOM   397  C CE1 . PHE A 1 53 ? 11.794  -1.844  9.811   1.00 21.78 ? 53  PHE A CE1 1 
ATOM   398  C CE2 . PHE A 1 53 ? 12.864  -1.803  7.668   1.00 23.80 ? 53  PHE A CE2 1 
ATOM   399  C CZ  . PHE A 1 53 ? 12.331  -1.130  8.757   1.00 20.15 ? 53  PHE A CZ  1 
ATOM   400  N N   . ILE A 1 54 ? 11.336  -7.753  6.858   1.00 22.98 ? 54  ILE A N   1 
ATOM   401  C CA  . ILE A 1 54 ? 11.589  -9.101  6.365   1.00 21.30 ? 54  ILE A CA  1 
ATOM   402  C C   . ILE A 1 54 ? 12.824  -9.036  5.468   1.00 21.42 ? 54  ILE A C   1 
ATOM   403  O O   . ILE A 1 54 ? 13.117  -7.994  4.865   1.00 19.20 ? 54  ILE A O   1 
ATOM   404  C CB  . ILE A 1 54 ? 10.413  -9.673  5.525   1.00 21.02 ? 54  ILE A CB  1 
ATOM   405  C CG1 . ILE A 1 54 ? 10.145  -8.783  4.311   1.00 21.44 ? 54  ILE A CG1 1 
ATOM   406  C CG2 . ILE A 1 54 ? 9.174   -9.813  6.382   1.00 20.43 ? 54  ILE A CG2 1 
ATOM   407  C CD1 . ILE A 1 54 ? 9.088   -9.334  3.360   1.00 20.44 ? 54  ILE A CD1 1 
ATOM   408  N N   . LYS A 1 55 ? 13.545  -10.145 5.385   1.00 20.13 ? 55  LYS A N   1 
ATOM   409  C CA  . LYS A 1 55 ? 14.729  -10.223 4.549   1.00 19.52 ? 55  LYS A CA  1 
ATOM   410  C C   . LYS A 1 55 ? 14.286  -10.654 3.156   1.00 20.50 ? 55  LYS A C   1 
ATOM   411  O O   . LYS A 1 55 ? 13.462  -11.554 3.016   1.00 20.52 ? 55  LYS A O   1 
ATOM   412  C CB  . LYS A 1 55 ? 15.711  -11.234 5.128   1.00 19.35 ? 55  LYS A CB  1 
ATOM   413  N N   . VAL A 1 56 ? 14.826  -10.008 2.129   1.00 20.82 ? 56  VAL A N   1 
ATOM   414  C CA  . VAL A 1 56 ? 14.467  -10.340 0.751   1.00 21.45 ? 56  VAL A CA  1 
ATOM   415  C C   . VAL A 1 56 ? 15.687  -10.300 -0.158  1.00 21.89 ? 56  VAL A C   1 
ATOM   416  O O   . VAL A 1 56 ? 16.732  -9.758  0.205   1.00 20.56 ? 56  VAL A O   1 
ATOM   417  C CB  . VAL A 1 56 ? 13.409  -9.357  0.178   1.00 21.22 ? 56  VAL A CB  1 
ATOM   418  C CG1 . VAL A 1 56 ? 12.118  -9.448  0.980   1.00 21.81 ? 56  VAL A CG1 1 
ATOM   419  C CG2 . VAL A 1 56 ? 13.950  -7.934  0.201   1.00 20.73 ? 56  VAL A CG2 1 
ATOM   420  N N   . ARG A 1 57 ? 15.536  -10.872 -1.348  1.00 20.54 ? 57  ARG A N   1 
ATOM   421  C CA  . ARG A 1 57 ? 16.614  -10.903 -2.326  1.00 21.53 ? 57  ARG A CA  1 
ATOM   422  C C   . ARG A 1 57 ? 16.310  -9.866  -3.394  1.00 20.25 ? 57  ARG A C   1 
ATOM   423  O O   . ARG A 1 57 ? 15.210  -9.830  -3.935  1.00 19.50 ? 57  ARG A O   1 
ATOM   424  C CB  . ARG A 1 57 ? 16.718  -12.299 -2.947  1.00 21.87 ? 57  ARG A CB  1 
ATOM   425  C CG  . ARG A 1 57 ? 16.819  -13.411 -1.919  1.00 23.76 ? 57  ARG A CG  1 
ATOM   426  C CD  . ARG A 1 57 ? 17.275  -14.720 -2.558  1.00 26.82 ? 57  ARG A CD  1 
ATOM   427  N NE  . ARG A 1 57 ? 16.349  -15.226 -3.573  1.00 26.01 ? 57  ARG A NE  1 
ATOM   428  C CZ  . ARG A 1 57 ? 15.178  -15.796 -3.308  1.00 26.41 ? 57  ARG A CZ  1 
ATOM   429  N NH1 . ARG A 1 57 ? 14.770  -15.937 -2.057  1.00 28.00 ? 57  ARG A NH1 1 
ATOM   430  N NH2 . ARG A 1 57 ? 14.424  -16.249 -4.296  1.00 26.16 ? 57  ARG A NH2 1 
ATOM   431  N N   . GLN A 1 58 ? 17.286  -9.017  -3.693  1.00 21.01 ? 58  GLN A N   1 
ATOM   432  C CA  . GLN A 1 58 ? 17.091  -7.965  -4.680  1.00 21.78 ? 58  GLN A CA  1 
ATOM   433  C C   . GLN A 1 58 ? 17.680  -8.300  -6.044  1.00 22.57 ? 58  GLN A C   1 
ATOM   434  O O   . GLN A 1 58 ? 18.883  -8.524  -6.169  1.00 21.82 ? 58  GLN A O   1 
ATOM   435  C CB  . GLN A 1 58 ? 17.705  -6.656  -4.186  1.00 21.76 ? 58  GLN A CB  1 
ATOM   436  C CG  . GLN A 1 58 ? 17.522  -5.502  -5.148  1.00 25.57 ? 58  GLN A CG  1 
ATOM   437  C CD  . GLN A 1 58 ? 18.309  -4.278  -4.740  1.00 27.97 ? 58  GLN A CD  1 
ATOM   438  O OE1 . GLN A 1 58 ? 18.209  -3.814  -3.606  1.00 33.00 ? 58  GLN A OE1 1 
ATOM   439  N NE2 . GLN A 1 58 ? 19.097  -3.746  -5.664  1.00 31.35 ? 58  GLN A NE2 1 
ATOM   440  N N   . TYR A 1 59 ? 16.817  -8.336  -7.056  1.00 22.88 ? 59  TYR A N   1 
ATOM   441  C CA  . TYR A 1 59 ? 17.234  -8.612  -8.429  1.00 25.05 ? 59  TYR A CA  1 
ATOM   442  C C   . TYR A 1 59 ? 17.004  -7.341  -9.236  1.00 25.50 ? 59  TYR A C   1 
ATOM   443  O O   . TYR A 1 59 ? 15.938  -6.725  -9.139  1.00 24.48 ? 59  TYR A O   1 
ATOM   444  C CB  . TYR A 1 59 ? 16.410  -9.755  -9.038  1.00 23.74 ? 59  TYR A CB  1 
ATOM   445  C CG  . TYR A 1 59 ? 16.599  -11.098 -8.368  1.00 24.22 ? 59  TYR A CG  1 
ATOM   446  C CD1 . TYR A 1 59 ? 15.915  -11.416 -7.193  1.00 23.73 ? 59  TYR A CD1 1 
ATOM   447  C CD2 . TYR A 1 59 ? 17.463  -12.056 -8.909  1.00 23.39 ? 59  TYR A CD2 1 
ATOM   448  C CE1 . TYR A 1 59 ? 16.084  -12.656 -6.573  1.00 24.51 ? 59  TYR A CE1 1 
ATOM   449  C CE2 . TYR A 1 59 ? 17.642  -13.301 -8.299  1.00 22.23 ? 59  TYR A CE2 1 
ATOM   450  C CZ  . TYR A 1 59 ? 16.948  -13.592 -7.130  1.00 24.50 ? 59  TYR A CZ  1 
ATOM   451  O OH  . TYR A 1 59 ? 17.117  -14.812 -6.512  1.00 23.01 ? 59  TYR A OH  1 
ATOM   452  N N   . ASP A 1 60 ? 17.991  -6.940  -10.028 1.00 24.86 ? 60  ASP A N   1 
ATOM   453  C CA  . ASP A 1 60 ? 17.840  -5.725  -10.818 1.00 26.81 ? 60  ASP A CA  1 
ATOM   454  C C   . ASP A 1 60 ? 17.560  -5.994  -12.289 1.00 25.47 ? 60  ASP A C   1 
ATOM   455  O O   . ASP A 1 60 ? 17.821  -7.083  -12.792 1.00 24.09 ? 60  ASP A O   1 
ATOM   456  C CB  . ASP A 1 60 ? 19.091  -4.854  -10.704 1.00 28.92 ? 60  ASP A CB  1 
ATOM   457  C CG  . ASP A 1 60 ? 19.395  -4.446  -9.274  1.00 32.71 ? 60  ASP A CG  1 
ATOM   458  O OD1 . ASP A 1 60 ? 18.456  -4.056  -8.545  1.00 32.50 ? 60  ASP A OD1 1 
ATOM   459  O OD2 . ASP A 1 60 ? 20.582  -4.504  -8.886  1.00 34.61 ? 60  ASP A OD2 1 
ATOM   460  N N   . GLN A 1 61 ? 17.019  -4.985  -12.966 1.00 24.22 ? 61  GLN A N   1 
ATOM   461  C CA  . GLN A 1 61 ? 16.719  -5.064  -14.391 1.00 23.91 ? 61  GLN A CA  1 
ATOM   462  C C   . GLN A 1 61 ? 15.918  -6.306  -14.764 1.00 23.44 ? 61  GLN A C   1 
ATOM   463  O O   . GLN A 1 61 ? 16.227  -6.978  -15.745 1.00 22.62 ? 61  GLN A O   1 
ATOM   464  C CB  . GLN A 1 61 ? 18.022  -5.044  -15.197 1.00 25.07 ? 61  GLN A CB  1 
ATOM   465  C CG  . GLN A 1 61 ? 18.997  -3.963  -14.786 1.00 29.38 ? 61  GLN A CG  1 
ATOM   466  C CD  . GLN A 1 61 ? 18.553  -2.585  -15.204 1.00 33.22 ? 61  GLN A CD  1 
ATOM   467  O OE1 . GLN A 1 61 ? 17.402  -2.202  -15.005 1.00 36.21 ? 61  GLN A OE1 1 
ATOM   468  N NE2 . GLN A 1 61 ? 19.472  -1.822  -15.787 1.00 37.42 ? 61  GLN A NE2 1 
ATOM   469  N N   . ILE A 1 62 ? 14.896  -6.613  -13.972 1.00 22.89 ? 62  ILE A N   1 
ATOM   470  C CA  . ILE A 1 62 ? 14.037  -7.757  -14.241 1.00 22.78 ? 62  ILE A CA  1 
ATOM   471  C C   . ILE A 1 62 ? 12.800  -7.281  -15.000 1.00 21.33 ? 62  ILE A C   1 
ATOM   472  O O   . ILE A 1 62 ? 12.145  -6.325  -14.597 1.00 21.10 ? 62  ILE A O   1 
ATOM   473  C CB  . ILE A 1 62 ? 13.585  -8.440  -12.933 1.00 22.81 ? 62  ILE A CB  1 
ATOM   474  C CG1 . ILE A 1 62 ? 14.803  -9.001  -12.197 1.00 24.70 ? 62  ILE A CG1 1 
ATOM   475  C CG2 . ILE A 1 62 ? 12.576  -9.541  -13.240 1.00 23.13 ? 62  ILE A CG2 1 
ATOM   476  C CD1 . ILE A 1 62 ? 15.554  -10.063 -12.971 1.00 24.51 ? 62  ILE A CD1 1 
ATOM   477  N N   . PRO A 1 63 ? 12.481  -7.927  -16.130 1.00 22.96 ? 63  PRO A N   1 
ATOM   478  C CA  . PRO A 1 63 ? 11.303  -7.522  -16.905 1.00 21.84 ? 63  PRO A CA  1 
ATOM   479  C C   . PRO A 1 63 ? 10.011  -7.937  -16.211 1.00 22.91 ? 63  PRO A C   1 
ATOM   480  O O   . PRO A 1 63 ? 9.875   -9.084  -15.781 1.00 24.24 ? 63  PRO A O   1 
ATOM   481  C CB  . PRO A 1 63 ? 11.487  -8.256  -18.237 1.00 23.88 ? 63  PRO A CB  1 
ATOM   482  C CG  . PRO A 1 63 ? 12.988  -8.473  -18.311 1.00 21.97 ? 63  PRO A CG  1 
ATOM   483  C CD  . PRO A 1 63 ? 13.318  -8.862  -16.900 1.00 20.80 ? 63  PRO A CD  1 
ATOM   484  N N   . VAL A 1 64 ? 9.073   -7.002  -16.089 1.00 21.88 ? 64  VAL A N   1 
ATOM   485  C CA  . VAL A 1 64 ? 7.782   -7.294  -15.478 1.00 23.46 ? 64  VAL A CA  1 
ATOM   486  C C   . VAL A 1 64 ? 6.679   -6.638  -16.307 1.00 23.73 ? 64  VAL A C   1 
ATOM   487  O O   . VAL A 1 64 ? 6.662   -5.418  -16.468 1.00 26.85 ? 64  VAL A O   1 
ATOM   488  C CB  . VAL A 1 64 ? 7.692   -6.758  -14.030 1.00 22.82 ? 64  VAL A CB  1 
ATOM   489  C CG1 . VAL A 1 64 ? 6.312   -7.068  -13.445 1.00 22.57 ? 64  VAL A CG1 1 
ATOM   490  C CG2 . VAL A 1 64 ? 8.780   -7.385  -13.170 1.00 21.88 ? 64  VAL A CG2 1 
ATOM   491  N N   . GLU A 1 65 ? 5.777   -7.441  -16.858 1.00 25.27 ? 65  GLU A N   1 
ATOM   492  C CA  . GLU A 1 65 ? 4.681   -6.884  -17.641 1.00 27.63 ? 65  GLU A CA  1 
ATOM   493  C C   . GLU A 1 65 ? 3.485   -6.762  -16.700 1.00 27.94 ? 65  GLU A C   1 
ATOM   494  O O   . GLU A 1 65 ? 3.078   -7.736  -16.064 1.00 27.06 ? 65  GLU A O   1 
ATOM   495  C CB  . GLU A 1 65 ? 4.342   -7.792  -18.826 1.00 29.00 ? 65  GLU A CB  1 
ATOM   496  C CG  . GLU A 1 65 ? 3.482   -7.118  -19.886 1.00 30.31 ? 65  GLU A CG  1 
ATOM   497  C CD  . GLU A 1 65 ? 3.205   -8.026  -21.077 1.00 33.19 ? 65  GLU A CD  1 
ATOM   498  O OE1 . GLU A 1 65 ? 2.408   -8.975  -20.928 1.00 32.95 ? 65  GLU A OE1 1 
ATOM   499  O OE2 . GLU A 1 65 ? 3.792   -7.796  -22.159 1.00 33.04 ? 65  GLU A OE2 1 
ATOM   500  N N   . ILE A 1 66 ? 2.939   -5.556  -16.598 1.00 27.88 ? 66  ILE A N   1 
ATOM   501  C CA  . ILE A 1 66 ? 1.811   -5.311  -15.712 1.00 27.59 ? 66  ILE A CA  1 
ATOM   502  C C   . ILE A 1 66 ? 0.532   -5.055  -16.494 1.00 27.50 ? 66  ILE A C   1 
ATOM   503  O O   . ILE A 1 66 ? 0.386   -4.021  -17.150 1.00 26.04 ? 66  ILE A O   1 
ATOM   504  C CB  . ILE A 1 66 ? 2.091   -4.098  -14.789 1.00 27.34 ? 66  ILE A CB  1 
ATOM   505  C CG1 . ILE A 1 66 ? 3.378   -4.340  -13.998 1.00 25.99 ? 66  ILE A CG1 1 
ATOM   506  C CG2 . ILE A 1 66 ? 0.908   -3.867  -13.840 1.00 26.78 ? 66  ILE A CG2 1 
ATOM   507  C CD1 . ILE A 1 66 ? 3.983   -3.082  -13.403 1.00 28.48 ? 66  ILE A CD1 1 
ATOM   508  N N   . CYS A 1 67 ? -0.391  -6.008  -16.427 1.00 28.02 ? 67  CYS A N   1 
ATOM   509  C CA  . CYS A 1 67 ? -1.666  -5.872  -17.113 1.00 29.58 ? 67  CYS A CA  1 
ATOM   510  C C   . CYS A 1 67 ? -1.429  -5.463  -18.568 1.00 29.52 ? 67  CYS A C   1 
ATOM   511  O O   . CYS A 1 67 ? -2.124  -4.598  -19.098 1.00 28.42 ? 67  CYS A O   1 
ATOM   512  C CB  . CYS A 1 67 ? -2.508  -4.811  -16.390 1.00 31.68 ? 67  CYS A CB  1 
ATOM   513  S SG  . CYS A 1 67 ? -4.242  -4.727  -16.867 1.00 40.08 ? 67  CYS A SG  1 
ATOM   514  N N   . GLY A 1 68 ? -0.427  -6.074  -19.199 1.00 30.53 ? 68  GLY A N   1 
ATOM   515  C CA  . GLY A 1 68 ? -0.120  -5.761  -20.584 1.00 29.49 ? 68  GLY A CA  1 
ATOM   516  C C   . GLY A 1 68 ? 0.892   -4.647  -20.791 1.00 30.18 ? 68  GLY A C   1 
ATOM   517  O O   . GLY A 1 68 ? 1.497   -4.547  -21.862 1.00 30.69 ? 68  GLY A O   1 
ATOM   518  N N   . HIS A 1 69 ? 1.081   -3.802  -19.779 1.00 27.41 ? 69  HIS A N   1 
ATOM   519  C CA  . HIS A 1 69 ? 2.035   -2.700  -19.872 1.00 25.96 ? 69  HIS A CA  1 
ATOM   520  C C   . HIS A 1 69 ? 3.424   -3.173  -19.441 1.00 25.20 ? 69  HIS A C   1 
ATOM   521  O O   . HIS A 1 69 ? 3.617   -3.594  -18.304 1.00 22.84 ? 69  HIS A O   1 
ATOM   522  C CB  . HIS A 1 69 ? 1.584   -1.536  -18.986 1.00 24.71 ? 69  HIS A CB  1 
ATOM   523  C CG  . HIS A 1 69 ? 0.309   -0.897  -19.437 1.00 23.35 ? 69  HIS A CG  1 
ATOM   524  N ND1 . HIS A 1 69 ? 0.242   0.417   -19.848 1.00 24.75 ? 69  HIS A ND1 1 
ATOM   525  C CD2 . HIS A 1 69 ? -0.945  -1.395  -19.566 1.00 24.04 ? 69  HIS A CD2 1 
ATOM   526  C CE1 . HIS A 1 69 ? -0.996  0.701   -20.214 1.00 24.12 ? 69  HIS A CE1 1 
ATOM   527  N NE2 . HIS A 1 69 ? -1.735  -0.382  -20.053 1.00 26.28 ? 69  HIS A NE2 1 
ATOM   528  N N   . LYS A 1 70 ? 4.390   -3.091  -20.351 1.00 23.76 ? 70  LYS A N   1 
ATOM   529  C CA  . LYS A 1 70 ? 5.750   -3.540  -20.064 1.00 23.06 ? 70  LYS A CA  1 
ATOM   530  C C   . LYS A 1 70 ? 6.567   -2.600  -19.184 1.00 22.02 ? 70  LYS A C   1 
ATOM   531  O O   . LYS A 1 70 ? 6.517   -1.381  -19.334 1.00 20.31 ? 70  LYS A O   1 
ATOM   532  C CB  . LYS A 1 70 ? 6.517   -3.776  -21.372 1.00 24.05 ? 70  LYS A CB  1 
ATOM   533  C CG  . LYS A 1 70 ? 6.028   -4.956  -22.202 1.00 24.70 ? 70  LYS A CG  1 
ATOM   534  C CD  . LYS A 1 70 ? 6.926   -5.158  -23.422 1.00 26.44 ? 70  LYS A CD  1 
ATOM   535  C CE  . LYS A 1 70 ? 6.587   -6.438  -24.173 1.00 27.14 ? 70  LYS A CE  1 
ATOM   536  N NZ  . LYS A 1 70 ? 5.224   -6.393  -24.767 1.00 29.31 ? 70  LYS A NZ  1 
ATOM   537  N N   . ALA A 1 71 ? 7.328   -3.193  -18.271 1.00 20.75 ? 71  ALA A N   1 
ATOM   538  C CA  . ALA A 1 71 ? 8.196   -2.443  -17.374 1.00 21.76 ? 71  ALA A CA  1 
ATOM   539  C C   . ALA A 1 71 ? 9.448   -3.286  -17.125 1.00 23.60 ? 71  ALA A C   1 
ATOM   540  O O   . ALA A 1 71 ? 9.521   -4.443  -17.544 1.00 23.57 ? 71  ALA A O   1 
ATOM   541  C CB  . ALA A 1 71 ? 7.476   -2.147  -16.055 1.00 22.86 ? 71  ALA A CB  1 
ATOM   542  N N   . ILE A 1 72 ? 10.437  -2.699  -16.459 1.00 23.00 ? 72  ILE A N   1 
ATOM   543  C CA  . ILE A 1 72 ? 11.672  -3.409  -16.149 1.00 22.48 ? 72  ILE A CA  1 
ATOM   544  C C   . ILE A 1 72 ? 12.404  -2.667  -15.041 1.00 21.31 ? 72  ILE A C   1 
ATOM   545  O O   . ILE A 1 72 ? 12.692  -1.475  -15.161 1.00 23.40 ? 72  ILE A O   1 
ATOM   546  C CB  . ILE A 1 72 ? 12.607  -3.532  -17.391 1.00 22.36 ? 72  ILE A CB  1 
ATOM   547  C CG1 . ILE A 1 72 ? 13.866  -4.322  -17.005 1.00 21.11 ? 72  ILE A CG1 1 
ATOM   548  C CG2 . ILE A 1 72 ? 12.967  -2.145  -17.926 1.00 23.06 ? 72  ILE A CG2 1 
ATOM   549  C CD1 . ILE A 1 72 ? 14.907  -4.430  -18.096 1.00 21.87 ? 72  ILE A CD1 1 
ATOM   550  N N   . GLY A 1 73 ? 12.685  -3.369  -13.953 1.00 22.02 ? 73  GLY A N   1 
ATOM   551  C CA  . GLY A 1 73 ? 13.377  -2.736  -12.849 1.00 22.41 ? 73  GLY A CA  1 
ATOM   552  C C   . GLY A 1 73 ? 13.727  -3.688  -11.725 1.00 20.83 ? 73  GLY A C   1 
ATOM   553  O O   . GLY A 1 73 ? 13.808  -4.899  -11.925 1.00 20.56 ? 73  GLY A O   1 
ATOM   554  N N   . THR A 1 74 ? 13.930  -3.137  -10.535 1.00 19.78 ? 74  THR A N   1 
ATOM   555  C CA  . THR A 1 74 ? 14.289  -3.939  -9.382  1.00 19.90 ? 74  THR A CA  1 
ATOM   556  C C   . THR A 1 74 ? 13.098  -4.676  -8.792  1.00 22.52 ? 74  THR A C   1 
ATOM   557  O O   . THR A 1 74 ? 12.044  -4.089  -8.551  1.00 22.52 ? 74  THR A O   1 
ATOM   558  C CB  . THR A 1 74 ? 14.932  -3.074  -8.291  1.00 22.31 ? 74  THR A CB  1 
ATOM   559  O OG1 . THR A 1 74 ? 16.126  -2.469  -8.808  1.00 20.46 ? 74  THR A OG1 1 
ATOM   560  C CG2 . THR A 1 74 ? 15.274  -3.920  -7.077  1.00 19.12 ? 74  THR A CG2 1 
ATOM   561  N N   . VAL A 1 75 ? 13.280  -5.974  -8.574  1.00 22.22 ? 75  VAL A N   1 
ATOM   562  C CA  . VAL A 1 75 ? 12.248  -6.830  -8.003  1.00 24.18 ? 75  VAL A CA  1 
ATOM   563  C C   . VAL A 1 75 ? 12.800  -7.514  -6.760  1.00 24.21 ? 75  VAL A C   1 
ATOM   564  O O   . VAL A 1 75 ? 13.879  -8.099  -6.806  1.00 25.23 ? 75  VAL A O   1 
ATOM   565  C CB  . VAL A 1 75 ? 11.801  -7.926  -9.001  1.00 24.13 ? 75  VAL A CB  1 
ATOM   566  C CG1 . VAL A 1 75 ? 10.898  -8.935  -8.297  1.00 24.76 ? 75  VAL A CG1 1 
ATOM   567  C CG2 . VAL A 1 75 ? 11.061  -7.291  -10.174 1.00 24.21 ? 75  VAL A CG2 1 
ATOM   568  N N   . LEU A 1 76 ? 12.060  -7.434  -5.656  1.00 23.56 ? 76  LEU A N   1 
ATOM   569  C CA  . LEU A 1 76 ? 12.477  -8.058  -4.404  1.00 23.98 ? 76  LEU A CA  1 
ATOM   570  C C   . LEU A 1 76 ? 11.684  -9.344  -4.199  1.00 24.41 ? 76  LEU A C   1 
ATOM   571  O O   . LEU A 1 76 ? 10.473  -9.389  -4.458  1.00 25.72 ? 76  LEU A O   1 
ATOM   572  C CB  . LEU A 1 76 ? 12.245  -7.105  -3.225  1.00 22.51 ? 76  LEU A CB  1 
ATOM   573  C CG  . LEU A 1 76 ? 12.765  -5.673  -3.389  1.00 20.90 ? 76  LEU A CG  1 
ATOM   574  C CD1 . LEU A 1 76 ? 12.500  -4.895  -2.113  1.00 20.01 ? 76  LEU A CD1 1 
ATOM   575  C CD2 . LEU A 1 76 ? 14.258  -5.679  -3.710  1.00 18.19 ? 76  LEU A CD2 1 
ATOM   576  N N   . VAL A 1 77 ? 12.372  -10.391 -3.751  1.00 23.09 ? 77  VAL A N   1 
ATOM   577  C CA  . VAL A 1 77 ? 11.749  -11.692 -3.518  1.00 23.28 ? 77  VAL A CA  1 
ATOM   578  C C   . VAL A 1 77 ? 11.972  -12.136 -2.073  1.00 22.40 ? 77  VAL A C   1 
ATOM   579  O O   . VAL A 1 77 ? 13.097  -12.128 -1.577  1.00 23.25 ? 77  VAL A O   1 
ATOM   580  C CB  . VAL A 1 77 ? 12.336  -12.767 -4.475  1.00 23.49 ? 77  VAL A CB  1 
ATOM   581  C CG1 . VAL A 1 77 ? 11.614  -14.091 -4.293  1.00 21.52 ? 77  VAL A CG1 1 
ATOM   582  C CG2 . VAL A 1 77 ? 12.222  -12.293 -5.919  1.00 23.45 ? 77  VAL A CG2 1 
ATOM   583  N N   . GLY A 1 78 ? 10.895  -12.522 -1.402  1.00 22.41 ? 78  GLY A N   1 
ATOM   584  C CA  . GLY A 1 78 ? 11.002  -12.949 -0.022  1.00 22.36 ? 78  GLY A CA  1 
ATOM   585  C C   . GLY A 1 78 ? 9.666   -13.411 0.530   1.00 22.28 ? 78  GLY A C   1 
ATOM   586  O O   . GLY A 1 78 ? 8.693   -13.536 -0.217  1.00 21.45 ? 78  GLY A O   1 
ATOM   587  N N   . PRO A 1 79 ? 9.587   -13.661 1.846   1.00 23.19 ? 79  PRO A N   1 
ATOM   588  C CA  . PRO A 1 79 ? 8.377   -14.120 2.533   1.00 23.50 ? 79  PRO A CA  1 
ATOM   589  C C   . PRO A 1 79 ? 7.304   -13.057 2.748   1.00 24.05 ? 79  PRO A C   1 
ATOM   590  O O   . PRO A 1 79 ? 6.942   -12.751 3.889   1.00 24.27 ? 79  PRO A O   1 
ATOM   591  C CB  . PRO A 1 79 ? 8.926   -14.654 3.846   1.00 23.93 ? 79  PRO A CB  1 
ATOM   592  C CG  . PRO A 1 79 ? 10.021  -13.695 4.136   1.00 25.68 ? 79  PRO A CG  1 
ATOM   593  C CD  . PRO A 1 79 ? 10.716  -13.581 2.791   1.00 25.12 ? 79  PRO A CD  1 
ATOM   594  N N   . THR A 1 80 ? 6.803   -12.490 1.653   1.00 23.70 ? 80  THR A N   1 
ATOM   595  C CA  . THR A 1 80 ? 5.752   -11.481 1.731   1.00 24.27 ? 80  THR A CA  1 
ATOM   596  C C   . THR A 1 80 ? 4.390   -12.161 1.625   1.00 25.04 ? 80  THR A C   1 
ATOM   597  O O   . THR A 1 80 ? 4.215   -13.101 0.853   1.00 26.48 ? 80  THR A O   1 
ATOM   598  C CB  . THR A 1 80 ? 5.863   -10.452 0.590   1.00 23.45 ? 80  THR A CB  1 
ATOM   599  O OG1 . THR A 1 80 ? 4.750   -9.551  0.658   1.00 22.37 ? 80  THR A OG1 1 
ATOM   600  C CG2 . THR A 1 80 ? 5.866   -11.146 -0.761  1.00 20.15 ? 80  THR A CG2 1 
ATOM   601  N N   . PRO A 1 81 ? 3.404   -11.699 2.406   1.00 26.82 ? 81  PRO A N   1 
ATOM   602  C CA  . PRO A 1 81 ? 2.069   -12.306 2.352   1.00 27.12 ? 81  PRO A CA  1 
ATOM   603  C C   . PRO A 1 81 ? 1.314   -12.046 1.045   1.00 27.65 ? 81  PRO A C   1 
ATOM   604  O O   . PRO A 1 81 ? 0.159   -12.462 0.900   1.00 29.03 ? 81  PRO A O   1 
ATOM   605  C CB  . PRO A 1 81 ? 1.367   -11.695 3.560   1.00 28.14 ? 81  PRO A CB  1 
ATOM   606  C CG  . PRO A 1 81 ? 2.006   -10.341 3.667   1.00 28.63 ? 81  PRO A CG  1 
ATOM   607  C CD  . PRO A 1 81 ? 3.468   -10.648 3.436   1.00 26.96 ? 81  PRO A CD  1 
ATOM   608  N N   . ALA A 1 82 ? 1.956   -11.361 0.096   1.00 25.67 ? 82  ALA A N   1 
ATOM   609  C CA  . ALA A 1 82 ? 1.313   -11.071 -1.192  1.00 24.86 ? 82  ALA A CA  1 
ATOM   610  C C   . ALA A 1 82 ? 2.242   -10.448 -2.229  1.00 23.37 ? 82  ALA A C   1 
ATOM   611  O O   . ALA A 1 82 ? 3.174   -9.714  -1.889  1.00 25.09 ? 82  ALA A O   1 
ATOM   612  C CB  . ALA A 1 82 ? 0.104   -10.158 -0.972  1.00 24.02 ? 82  ALA A CB  1 
ATOM   613  N N   . ASN A 1 83 ? 1.994   -10.752 -3.500  1.00 23.14 ? 83  ASN A N   1 
ATOM   614  C CA  . ASN A 1 83 ? 2.799   -10.186 -4.574  1.00 23.29 ? 83  ASN A CA  1 
ATOM   615  C C   . ASN A 1 83 ? 2.423   -8.718  -4.642  1.00 22.72 ? 83  ASN A C   1 
ATOM   616  O O   . ASN A 1 83 ? 1.239   -8.368  -4.777  1.00 21.63 ? 83  ASN A O   1 
ATOM   617  C CB  . ASN A 1 83 ? 2.510   -10.881 -5.889  1.00 24.52 ? 83  ASN A CB  1 
ATOM   618  C CG  . ASN A 1 83 ? 2.995   -12.308 -5.890  1.00 27.53 ? 83  ASN A CG  1 
ATOM   619  O OD1 . ASN A 1 83 ? 4.155   -12.589 -5.573  1.00 27.41 ? 83  ASN A OD1 1 
ATOM   620  N ND2 . ASN A 1 83 ? 2.109   -13.218 -6.249  1.00 27.83 ? 83  ASN A ND2 1 
ATOM   621  N N   . ILE A 1 84 ? 3.439   -7.869  -4.516  1.00 20.14 ? 84  ILE A N   1 
ATOM   622  C CA  . ILE A 1 84 ? 3.243   -6.426  -4.475  1.00 21.85 ? 84  ILE A CA  1 
ATOM   623  C C   . ILE A 1 84 ? 3.973   -5.568  -5.514  1.00 20.19 ? 84  ILE A C   1 
ATOM   624  O O   . ILE A 1 84 ? 5.193   -5.625  -5.631  1.00 21.55 ? 84  ILE A O   1 
ATOM   625  C CB  . ILE A 1 84 ? 3.637   -5.956  -3.073  1.00 23.51 ? 84  ILE A CB  1 
ATOM   626  C CG1 . ILE A 1 84 ? 2.544   -6.395  -2.086  1.00 26.59 ? 84  ILE A CG1 1 
ATOM   627  C CG2 . ILE A 1 84 ? 3.996   -4.495  -3.089  1.00 23.63 ? 84  ILE A CG2 1 
ATOM   628  C CD1 . ILE A 1 84 ? 2.976   -6.426  -0.651  1.00 30.09 ? 84  ILE A CD1 1 
ATOM   629  N N   . ILE A 1 85 ? 3.227   -4.774  -6.278  1.00 18.84 ? 85  ILE A N   1 
ATOM   630  C CA  . ILE A 1 85 ? 3.863   -3.909  -7.265  1.00 18.11 ? 85  ILE A CA  1 
ATOM   631  C C   . ILE A 1 85 ? 3.991   -2.539  -6.623  1.00 18.60 ? 85  ILE A C   1 
ATOM   632  O O   . ILE A 1 85 ? 2.991   -1.965  -6.228  1.00 17.92 ? 85  ILE A O   1 
ATOM   633  C CB  . ILE A 1 85 ? 3.033   -3.799  -8.572  1.00 20.38 ? 85  ILE A CB  1 
ATOM   634  C CG1 . ILE A 1 85 ? 2.771   -5.190  -9.175  1.00 19.45 ? 85  ILE A CG1 1 
ATOM   635  C CG2 . ILE A 1 85 ? 3.783   -2.915  -9.571  1.00 18.69 ? 85  ILE A CG2 1 
ATOM   636  C CD1 . ILE A 1 85 ? 4.084   -5.982  -9.340  1.00 22.08 ? 85  ILE A CD1 1 
ATOM   637  N N   . GLY A 1 86 ? 5.231   -2.069  -6.444  1.00 15.80 ? 86  GLY A N   1 
ATOM   638  C CA  . GLY A 1 86 ? 5.479   -0.778  -5.824  1.00 15.37 ? 86  GLY A CA  1 
ATOM   639  C C   . GLY A 1 86 ? 5.639   0.360   -6.829  1.00 17.16 ? 86  GLY A C   1 
ATOM   640  O O   . GLY A 1 86 ? 5.578   0.151   -8.049  1.00 16.62 ? 86  GLY A O   1 
ATOM   641  N N   . ARG A 1 87 ? 5.863   1.569   -6.322  1.00 15.92 ? 87  ARG A N   1 
ATOM   642  C CA  . ARG A 1 87 ? 6.004   2.739   -7.174  1.00 18.48 ? 87  ARG A CA  1 
ATOM   643  C C   . ARG A 1 87 ? 7.128   2.674   -8.195  1.00 19.26 ? 87  ARG A C   1 
ATOM   644  O O   . ARG A 1 87 ? 7.032   3.304   -9.252  1.00 20.59 ? 87  ARG A O   1 
ATOM   645  C CB  . ARG A 1 87 ? 6.166   4.005   -6.317  1.00 15.90 ? 87  ARG A CB  1 
ATOM   646  C CG  . ARG A 1 87 ? 4.913   4.385   -5.532  1.00 20.74 ? 87  ARG A CG  1 
ATOM   647  C CD  . ARG A 1 87 ? 5.036   5.746   -4.837  1.00 18.31 ? 87  ARG A CD  1 
ATOM   648  N NE  . ARG A 1 87 ? 6.062   5.757   -3.794  1.00 21.70 ? 87  ARG A NE  1 
ATOM   649  C CZ  . ARG A 1 87 ? 7.299   6.218   -3.962  1.00 19.91 ? 87  ARG A CZ  1 
ATOM   650  N NH1 . ARG A 1 87 ? 7.673   6.714   -5.130  1.00 16.59 ? 87  ARG A NH1 1 
ATOM   651  N NH2 . ARG A 1 87 ? 8.167   6.176   -2.958  1.00 19.73 ? 87  ARG A NH2 1 
ATOM   652  N N   . ASN A 1 88 ? 8.188   1.927   -7.900  1.00 19.97 ? 88  ASN A N   1 
ATOM   653  C CA  . ASN A 1 88 ? 9.313   1.853   -8.829  1.00 20.50 ? 88  ASN A CA  1 
ATOM   654  C C   . ASN A 1 88 ? 8.859   1.385   -10.211 1.00 19.99 ? 88  ASN A C   1 
ATOM   655  O O   . ASN A 1 88 ? 9.425   1.778   -11.231 1.00 19.66 ? 88  ASN A O   1 
ATOM   656  C CB  . ASN A 1 88 ? 10.423  0.933   -8.281  1.00 18.19 ? 88  ASN A CB  1 
ATOM   657  C CG  . ASN A 1 88 ? 10.033  -0.535  -8.277  1.00 17.66 ? 88  ASN A CG  1 
ATOM   658  O OD1 . ASN A 1 88 ? 9.029   -0.924  -7.680  1.00 19.98 ? 88  ASN A OD1 1 
ATOM   659  N ND2 . ASN A 1 88 ? 10.839  -1.360  -8.935  1.00 15.45 ? 88  ASN A ND2 1 
ATOM   660  N N   . LEU A 1 89 ? 7.822   0.554   -10.238 1.00 22.05 ? 89  LEU A N   1 
ATOM   661  C CA  . LEU A 1 89 ? 7.292   0.040   -11.493 1.00 21.80 ? 89  LEU A CA  1 
ATOM   662  C C   . LEU A 1 89 ? 6.014   0.757   -11.928 1.00 21.42 ? 89  LEU A C   1 
ATOM   663  O O   . LEU A 1 89 ? 5.786   0.955   -13.119 1.00 20.56 ? 89  LEU A O   1 
ATOM   664  C CB  . LEU A 1 89 ? 7.038   -1.469  -11.375 1.00 21.20 ? 89  LEU A CB  1 
ATOM   665  C CG  . LEU A 1 89 ? 8.287   -2.322  -11.122 1.00 23.36 ? 89  LEU A CG  1 
ATOM   666  C CD1 . LEU A 1 89 ? 7.912   -3.803  -11.057 1.00 22.37 ? 89  LEU A CD1 1 
ATOM   667  C CD2 . LEU A 1 89 ? 9.289   -2.085  -12.233 1.00 22.12 ? 89  LEU A CD2 1 
ATOM   668  N N   . LEU A 1 90 ? 5.186   1.155   -10.967 1.00 21.11 ? 90  LEU A N   1 
ATOM   669  C CA  . LEU A 1 90 ? 3.944   1.854   -11.287 1.00 20.81 ? 90  LEU A CA  1 
ATOM   670  C C   . LEU A 1 90 ? 4.213   3.152   -12.065 1.00 22.12 ? 90  LEU A C   1 
ATOM   671  O O   . LEU A 1 90 ? 3.423   3.545   -12.924 1.00 20.91 ? 90  LEU A O   1 
ATOM   672  C CB  . LEU A 1 90 ? 3.168   2.163   -10.006 1.00 18.97 ? 90  LEU A CB  1 
ATOM   673  C CG  . LEU A 1 90 ? 2.652   0.941   -9.232  1.00 21.46 ? 90  LEU A CG  1 
ATOM   674  C CD1 . LEU A 1 90 ? 2.177   1.362   -7.845  1.00 20.71 ? 90  LEU A CD1 1 
ATOM   675  C CD2 . LEU A 1 90 ? 1.520   0.273   -10.003 1.00 16.86 ? 90  LEU A CD2 1 
ATOM   676  N N   . THR A 1 91 ? 5.325   3.817   -11.766 1.00 21.35 ? 91  THR A N   1 
ATOM   677  C CA  . THR A 1 91 ? 5.670   5.048   -12.476 1.00 23.11 ? 91  THR A CA  1 
ATOM   678  C C   . THR A 1 91 ? 6.003   4.738   -13.936 1.00 24.18 ? 91  THR A C   1 
ATOM   679  O O   . THR A 1 91 ? 5.732   5.537   -14.832 1.00 24.34 ? 91  THR A O   1 
ATOM   680  C CB  . THR A 1 91 ? 6.893   5.738   -11.851 1.00 22.39 ? 91  THR A CB  1 
ATOM   681  O OG1 . THR A 1 91 ? 7.940   4.774   -11.679 1.00 19.57 ? 91  THR A OG1 1 
ATOM   682  C CG2 . THR A 1 91 ? 6.528   6.368   -10.512 1.00 21.75 ? 91  THR A CG2 1 
ATOM   683  N N   . GLN A 1 92 ? 6.590   3.567   -14.165 1.00 23.84 ? 92  GLN A N   1 
ATOM   684  C CA  . GLN A 1 92 ? 6.977   3.150   -15.506 1.00 23.32 ? 92  GLN A CA  1 
ATOM   685  C C   . GLN A 1 92 ? 5.782   2.890   -16.407 1.00 23.32 ? 92  GLN A C   1 
ATOM   686  O O   . GLN A 1 92 ? 5.870   3.068   -17.619 1.00 21.70 ? 92  GLN A O   1 
ATOM   687  C CB  . GLN A 1 92 ? 7.844   1.892   -15.440 1.00 24.04 ? 92  GLN A CB  1 
ATOM   688  C CG  . GLN A 1 92 ? 9.251   2.126   -14.918 1.00 25.12 ? 92  GLN A CG  1 
ATOM   689  C CD  . GLN A 1 92 ? 10.102  0.870   -14.968 1.00 22.90 ? 92  GLN A CD  1 
ATOM   690  O OE1 . GLN A 1 92 ? 10.039  0.105   -15.922 1.00 24.87 ? 92  GLN A OE1 1 
ATOM   691  N NE2 . GLN A 1 92 ? 10.917  0.663   -13.944 1.00 28.84 ? 92  GLN A NE2 1 
ATOM   692  N N   . ILE A 1 93 ? 4.666   2.458   -15.826 1.00 22.82 ? 93  ILE A N   1 
ATOM   693  C CA  . ILE A 1 93 ? 3.485   2.196   -16.631 1.00 21.69 ? 93  ILE A CA  1 
ATOM   694  C C   . ILE A 1 93 ? 2.524   3.380   -16.650 1.00 21.36 ? 93  ILE A C   1 
ATOM   695  O O   . ILE A 1 93 ? 1.424   3.288   -17.187 1.00 22.26 ? 93  ILE A O   1 
ATOM   696  C CB  . ILE A 1 93 ? 2.751   0.919   -16.165 1.00 21.20 ? 93  ILE A CB  1 
ATOM   697  C CG1 . ILE A 1 93 ? 2.362   1.031   -14.696 1.00 22.91 ? 93  ILE A CG1 1 
ATOM   698  C CG2 . ILE A 1 93 ? 3.637   -0.293  -16.391 1.00 21.76 ? 93  ILE A CG2 1 
ATOM   699  C CD1 . ILE A 1 93 ? 1.565   -0.154  -14.199 1.00 23.18 ? 93  ILE A CD1 1 
ATOM   700  N N   . GLY A 1 94 ? 2.956   4.500   -16.075 1.00 21.17 ? 94  GLY A N   1 
ATOM   701  C CA  . GLY A 1 94 ? 2.134   5.696   -16.058 1.00 22.58 ? 94  GLY A CA  1 
ATOM   702  C C   . GLY A 1 94 ? 0.909   5.610   -15.174 1.00 22.39 ? 94  GLY A C   1 
ATOM   703  O O   . GLY A 1 94 ? -0.144  6.157   -15.504 1.00 21.41 ? 94  GLY A O   1 
ATOM   704  N N   . CYS A 1 95 ? 1.042   4.926   -14.041 1.00 22.96 ? 95  CYS A N   1 
ATOM   705  C CA  . CYS A 1 95 ? -0.075  4.772   -13.123 1.00 22.61 ? 95  CYS A CA  1 
ATOM   706  C C   . CYS A 1 95 ? -0.211  5.983   -12.218 1.00 21.53 ? 95  CYS A C   1 
ATOM   707  O O   . CYS A 1 95 ? 0.771   6.484   -11.669 1.00 20.35 ? 95  CYS A O   1 
ATOM   708  C CB  . CYS A 1 95 ? 0.097   3.514   -12.269 1.00 22.36 ? 95  CYS A CB  1 
ATOM   709  S SG  . CYS A 1 95 ? -1.323  3.198   -11.203 1.00 25.39 ? 95  CYS A SG  1 
ATOM   710  N N   . THR A 1 96 ? -1.442  6.449   -12.061 1.00 22.02 ? 96  THR A N   1 
ATOM   711  C CA  . THR A 1 96 ? -1.711  7.604   -11.219 1.00 21.92 ? 96  THR A CA  1 
ATOM   712  C C   . THR A 1 96 ? -2.899  7.349   -10.304 1.00 21.44 ? 96  THR A C   1 
ATOM   713  O O   . THR A 1 96 ? -3.676  6.418   -10.523 1.00 20.62 ? 96  THR A O   1 
ATOM   714  C CB  . THR A 1 96 ? -2.042  8.853   -12.064 1.00 21.91 ? 96  THR A CB  1 
ATOM   715  O OG1 . THR A 1 96 ? -3.126  8.552   -12.955 1.00 19.70 ? 96  THR A OG1 1 
ATOM   716  C CG2 . THR A 1 96 ? -0.834  9.306   -12.866 1.00 22.12 ? 96  THR A CG2 1 
ATOM   717  N N   . LEU A 1 97 ? -3.015  8.178   -9.270  1.00 19.77 ? 97  LEU A N   1 
ATOM   718  C CA  . LEU A 1 97 ? -4.128  8.110   -8.341  1.00 21.08 ? 97  LEU A CA  1 
ATOM   719  C C   . LEU A 1 97 ? -5.025  9.268   -8.754  1.00 21.78 ? 97  LEU A C   1 
ATOM   720  O O   . LEU A 1 97 ? -4.546  10.385  -8.943  1.00 21.04 ? 97  LEU A O   1 
ATOM   721  C CB  . LEU A 1 97 ? -3.658  8.310   -6.897  1.00 20.72 ? 97  LEU A CB  1 
ATOM   722  C CG  . LEU A 1 97 ? -3.030  7.089   -6.226  1.00 22.58 ? 97  LEU A CG  1 
ATOM   723  C CD1 . LEU A 1 97 ? -2.322  7.510   -4.944  1.00 23.93 ? 97  LEU A CD1 1 
ATOM   724  C CD2 . LEU A 1 97 ? -4.122  6.060   -5.946  1.00 18.20 ? 97  LEU A CD2 1 
ATOM   725  N N   . ASN A 1 98 ? -6.320  9.014   -8.892  1.00 22.03 ? 98  ASN A N   1 
ATOM   726  C CA  . ASN A 1 98 ? -7.224  10.069  -9.314  1.00 23.36 ? 98  ASN A CA  1 
ATOM   727  C C   . ASN A 1 98 ? -8.518  10.164  -8.521  1.00 21.96 ? 98  ASN A C   1 
ATOM   728  O O   . ASN A 1 98 ? -9.176  9.155   -8.271  1.00 21.67 ? 98  ASN A O   1 
ATOM   729  C CB  . ASN A 1 98 ? -7.574  9.893   -10.797 1.00 22.94 ? 98  ASN A CB  1 
ATOM   730  C CG  . ASN A 1 98 ? -6.349  9.844   -11.692 1.00 25.46 ? 98  ASN A CG  1 
ATOM   731  O OD1 . ASN A 1 98 ? -5.616  8.851   -11.718 1.00 26.34 ? 98  ASN A OD1 1 
ATOM   732  N ND2 . ASN A 1 98 ? -6.119  10.924  -12.431 1.00 24.20 ? 98  ASN A ND2 1 
ATOM   733  N N   . PHE A 1 99 ? -8.867  11.389  -8.131  1.00 20.98 ? 99  PHE A N   1 
ATOM   734  C CA  . PHE A 1 99 ? -10.108 11.663  -7.416  1.00 22.09 ? 99  PHE A CA  1 
ATOM   735  C C   . PHE A 1 99 ? -10.482 13.139  -7.553  1.00 22.68 ? 99  PHE A C   1 
ATOM   736  O O   . PHE A 1 99 ? -11.597 13.517  -7.144  1.00 25.07 ? 99  PHE A O   1 
ATOM   737  C CB  . PHE A 1 99 ? -10.025 11.253  -5.930  1.00 22.95 ? 99  PHE A CB  1 
ATOM   738  C CG  . PHE A 1 99 ? -8.936  11.939  -5.146  1.00 23.29 ? 99  PHE A CG  1 
ATOM   739  C CD1 . PHE A 1 99 ? -7.625  11.480  -5.192  1.00 23.63 ? 99  PHE A CD1 1 
ATOM   740  C CD2 . PHE A 1 99 ? -9.240  13.013  -4.310  1.00 23.36 ? 99  PHE A CD2 1 
ATOM   741  C CE1 . PHE A 1 99 ? -6.629  12.076  -4.408  1.00 23.80 ? 99  PHE A CE1 1 
ATOM   742  C CE2 . PHE A 1 99 ? -8.255  13.616  -3.526  1.00 23.56 ? 99  PHE A CE2 1 
ATOM   743  C CZ  . PHE A 1 99 ? -6.946  13.146  -3.574  1.00 24.40 ? 99  PHE A CZ  1 
ATOM   744  O OXT . PHE A 1 99 ? -9.660  13.906  -8.093  1.00 24.17 ? 99  PHE A OXT 1 
ATOM   745  N N   . PRO B 1 1  ? -7.728  15.537  -7.704  1.00 25.10 ? 1   PRO B N   1 
ATOM   746  C CA  . PRO B 1 1  ? -6.528  15.826  -8.516  1.00 25.85 ? 1   PRO B CA  1 
ATOM   747  C C   . PRO B 1 1  ? -5.938  14.527  -9.049  1.00 25.46 ? 1   PRO B C   1 
ATOM   748  O O   . PRO B 1 1  ? -6.413  13.443  -8.713  1.00 26.19 ? 1   PRO B O   1 
ATOM   749  C CB  . PRO B 1 1  ? -5.536  16.502  -7.584  1.00 26.64 ? 1   PRO B CB  1 
ATOM   750  C CG  . PRO B 1 1  ? -5.871  15.809  -6.272  1.00 23.78 ? 1   PRO B CG  1 
ATOM   751  C CD  . PRO B 1 1  ? -7.416  15.739  -6.276  1.00 26.76 ? 1   PRO B CD  1 
ATOM   752  N N   . GLN B 1 2  ? -4.914  14.645  -9.891  1.00 25.21 ? 2   GLN B N   1 
ATOM   753  C CA  . GLN B 1 2  ? -4.219  13.485  -10.430 1.00 24.01 ? 2   GLN B CA  1 
ATOM   754  C C   . GLN B 1 2  ? -2.858  13.491  -9.744  1.00 23.84 ? 2   GLN B C   1 
ATOM   755  O O   . GLN B 1 2  ? -2.153  14.506  -9.737  1.00 24.30 ? 2   GLN B O   1 
ATOM   756  C CB  . GLN B 1 2  ? -4.054  13.578  -11.953 1.00 27.75 ? 2   GLN B CB  1 
ATOM   757  C CG  . GLN B 1 2  ? -3.118  12.504  -12.516 1.00 28.42 ? 2   GLN B CG  1 
ATOM   758  C CD  . GLN B 1 2  ? -3.228  12.323  -14.020 1.00 32.31 ? 2   GLN B CD  1 
ATOM   759  O OE1 . GLN B 1 2  ? -4.154  11.674  -14.517 1.00 32.83 ? 2   GLN B OE1 1 
ATOM   760  N NE2 . GLN B 1 2  ? -2.280  12.896  -14.753 1.00 33.07 ? 2   GLN B NE2 1 
ATOM   761  N N   . ILE B 1 3  ? -2.498  12.359  -9.149  1.00 21.15 ? 3   ILE B N   1 
ATOM   762  C CA  . ILE B 1 3  ? -1.245  12.250  -8.423  1.00 20.98 ? 3   ILE B CA  1 
ATOM   763  C C   . ILE B 1 3  ? -0.350  11.170  -9.025  1.00 21.18 ? 3   ILE B C   1 
ATOM   764  O O   . ILE B 1 3  ? -0.742  10.010  -9.104  1.00 21.63 ? 3   ILE B O   1 
ATOM   765  C CB  . ILE B 1 3  ? -1.522  11.913  -6.930  1.00 20.29 ? 3   ILE B CB  1 
ATOM   766  C CG1 . ILE B 1 3  ? -2.481  12.948  -6.340  1.00 19.55 ? 3   ILE B CG1 1 
ATOM   767  C CG2 . ILE B 1 3  ? -0.221  11.882  -6.144  1.00 18.03 ? 3   ILE B CG2 1 
ATOM   768  C CD1 . ILE B 1 3  ? -2.856  12.698  -4.884  1.00 18.13 ? 3   ILE B CD1 1 
ATOM   769  N N   . THR B 1 4  ? 0.844   11.564  -9.463  1.00 21.88 ? 4   THR B N   1 
ATOM   770  C CA  . THR B 1 4  ? 1.796   10.620  -10.036 1.00 22.06 ? 4   THR B CA  1 
ATOM   771  C C   . THR B 1 4  ? 2.518   9.945   -8.881  1.00 21.96 ? 4   THR B C   1 
ATOM   772  O O   . THR B 1 4  ? 2.393   10.366  -7.725  1.00 22.79 ? 4   THR B O   1 
ATOM   773  C CB  . THR B 1 4  ? 2.818   11.318  -10.961 1.00 21.95 ? 4   THR B CB  1 
ATOM   774  O OG1 . THR B 1 4  ? 3.456   12.386  -10.255 1.00 24.00 ? 4   THR B OG1 1 
ATOM   775  C CG2 . THR B 1 4  ? 2.125   11.873  -12.196 1.00 21.45 ? 4   THR B CG2 1 
ATOM   776  N N   . LEU B 1 5  ? 3.301   8.923   -9.187  1.00 20.08 ? 5   LEU B N   1 
ATOM   777  C CA  . LEU B 1 5  ? 3.960   8.172   -8.136  1.00 21.34 ? 5   LEU B CA  1 
ATOM   778  C C   . LEU B 1 5  ? 5.481   8.209   -8.081  1.00 21.24 ? 5   LEU B C   1 
ATOM   779  O O   . LEU B 1 5  ? 6.095   7.250   -7.609  1.00 21.13 ? 5   LEU B O   1 
ATOM   780  C CB  . LEU B 1 5  ? 3.483   6.716   -8.217  1.00 19.67 ? 5   LEU B CB  1 
ATOM   781  C CG  . LEU B 1 5  ? 1.963   6.542   -8.139  1.00 20.10 ? 5   LEU B CG  1 
ATOM   782  C CD1 . LEU B 1 5  ? 1.589   5.100   -8.462  1.00 19.57 ? 5   LEU B CD1 1 
ATOM   783  C CD2 . LEU B 1 5  ? 1.479   6.934   -6.745  1.00 20.07 ? 5   LEU B CD2 1 
ATOM   784  N N   . TRP B 1 6  ? 6.094   9.294   -8.550  1.00 22.57 ? 6   TRP B N   1 
ATOM   785  C CA  . TRP B 1 6  ? 7.555   9.394   -8.521  1.00 24.85 ? 6   TRP B CA  1 
ATOM   786  C C   . TRP B 1 6  ? 8.012   9.612   -7.092  1.00 25.02 ? 6   TRP B C   1 
ATOM   787  O O   . TRP B 1 6  ? 9.162   9.360   -6.748  1.00 24.83 ? 6   TRP B O   1 
ATOM   788  C CB  . TRP B 1 6  ? 8.050   10.534  -9.417  1.00 26.66 ? 6   TRP B CB  1 
ATOM   789  C CG  . TRP B 1 6  ? 7.638   10.359  -10.846 1.00 28.94 ? 6   TRP B CG  1 
ATOM   790  C CD1 . TRP B 1 6  ? 6.605   10.987  -11.487 1.00 31.48 ? 6   TRP B CD1 1 
ATOM   791  C CD2 . TRP B 1 6  ? 8.196   9.441   -11.792 1.00 31.07 ? 6   TRP B CD2 1 
ATOM   792  N NE1 . TRP B 1 6  ? 6.483   10.511  -12.770 1.00 31.89 ? 6   TRP B NE1 1 
ATOM   793  C CE2 . TRP B 1 6  ? 7.448   9.561   -12.984 1.00 32.81 ? 6   TRP B CE2 1 
ATOM   794  C CE3 . TRP B 1 6  ? 9.256   8.523   -11.746 1.00 31.62 ? 6   TRP B CE3 1 
ATOM   795  C CZ2 . TRP B 1 6  ? 7.725   8.797   -14.125 1.00 33.71 ? 6   TRP B CZ2 1 
ATOM   796  C CZ3 . TRP B 1 6  ? 9.531   7.763   -12.880 1.00 33.91 ? 6   TRP B CZ3 1 
ATOM   797  C CH2 . TRP B 1 6  ? 8.767   7.907   -14.055 1.00 35.03 ? 6   TRP B CH2 1 
ATOM   798  N N   . LYS B 1 7  ? 7.093   10.092  -6.264  1.00 24.95 ? 7   LYS B N   1 
ATOM   799  C CA  . LYS B 1 7  ? 7.366   10.316  -4.854  1.00 24.72 ? 7   LYS B CA  1 
ATOM   800  C C   . LYS B 1 7  ? 6.201   9.691   -4.101  1.00 25.39 ? 7   LYS B C   1 
ATOM   801  O O   . LYS B 1 7  ? 5.179   9.352   -4.703  1.00 26.35 ? 7   LYS B O   1 
ATOM   802  C CB  . LYS B 1 7  ? 7.451   11.806  -4.566  1.00 27.25 ? 7   LYS B CB  1 
ATOM   803  N N   . ARG B 1 8  ? 6.349   9.519   -2.793  1.00 25.02 ? 8   ARG B N   1 
ATOM   804  C CA  . ARG B 1 8  ? 5.269   8.952   -1.999  1.00 23.17 ? 8   ARG B CA  1 
ATOM   805  C C   . ARG B 1 8  ? 4.050   9.871   -2.117  1.00 22.12 ? 8   ARG B C   1 
ATOM   806  O O   . ARG B 1 8  ? 4.174   11.094  -2.030  1.00 21.17 ? 8   ARG B O   1 
ATOM   807  C CB  . ARG B 1 8  ? 5.703   8.823   -0.538  1.00 23.17 ? 8   ARG B CB  1 
ATOM   808  C CG  . ARG B 1 8  ? 6.674   7.675   -0.291  1.00 26.89 ? 8   ARG B CG  1 
ATOM   809  C CD  . ARG B 1 8  ? 7.298   7.748   1.095   1.00 28.94 ? 8   ARG B CD  1 
ATOM   810  N NE  . ARG B 1 8  ? 8.066   6.543   1.405   1.00 29.83 ? 8   ARG B NE  1 
ATOM   811  C CZ  . ARG B 1 8  ? 8.890   6.423   2.442   1.00 32.42 ? 8   ARG B CZ  1 
ATOM   812  N NH1 . ARG B 1 8  ? 9.059   7.438   3.278   1.00 32.54 ? 8   ARG B NH1 1 
ATOM   813  N NH2 . ARG B 1 8  ? 9.549   5.289   2.641   1.00 30.90 ? 8   ARG B NH2 1 
ATOM   814  N N   . PRO B 1 9  ? 2.858   9.290   -2.343  1.00 20.36 ? 9   PRO B N   1 
ATOM   815  C CA  . PRO B 1 9  ? 1.617   10.064  -2.473  1.00 20.90 ? 9   PRO B CA  1 
ATOM   816  C C   . PRO B 1 9  ? 1.065   10.524  -1.122  1.00 22.21 ? 9   PRO B C   1 
ATOM   817  O O   . PRO B 1 9  ? 0.037   10.031  -0.644  1.00 21.47 ? 9   PRO B O   1 
ATOM   818  C CB  . PRO B 1 9  ? 0.681   9.097   -3.204  1.00 19.46 ? 9   PRO B CB  1 
ATOM   819  C CG  . PRO B 1 9  ? 1.129   7.758   -2.684  1.00 20.07 ? 9   PRO B CG  1 
ATOM   820  C CD  . PRO B 1 9  ? 2.642   7.875   -2.694  1.00 18.78 ? 9   PRO B CD  1 
ATOM   821  N N   . LEU B 1 10 ? 1.758   11.480  -0.515  1.00 22.96 ? 10  LEU B N   1 
ATOM   822  C CA  . LEU B 1 10 ? 1.365   12.017  0.783   1.00 24.99 ? 10  LEU B CA  1 
ATOM   823  C C   . LEU B 1 10 ? 0.479   13.251  0.628   1.00 24.74 ? 10  LEU B C   1 
ATOM   824  O O   . LEU B 1 10 ? 0.729   14.105  -0.221  1.00 25.12 ? 10  LEU B O   1 
ATOM   825  C CB  . LEU B 1 10 ? 2.613   12.399  1.587   1.00 26.63 ? 10  LEU B CB  1 
ATOM   826  C CG  . LEU B 1 10 ? 3.649   11.310  1.891   1.00 27.31 ? 10  LEU B CG  1 
ATOM   827  C CD1 . LEU B 1 10 ? 4.918   11.954  2.427   1.00 28.75 ? 10  LEU B CD1 1 
ATOM   828  C CD2 . LEU B 1 10 ? 3.088   10.319  2.901   1.00 26.77 ? 10  LEU B CD2 1 
ATOM   829  N N   . VAL B 1 11 ? -0.564  13.341  1.446   1.00 23.84 ? 11  VAL B N   1 
ATOM   830  C CA  . VAL B 1 11 ? -1.448  14.503  1.404   1.00 21.85 ? 11  VAL B CA  1 
ATOM   831  C C   . VAL B 1 11 ? -1.785  14.898  2.834   1.00 20.91 ? 11  VAL B C   1 
ATOM   832  O O   . VAL B 1 11 ? -1.549  14.133  3.766   1.00 20.05 ? 11  VAL B O   1 
ATOM   833  C CB  . VAL B 1 11 ? -2.770  14.207  0.658   1.00 20.73 ? 11  VAL B CB  1 
ATOM   834  C CG1 . VAL B 1 11 ? -2.482  13.702  -0.748  1.00 22.36 ? 11  VAL B CG1 1 
ATOM   835  C CG2 . VAL B 1 11 ? -3.590  13.202  1.441   1.00 19.63 ? 11  VAL B CG2 1 
ATOM   836  N N   . THR B 1 12 ? -2.338  16.091  3.004   1.00 21.10 ? 12  THR B N   1 
ATOM   837  C CA  . THR B 1 12 ? -2.714  16.558  4.328   1.00 22.14 ? 12  THR B CA  1 
ATOM   838  C C   . THR B 1 12 ? -4.150  16.139  4.590   1.00 21.65 ? 12  THR B C   1 
ATOM   839  O O   . THR B 1 12 ? -4.971  16.095  3.671   1.00 22.80 ? 12  THR B O   1 
ATOM   840  C CB  . THR B 1 12 ? -2.606  18.094  4.438   1.00 23.02 ? 12  THR B CB  1 
ATOM   841  O OG1 . THR B 1 12 ? -1.267  18.497  4.140   1.00 24.25 ? 12  THR B OG1 1 
ATOM   842  C CG2 . THR B 1 12 ? -2.963  18.559  5.840   1.00 23.28 ? 12  THR B CG2 1 
ATOM   843  N N   . ILE B 1 13 ? -4.446  15.806  5.839   1.00 21.77 ? 13  ILE B N   1 
ATOM   844  C CA  . ILE B 1 13 ? -5.791  15.407  6.204   1.00 21.43 ? 13  ILE B CA  1 
ATOM   845  C C   . ILE B 1 13 ? -6.186  16.149  7.474   1.00 22.52 ? 13  ILE B C   1 
ATOM   846  O O   . ILE B 1 13 ? -5.328  16.675  8.184   1.00 20.80 ? 13  ILE B O   1 
ATOM   847  C CB  . ILE B 1 13 ? -5.881  13.879  6.462   1.00 21.56 ? 13  ILE B CB  1 
ATOM   848  C CG1 . ILE B 1 13 ? -5.039  13.497  7.677   1.00 21.86 ? 13  ILE B CG1 1 
ATOM   849  C CG2 . ILE B 1 13 ? -5.384  13.115  5.245   1.00 20.06 ? 13  ILE B CG2 1 
ATOM   850  C CD1 . ILE B 1 13 ? -5.208  12.050  8.099   1.00 23.08 ? 13  ILE B CD1 1 
ATOM   851  N N   . ARG B 1 14 ? -7.486  16.212  7.733   1.00 22.63 ? 14  ARG B N   1 
ATOM   852  C CA  . ARG B 1 14 ? -8.009  16.859  8.934   1.00 24.57 ? 14  ARG B CA  1 
ATOM   853  C C   . ARG B 1 14 ? -8.731  15.762  9.674   1.00 22.72 ? 14  ARG B C   1 
ATOM   854  O O   . ARG B 1 14 ? -9.599  15.106  9.094   1.00 21.18 ? 14  ARG B O   1 
ATOM   855  C CB  . ARG B 1 14 ? -9.038  17.950  8.601   1.00 27.38 ? 14  ARG B CB  1 
ATOM   856  C CG  . ARG B 1 14 ? -8.489  19.232  8.017   1.00 33.71 ? 14  ARG B CG  1 
ATOM   857  C CD  . ARG B 1 14 ? -9.593  20.288  7.921   1.00 36.99 ? 14  ARG B CD  1 
ATOM   858  N NE  . ARG B 1 14 ? -10.252 20.489  9.209   1.00 41.73 ? 14  ARG B NE  1 
ATOM   859  C CZ  . ARG B 1 14 ? -11.467 20.040  9.515   1.00 43.34 ? 14  ARG B CZ  1 
ATOM   860  N NH1 . ARG B 1 14 ? -12.181 19.361  8.625   1.00 44.23 ? 14  ARG B NH1 1 
ATOM   861  N NH2 . ARG B 1 14 ? -11.965 20.268  10.721  1.00 44.18 ? 14  ARG B NH2 1 
ATOM   862  N N   . ILE B 1 15 ? -8.376  15.554  10.938  1.00 21.94 ? 15  ILE B N   1 
ATOM   863  C CA  . ILE B 1 15 ? -9.028  14.535  11.751  1.00 23.53 ? 15  ILE B CA  1 
ATOM   864  C C   . ILE B 1 15 ? -9.048  14.995  13.209  1.00 25.26 ? 15  ILE B C   1 
ATOM   865  O O   . ILE B 1 15 ? -8.043  15.486  13.732  1.00 24.30 ? 15  ILE B O   1 
ATOM   866  C CB  . ILE B 1 15 ? -8.319  13.142  11.619  1.00 23.50 ? 15  ILE B CB  1 
ATOM   867  C CG1 . ILE B 1 15 ? -9.062  12.101  12.462  1.00 25.24 ? 15  ILE B CG1 1 
ATOM   868  C CG2 . ILE B 1 15 ? -6.855  13.235  12.047  1.00 21.95 ? 15  ILE B CG2 1 
ATOM   869  C CD1 . ILE B 1 15 ? -8.612  10.660  12.220  1.00 23.60 ? 15  ILE B CD1 1 
ATOM   870  N N   . GLY B 1 16 ? -10.203 14.859  13.853  1.00 25.09 ? 16  GLY B N   1 
ATOM   871  C CA  . GLY B 1 16 ? -10.327 15.281  15.237  1.00 26.57 ? 16  GLY B CA  1 
ATOM   872  C C   . GLY B 1 16 ? -9.963  16.747  15.402  1.00 25.68 ? 16  GLY B C   1 
ATOM   873  O O   . GLY B 1 16 ? -9.574  17.179  16.486  1.00 26.00 ? 16  GLY B O   1 
ATOM   874  N N   . GLY B 1 17 ? -10.087 17.507  14.316  1.00 25.41 ? 17  GLY B N   1 
ATOM   875  C CA  . GLY B 1 17 ? -9.762  18.921  14.341  1.00 24.42 ? 17  GLY B CA  1 
ATOM   876  C C   . GLY B 1 17 ? -8.285  19.215  14.138  1.00 26.73 ? 17  GLY B C   1 
ATOM   877  O O   . GLY B 1 17 ? -7.880  20.380  14.067  1.00 26.90 ? 17  GLY B O   1 
ATOM   878  N N   . GLN B 1 18 ? -7.472  18.168  14.040  1.00 25.89 ? 18  GLN B N   1 
ATOM   879  C CA  . GLN B 1 18 ? -6.033  18.337  13.847  1.00 26.45 ? 18  GLN B CA  1 
ATOM   880  C C   . GLN B 1 18 ? -5.601  18.025  12.412  1.00 25.38 ? 18  GLN B C   1 
ATOM   881  O O   . GLN B 1 18 ? -6.263  17.259  11.708  1.00 26.15 ? 18  GLN B O   1 
ATOM   882  C CB  . GLN B 1 18 ? -5.268  17.425  14.816  1.00 28.47 ? 18  GLN B CB  1 
ATOM   883  C CG  . GLN B 1 18 ? -3.752  17.620  14.788  1.00 34.11 ? 18  GLN B CG  1 
ATOM   884  C CD  . GLN B 1 18 ? -3.008  16.724  15.772  1.00 35.79 ? 18  GLN B CD  1 
ATOM   885  O OE1 . GLN B 1 18 ? -1.997  17.128  16.350  1.00 37.93 ? 18  GLN B OE1 1 
ATOM   886  N NE2 . GLN B 1 18 ? -3.497  15.502  15.956  1.00 36.55 ? 18  GLN B NE2 1 
ATOM   887  N N   . LEU B 1 19 ? -4.489  18.619  11.985  1.00 24.32 ? 19  LEU B N   1 
ATOM   888  C CA  . LEU B 1 19 ? -3.951  18.380  10.644  1.00 24.07 ? 19  LEU B CA  1 
ATOM   889  C C   . LEU B 1 19 ? -2.827  17.349  10.724  1.00 26.16 ? 19  LEU B C   1 
ATOM   890  O O   . LEU B 1 19 ? -2.023  17.365  11.659  1.00 26.38 ? 19  LEU B O   1 
ATOM   891  C CB  . LEU B 1 19 ? -3.391  19.669  10.035  1.00 25.12 ? 19  LEU B CB  1 
ATOM   892  C CG  . LEU B 1 19 ? -4.335  20.859  9.828   1.00 25.55 ? 19  LEU B CG  1 
ATOM   893  C CD1 . LEU B 1 19 ? -3.605  21.971  9.083   1.00 24.98 ? 19  LEU B CD1 1 
ATOM   894  C CD2 . LEU B 1 19 ? -5.552  20.412  9.042   1.00 25.41 ? 19  LEU B CD2 1 
ATOM   895  N N   . LYS B 1 20 ? -2.773  16.455  9.743   1.00 24.28 ? 20  LYS B N   1 
ATOM   896  C CA  . LYS B 1 20 ? -1.740  15.424  9.701   1.00 24.91 ? 20  LYS B CA  1 
ATOM   897  C C   . LYS B 1 20 ? -1.412  15.082  8.257   1.00 24.49 ? 20  LYS B C   1 
ATOM   898  O O   . LYS B 1 20 ? -2.202  15.354  7.348   1.00 23.91 ? 20  LYS B O   1 
ATOM   899  C CB  . LYS B 1 20 ? -2.222  14.160  10.414  1.00 25.53 ? 20  LYS B CB  1 
ATOM   900  C CG  . LYS B 1 20 ? -1.881  14.079  11.890  1.00 29.35 ? 20  LYS B CG  1 
ATOM   901  C CD  . LYS B 1 20 ? -2.726  13.012  12.583  1.00 31.31 ? 20  LYS B CD  1 
ATOM   902  C CE  . LYS B 1 20 ? -2.102  12.568  13.900  1.00 33.05 ? 20  LYS B CE  1 
ATOM   903  N NZ  . LYS B 1 20 ? -1.664  13.706  14.756  1.00 37.36 ? 20  LYS B NZ  1 
ATOM   904  N N   . GLU B 1 21 ? -0.244  14.486  8.044   1.00 22.86 ? 21  GLU B N   1 
ATOM   905  C CA  . GLU B 1 21 ? 0.150   14.077  6.704   1.00 22.45 ? 21  GLU B CA  1 
ATOM   906  C C   . GLU B 1 21 ? -0.048  12.567  6.655   1.00 21.02 ? 21  GLU B C   1 
ATOM   907  O O   . GLU B 1 21 ? 0.346   11.858  7.581   1.00 20.96 ? 21  GLU B O   1 
ATOM   908  C CB  . GLU B 1 21 ? 1.611   14.436  6.433   1.00 22.52 ? 21  GLU B CB  1 
ATOM   909  C CG  . GLU B 1 21 ? 2.075   14.083  5.027   1.00 28.94 ? 21  GLU B CG  1 
ATOM   910  C CD  . GLU B 1 21 ? 3.416   14.712  4.672   1.00 33.69 ? 21  GLU B CD  1 
ATOM   911  O OE1 . GLU B 1 21 ? 4.417   14.419  5.365   1.00 33.78 ? 21  GLU B OE1 1 
ATOM   912  O OE2 . GLU B 1 21 ? 3.464   15.499  3.699   1.00 33.36 ? 21  GLU B OE2 1 
ATOM   913  N N   . ALA B 1 22 ? -0.674  12.081  5.589   1.00 18.86 ? 22  ALA B N   1 
ATOM   914  C CA  . ALA B 1 22 ? -0.936  10.652  5.446   1.00 19.69 ? 22  ALA B CA  1 
ATOM   915  C C   . ALA B 1 22 ? -0.627  10.183  4.034   1.00 18.51 ? 22  ALA B C   1 
ATOM   916  O O   . ALA B 1 22 ? -0.596  10.977  3.100   1.00 17.65 ? 22  ALA B O   1 
ATOM   917  C CB  . ALA B 1 22 ? -2.395  10.347  5.791   1.00 16.44 ? 22  ALA B CB  1 
ATOM   918  N N   . LEU B 1 23 ? -0.417  8.879   3.889   1.00 18.57 ? 23  LEU B N   1 
ATOM   919  C CA  . LEU B 1 23 ? -0.083  8.280   2.600   1.00 19.69 ? 23  LEU B CA  1 
ATOM   920  C C   . LEU B 1 23 ? -1.280  7.582   1.950   1.00 18.91 ? 23  LEU B C   1 
ATOM   921  O O   . LEU B 1 23 ? -1.912  6.729   2.574   1.00 20.40 ? 23  LEU B O   1 
ATOM   922  C CB  . LEU B 1 23 ? 1.045   7.262   2.804   1.00 21.20 ? 23  LEU B CB  1 
ATOM   923  C CG  . LEU B 1 23 ? 1.557   6.459   1.603   1.00 22.38 ? 23  LEU B CG  1 
ATOM   924  C CD1 . LEU B 1 23 ? 2.451   7.343   0.742   1.00 20.99 ? 23  LEU B CD1 1 
ATOM   925  C CD2 . LEU B 1 23 ? 2.346   5.252   2.102   1.00 23.83 ? 23  LEU B CD2 1 
ATOM   926  N N   . LEU B 1 24 ? -1.588  7.946   0.706   1.00 18.84 ? 24  LEU B N   1 
ATOM   927  C CA  . LEU B 1 24 ? -2.690  7.318   -0.033  1.00 19.46 ? 24  LEU B CA  1 
ATOM   928  C C   . LEU B 1 24 ? -2.158  5.936   -0.401  1.00 20.00 ? 24  LEU B C   1 
ATOM   929  O O   . LEU B 1 24 ? -1.314  5.799   -1.285  1.00 21.61 ? 24  LEU B O   1 
ATOM   930  C CB  . LEU B 1 24 ? -3.018  8.126   -1.293  1.00 19.24 ? 24  LEU B CB  1 
ATOM   931  C CG  . LEU B 1 24 ? -3.328  9.614   -1.082  1.00 18.27 ? 24  LEU B CG  1 
ATOM   932  C CD1 . LEU B 1 24 ? -3.718  10.243  -2.414  1.00 18.59 ? 24  LEU B CD1 1 
ATOM   933  C CD2 . LEU B 1 24 ? -4.448  9.790   -0.071  1.00 17.27 ? 24  LEU B CD2 1 
ATOM   934  N N   . ASN B 1 25 ? -2.666  4.913   0.281   1.00 20.43 ? 25  ASN B N   1 
ATOM   935  C CA  . ASN B 1 25 ? -2.185  3.545   0.108   1.00 17.85 ? 25  ASN B CA  1 
ATOM   936  C C   . ASN B 1 25 ? -3.202  2.554   -0.466  1.00 17.52 ? 25  ASN B C   1 
ATOM   937  O O   . ASN B 1 25 ? -4.063  2.059   0.257   1.00 14.20 ? 25  ASN B O   1 
ATOM   938  C CB  . ASN B 1 25 ? -1.715  3.056   1.478   1.00 19.13 ? 25  ASN B CB  1 
ATOM   939  C CG  . ASN B 1 25 ? -0.914  1.784   1.414   1.00 18.12 ? 25  ASN B CG  1 
ATOM   940  O OD1 . ASN B 1 25 ? -0.968  1.040   0.441   1.00 17.77 ? 25  ASN B OD1 1 
ATOM   941  N ND2 . ASN B 1 25 ? -0.169  1.523   2.475   1.00 20.06 ? 25  ASN B ND2 1 
ATOM   942  N N   . THR B 1 26 ? -3.085  2.241   -1.753  1.00 17.16 ? 26  THR B N   1 
ATOM   943  C CA  . THR B 1 26 ? -4.015  1.302   -2.380  1.00 18.00 ? 26  THR B CA  1 
ATOM   944  C C   . THR B 1 26 ? -3.731  -0.147  -1.964  1.00 17.87 ? 26  THR B C   1 
ATOM   945  O O   . THR B 1 26 ? -4.530  -1.047  -2.233  1.00 16.88 ? 26  THR B O   1 
ATOM   946  C CB  . THR B 1 26 ? -3.974  1.417   -3.917  1.00 17.82 ? 26  THR B CB  1 
ATOM   947  O OG1 . THR B 1 26 ? -2.662  1.097   -4.390  1.00 20.52 ? 26  THR B OG1 1 
ATOM   948  C CG2 . THR B 1 26 ? -4.322  2.848   -4.357  1.00 18.82 ? 26  THR B CG2 1 
ATOM   949  N N   . GLY B 1 27 ? -2.605  -0.360  -1.289  1.00 17.24 ? 27  GLY B N   1 
ATOM   950  C CA  . GLY B 1 27 ? -2.242  -1.690  -0.823  1.00 17.71 ? 27  GLY B CA  1 
ATOM   951  C C   . GLY B 1 27 ? -2.682  -1.968  0.612   1.00 18.24 ? 27  GLY B C   1 
ATOM   952  O O   . GLY B 1 27 ? -2.303  -2.979  1.210   1.00 17.52 ? 27  GLY B O   1 
ATOM   953  N N   . ALA B 1 28 ? -3.479  -1.067  1.172   1.00 16.54 ? 28  ALA B N   1 
ATOM   954  C CA  . ALA B 1 28 ? -3.986  -1.228  2.535   1.00 16.56 ? 28  ALA B CA  1 
ATOM   955  C C   . ALA B 1 28 ? -5.514  -1.315  2.520   1.00 17.33 ? 28  ALA B C   1 
ATOM   956  O O   . ALA B 1 28 ? -6.184  -0.457  1.941   1.00 17.89 ? 28  ALA B O   1 
ATOM   957  C CB  . ALA B 1 28 ? -3.537  -0.050  3.405   1.00 14.94 ? 28  ALA B CB  1 
ATOM   958  N N   . ASP B 1 29 ? -6.070  -2.351  3.138   1.00 18.53 ? 29  ASP B N   1 
ATOM   959  C CA  . ASP B 1 29 ? -7.526  -2.493  3.180   1.00 20.70 ? 29  ASP B CA  1 
ATOM   960  C C   . ASP B 1 29 ? -8.120  -1.434  4.100   1.00 19.73 ? 29  ASP B C   1 
ATOM   961  O O   . ASP B 1 29 ? -9.220  -0.936  3.862   1.00 20.23 ? 29  ASP B O   1 
ATOM   962  C CB  . ASP B 1 29 ? -7.951  -3.863  3.720   1.00 19.90 ? 29  ASP B CB  1 
ATOM   963  C CG  . ASP B 1 29 ? -7.548  -5.007  2.818   1.00 22.58 ? 29  ASP B CG  1 
ATOM   964  O OD1 . ASP B 1 29 ? -7.394  -4.794  1.602   1.00 24.93 ? 29  ASP B OD1 1 
ATOM   965  O OD2 . ASP B 1 29 ? -7.406  -6.133  3.331   1.00 24.70 ? 29  ASP B OD2 1 
ATOM   966  N N   . ASP B 1 30 ? -7.379  -1.097  5.150   1.00 20.74 ? 30  ASP B N   1 
ATOM   967  C CA  . ASP B 1 30 ? -7.835  -0.129  6.136   1.00 22.07 ? 30  ASP B CA  1 
ATOM   968  C C   . ASP B 1 30 ? -6.914  1.068   6.308   1.00 21.43 ? 30  ASP B C   1 
ATOM   969  O O   . ASP B 1 30 ? -5.819  1.131   5.748   1.00 20.51 ? 30  ASP B O   1 
ATOM   970  C CB  . ASP B 1 30 ? -7.999  -0.819  7.489   1.00 25.18 ? 30  ASP B CB  1 
ATOM   971  C CG  . ASP B 1 30 ? -8.849  -2.066  7.404   1.00 28.60 ? 30  ASP B CG  1 
ATOM   972  O OD1 . ASP B 1 30 ? -10.060 -1.938  7.137   1.00 31.83 ? 30  ASP B OD1 1 
ATOM   973  O OD2 . ASP B 1 30 ? -8.303  -3.175  7.596   1.00 32.42 ? 30  ASP B OD2 1 
ATOM   974  N N   . THR B 1 31 ? -7.377  2.011   7.116   1.00 20.94 ? 31  THR B N   1 
ATOM   975  C CA  . THR B 1 31 ? -6.645  3.229   7.406   1.00 18.40 ? 31  THR B CA  1 
ATOM   976  C C   . THR B 1 31 ? -6.044  3.097   8.806   1.00 19.42 ? 31  THR B C   1 
ATOM   977  O O   . THR B 1 31 ? -6.744  2.747   9.756   1.00 18.18 ? 31  THR B O   1 
ATOM   978  C CB  . THR B 1 31 ? -7.603  4.437   7.364   1.00 19.80 ? 31  THR B CB  1 
ATOM   979  O OG1 . THR B 1 31 ? -8.092  4.609   6.025   1.00 20.57 ? 31  THR B OG1 1 
ATOM   980  C CG2 . THR B 1 31 ? -6.901  5.707   7.820   1.00 19.77 ? 31  THR B CG2 1 
ATOM   981  N N   . VAL B 1 32 ? -4.746  3.369   8.928   1.00 19.34 ? 32  VAL B N   1 
ATOM   982  C CA  . VAL B 1 32 ? -4.067  3.278   10.219  1.00 18.96 ? 32  VAL B CA  1 
ATOM   983  C C   . VAL B 1 32 ? -3.201  4.505   10.438  1.00 17.84 ? 32  VAL B C   1 
ATOM   984  O O   . VAL B 1 32 ? -2.381  4.856   9.589   1.00 16.35 ? 32  VAL B O   1 
ATOM   985  C CB  . VAL B 1 32 ? -3.138  2.034   10.317  1.00 18.59 ? 32  VAL B CB  1 
ATOM   986  C CG1 . VAL B 1 32 ? -2.793  1.768   11.772  1.00 19.82 ? 32  VAL B CG1 1 
ATOM   987  C CG2 . VAL B 1 32 ? -3.805  0.826   9.709   1.00 22.46 ? 32  VAL B CG2 1 
ATOM   988  N N   . LEU B 1 33 ? -3.381  5.147   11.586  1.00 18.18 ? 33  LEU B N   1 
ATOM   989  C CA  . LEU B 1 33 ? -2.616  6.330   11.929  1.00 17.68 ? 33  LEU B CA  1 
ATOM   990  C C   . LEU B 1 33 ? -1.742  6.062   13.142  1.00 20.16 ? 33  LEU B C   1 
ATOM   991  O O   . LEU B 1 33 ? -2.032  5.183   13.956  1.00 19.07 ? 33  LEU B O   1 
ATOM   992  C CB  . LEU B 1 33 ? -3.554  7.501   12.232  1.00 18.20 ? 33  LEU B CB  1 
ATOM   993  C CG  . LEU B 1 33 ? -4.565  7.876   11.144  1.00 19.32 ? 33  LEU B CG  1 
ATOM   994  C CD1 . LEU B 1 33 ? -5.424  9.029   11.631  1.00 18.32 ? 33  LEU B CD1 1 
ATOM   995  C CD2 . LEU B 1 33 ? -3.836  8.260   9.865   1.00 17.94 ? 33  LEU B CD2 1 
ATOM   996  N N   . GLU B 1 34 ? -0.660  6.822   13.248  1.00 21.43 ? 34  GLU B N   1 
ATOM   997  C CA  . GLU B 1 34 ? 0.255   6.703   14.365  1.00 23.68 ? 34  GLU B CA  1 
ATOM   998  C C   . GLU B 1 34 ? -0.520  7.028   15.634  1.00 25.02 ? 34  GLU B C   1 
ATOM   999  O O   . GLU B 1 34 ? -1.601  7.624   15.576  1.00 24.30 ? 34  GLU B O   1 
ATOM   1000 C CB  . GLU B 1 34 ? 1.409   7.678   14.173  1.00 25.41 ? 34  GLU B CB  1 
ATOM   1001 C CG  . GLU B 1 34 ? 2.122   7.463   12.846  1.00 28.79 ? 34  GLU B CG  1 
ATOM   1002 C CD  . GLU B 1 34 ? 3.049   8.599   12.473  1.00 31.42 ? 34  GLU B CD  1 
ATOM   1003 O OE1 . GLU B 1 34 ? 3.757   8.465   11.453  1.00 30.01 ? 34  GLU B OE1 1 
ATOM   1004 O OE2 . GLU B 1 34 ? 3.068   9.624   13.191  1.00 32.90 ? 34  GLU B OE2 1 
ATOM   1005 N N   . GLU B 1 35 ? 0.030   6.629   16.774  1.00 25.69 ? 35  GLU B N   1 
ATOM   1006 C CA  . GLU B 1 35 ? -0.613  6.862   18.057  1.00 29.49 ? 35  GLU B CA  1 
ATOM   1007 C C   . GLU B 1 35 ? -1.117  8.297   18.198  1.00 28.13 ? 35  GLU B C   1 
ATOM   1008 O O   . GLU B 1 35 ? -0.397  9.249   17.912  1.00 29.84 ? 35  GLU B O   1 
ATOM   1009 C CB  . GLU B 1 35 ? 0.350   6.549   19.201  1.00 31.51 ? 35  GLU B CB  1 
ATOM   1010 C CG  . GLU B 1 35 ? -0.349  6.391   20.542  1.00 38.71 ? 35  GLU B CG  1 
ATOM   1011 C CD  . GLU B 1 35 ? -1.364  5.264   20.525  1.00 42.21 ? 35  GLU B CD  1 
ATOM   1012 O OE1 . GLU B 1 35 ? -0.975  4.132   20.161  1.00 45.27 ? 35  GLU B OE1 1 
ATOM   1013 O OE2 . GLU B 1 35 ? -2.545  5.506   20.873  1.00 46.02 ? 35  GLU B OE2 1 
ATOM   1014 N N   . MET B 1 36 ? -2.361  8.432   18.643  1.00 27.42 ? 36  MET B N   1 
ATOM   1015 C CA  . MET B 1 36 ? -2.988  9.737   18.831  1.00 29.07 ? 36  MET B CA  1 
ATOM   1016 C C   . MET B 1 36 ? -4.308  9.533   19.578  1.00 30.00 ? 36  MET B C   1 
ATOM   1017 O O   . MET B 1 36 ? -4.767  8.402   19.752  1.00 29.89 ? 36  MET B O   1 
ATOM   1018 C CB  . MET B 1 36 ? -3.281  10.381  17.472  1.00 27.87 ? 36  MET B CB  1 
ATOM   1019 C CG  . MET B 1 36 ? -4.410  9.691   16.718  1.00 28.42 ? 36  MET B CG  1 
ATOM   1020 S SD  . MET B 1 36 ? -4.746  10.353  15.079  1.00 27.08 ? 36  MET B SD  1 
ATOM   1021 C CE  . MET B 1 36 ? -5.489  11.951  15.483  1.00 26.63 ? 36  MET B CE  1 
ATOM   1022 N N   . ASN B 1 37 ? -4.916  10.628  20.016  1.00 29.31 ? 37  ASN B N   1 
ATOM   1023 C CA  . ASN B 1 37 ? -6.193  10.550  20.709  1.00 29.14 ? 37  ASN B CA  1 
ATOM   1024 C C   . ASN B 1 37 ? -7.329  10.830  19.726  1.00 27.60 ? 37  ASN B C   1 
ATOM   1025 O O   . ASN B 1 37 ? -7.216  11.697  18.864  1.00 26.94 ? 37  ASN B O   1 
ATOM   1026 C CB  . ASN B 1 37 ? -6.248  11.578  21.844  1.00 32.40 ? 37  ASN B CB  1 
ATOM   1027 C CG  . ASN B 1 37 ? -5.326  11.230  23.003  1.00 33.61 ? 37  ASN B CG  1 
ATOM   1028 O OD1 . ASN B 1 37 ? -5.035  12.078  23.845  1.00 39.38 ? 37  ASN B OD1 1 
ATOM   1029 N ND2 . ASN B 1 37 ? -4.877  9.985   23.058  1.00 34.05 ? 37  ASN B ND2 1 
ATOM   1030 N N   . LEU B 1 38 ? -8.413  10.075  19.849  1.00 26.27 ? 38  LEU B N   1 
ATOM   1031 C CA  . LEU B 1 38 ? -9.586  10.266  19.010  1.00 26.49 ? 38  LEU B CA  1 
ATOM   1032 C C   . LEU B 1 38 ? -10.810 10.118  19.901  1.00 26.72 ? 38  LEU B C   1 
ATOM   1033 O O   . LEU B 1 38 ? -10.837 9.273   20.792  1.00 26.29 ? 38  LEU B O   1 
ATOM   1034 C CB  . LEU B 1 38 ? -9.630  9.244   17.867  1.00 26.54 ? 38  LEU B CB  1 
ATOM   1035 C CG  . LEU B 1 38 ? -8.652  9.493   16.710  1.00 26.84 ? 38  LEU B CG  1 
ATOM   1036 C CD1 . LEU B 1 38 ? -8.815  8.413   15.640  1.00 26.13 ? 38  LEU B CD1 1 
ATOM   1037 C CD2 . LEU B 1 38 ? -8.914  10.872  16.108  1.00 27.47 ? 38  LEU B CD2 1 
ATOM   1038 N N   . PRO B 1 39 ? -11.832 10.955  19.684  1.00 26.94 ? 39  PRO B N   1 
ATOM   1039 C CA  . PRO B 1 39 ? -13.050 10.888  20.498  1.00 27.53 ? 39  PRO B CA  1 
ATOM   1040 C C   . PRO B 1 39 ? -13.852 9.606   20.305  1.00 27.99 ? 39  PRO B C   1 
ATOM   1041 O O   . PRO B 1 39 ? -13.812 8.990   19.235  1.00 27.77 ? 39  PRO B O   1 
ATOM   1042 C CB  . PRO B 1 39 ? -13.839 12.121  20.050  1.00 27.25 ? 39  PRO B CB  1 
ATOM   1043 C CG  . PRO B 1 39 ? -12.770 13.064  19.550  1.00 28.19 ? 39  PRO B CG  1 
ATOM   1044 C CD  . PRO B 1 39 ? -11.865 12.127  18.791  1.00 27.37 ? 39  PRO B CD  1 
ATOM   1045 N N   . GLY B 1 40 ? -14.572 9.212   21.352  1.00 26.97 ? 40  GLY B N   1 
ATOM   1046 C CA  . GLY B 1 40 ? -15.408 8.026   21.279  1.00 28.18 ? 40  GLY B CA  1 
ATOM   1047 C C   . GLY B 1 40 ? -14.801 6.738   21.800  1.00 27.70 ? 40  GLY B C   1 
ATOM   1048 O O   . GLY B 1 40 ? -13.655 6.702   22.252  1.00 28.39 ? 40  GLY B O   1 
ATOM   1049 N N   . LYS B 1 41 ? -15.585 5.669   21.726  1.00 26.39 ? 41  LYS B N   1 
ATOM   1050 C CA  . LYS B 1 41 ? -15.146 4.362   22.186  1.00 28.14 ? 41  LYS B CA  1 
ATOM   1051 C C   . LYS B 1 41 ? -14.357 3.652   21.093  1.00 27.99 ? 41  LYS B C   1 
ATOM   1052 O O   . LYS B 1 41 ? -14.557 3.894   19.904  1.00 28.09 ? 41  LYS B O   1 
ATOM   1053 C CB  . LYS B 1 41 ? -16.354 3.518   22.587  1.00 29.15 ? 41  LYS B CB  1 
ATOM   1054 N N   . TRP B 1 42 ? -13.444 2.784   21.498  1.00 27.43 ? 42  TRP B N   1 
ATOM   1055 C CA  . TRP B 1 42 ? -12.663 2.040   20.523  1.00 27.46 ? 42  TRP B CA  1 
ATOM   1056 C C   . TRP B 1 42 ? -12.611 0.585   20.947  1.00 26.66 ? 42  TRP B C   1 
ATOM   1057 O O   . TRP B 1 42 ? -12.878 0.262   22.102  1.00 25.90 ? 42  TRP B O   1 
ATOM   1058 C CB  . TRP B 1 42 ? -11.239 2.606   20.390  1.00 27.06 ? 42  TRP B CB  1 
ATOM   1059 C CG  . TRP B 1 42 ? -10.457 2.724   21.675  1.00 26.31 ? 42  TRP B CG  1 
ATOM   1060 C CD1 . TRP B 1 42 ? -10.457 3.781   22.542  1.00 27.56 ? 42  TRP B CD1 1 
ATOM   1061 C CD2 . TRP B 1 42 ? -9.527  1.770   22.207  1.00 25.72 ? 42  TRP B CD2 1 
ATOM   1062 N NE1 . TRP B 1 42 ? -9.580  3.546   23.578  1.00 25.90 ? 42  TRP B NE1 1 
ATOM   1063 C CE2 . TRP B 1 42 ? -8.997  2.319   23.396  1.00 26.48 ? 42  TRP B CE2 1 
ATOM   1064 C CE3 . TRP B 1 42 ? -9.089  0.504   21.793  1.00 26.64 ? 42  TRP B CE3 1 
ATOM   1065 C CZ2 . TRP B 1 42 ? -8.048  1.645   24.177  1.00 26.88 ? 42  TRP B CZ2 1 
ATOM   1066 C CZ3 . TRP B 1 42 ? -8.142  -0.168  22.572  1.00 28.56 ? 42  TRP B CZ3 1 
ATOM   1067 C CH2 . TRP B 1 42 ? -7.634  0.409   23.751  1.00 28.40 ? 42  TRP B CH2 1 
ATOM   1068 N N   . LYS B 1 43 ? -12.281 -0.288  20.003  1.00 26.59 ? 43  LYS B N   1 
ATOM   1069 C CA  . LYS B 1 43 ? -12.190 -1.708  20.293  1.00 27.90 ? 43  LYS B CA  1 
ATOM   1070 C C   . LYS B 1 43 ? -10.819 -2.229  19.885  1.00 26.66 ? 43  LYS B C   1 
ATOM   1071 O O   . LYS B 1 43 ? -10.320 -1.899  18.811  1.00 25.51 ? 43  LYS B O   1 
ATOM   1072 C CB  . LYS B 1 43 ? -13.286 -2.465  19.539  1.00 29.16 ? 43  LYS B CB  1 
ATOM   1073 N N   . PRO B 1 44 ? -10.190 -3.049  20.743  1.00 27.24 ? 44  PRO B N   1 
ATOM   1074 C CA  . PRO B 1 44 ? -8.868  -3.608  20.440  1.00 26.45 ? 44  PRO B CA  1 
ATOM   1075 C C   . PRO B 1 44 ? -8.938  -4.453  19.166  1.00 27.99 ? 44  PRO B C   1 
ATOM   1076 O O   . PRO B 1 44 ? -9.859  -5.257  18.994  1.00 28.49 ? 44  PRO B O   1 
ATOM   1077 C CB  . PRO B 1 44 ? -8.562  -4.462  21.671  1.00 27.21 ? 44  PRO B CB  1 
ATOM   1078 C CG  . PRO B 1 44 ? -9.367  -3.820  22.761  1.00 25.88 ? 44  PRO B CG  1 
ATOM   1079 C CD  . PRO B 1 44 ? -10.660 -3.501  22.063  1.00 25.05 ? 44  PRO B CD  1 
ATOM   1080 N N   . LYS B 1 45 ? -7.972  -4.271  18.276  1.00 25.69 ? 45  LYS B N   1 
ATOM   1081 C CA  . LYS B 1 45 ? -7.945  -5.020  17.032  1.00 24.28 ? 45  LYS B CA  1 
ATOM   1082 C C   . LYS B 1 45 ? -6.520  -5.354  16.622  1.00 22.15 ? 45  LYS B C   1 
ATOM   1083 O O   . LYS B 1 45 ? -5.559  -4.943  17.262  1.00 23.89 ? 45  LYS B O   1 
ATOM   1084 C CB  . LYS B 1 45 ? -8.621  -4.217  15.927  1.00 25.39 ? 45  LYS B CB  1 
ATOM   1085 N N   . MET B 1 46 ? -6.396  -6.122  15.551  1.00 21.12 ? 46  MET B N   1 
ATOM   1086 C CA  . MET B 1 46 ? -5.094  -6.485  15.023  1.00 20.90 ? 46  MET B CA  1 
ATOM   1087 C C   . MET B 1 46 ? -5.171  -6.434  13.507  1.00 20.72 ? 46  MET B C   1 
ATOM   1088 O O   . MET B 1 46 ? -6.220  -6.715  12.932  1.00 22.33 ? 46  MET B O   1 
ATOM   1089 C CB  . MET B 1 46 ? -4.694  -7.893  15.480  1.00 22.24 ? 46  MET B CB  1 
ATOM   1090 C CG  . MET B 1 46 ? -4.309  -7.991  16.963  1.00 25.99 ? 46  MET B CG  1 
ATOM   1091 S SD  . MET B 1 46 ? -3.712  -9.638  17.456  1.00 27.32 ? 46  MET B SD  1 
ATOM   1092 C CE  . MET B 1 46 ? -2.034  -9.631  16.765  1.00 25.75 ? 46  MET B CE  1 
ATOM   1093 N N   . ILE B 1 47 ? -4.069  -6.053  12.870  1.00 21.25 ? 47  ILE B N   1 
ATOM   1094 C CA  . ILE B 1 47 ? -3.990  -5.985  11.411  1.00 21.90 ? 47  ILE B CA  1 
ATOM   1095 C C   . ILE B 1 47 ? -2.587  -6.385  11.001  1.00 23.20 ? 47  ILE B C   1 
ATOM   1096 O O   . ILE B 1 47 ? -1.623  -6.127  11.718  1.00 23.11 ? 47  ILE B O   1 
ATOM   1097 C CB  . ILE B 1 47 ? -4.272  -4.566  10.878  1.00 23.43 ? 47  ILE B CB  1 
ATOM   1098 C CG1 . ILE B 1 47 ? -3.404  -3.554  11.622  1.00 24.23 ? 47  ILE B CG1 1 
ATOM   1099 C CG2 . ILE B 1 47 ? -5.754  -4.237  11.024  1.00 26.43 ? 47  ILE B CG2 1 
ATOM   1100 C CD1 . ILE B 1 47 ? -3.520  -2.136  11.093  1.00 25.46 ? 47  ILE B CD1 1 
ATOM   1101 N N   . GLY B 1 48 ? -2.468  -7.014  9.840   1.00 25.45 ? 48  GLY B N   1 
ATOM   1102 C CA  . GLY B 1 48 ? -1.161  -7.457  9.404   1.00 27.22 ? 48  GLY B CA  1 
ATOM   1103 C C   . GLY B 1 48 ? -0.660  -6.861  8.110   1.00 27.52 ? 48  GLY B C   1 
ATOM   1104 O O   . GLY B 1 48 ? -1.425  -6.358  7.286   1.00 25.17 ? 48  GLY B O   1 
ATOM   1105 N N   . GLY B 1 49 ? 0.652   -6.926  7.943   1.00 28.25 ? 49  GLY B N   1 
ATOM   1106 C CA  . GLY B 1 49 ? 1.274   -6.406  6.744   1.00 31.82 ? 49  GLY B CA  1 
ATOM   1107 C C   . GLY B 1 49 ? 2.445   -7.286  6.374   1.00 32.49 ? 49  GLY B C   1 
ATOM   1108 O O   . GLY B 1 49 ? 2.451   -8.477  6.680   1.00 32.85 ? 49  GLY B O   1 
ATOM   1109 N N   . ILE B 1 50 ? 3.445   -6.703  5.725   1.00 33.32 ? 50  ILE B N   1 
ATOM   1110 C CA  . ILE B 1 50 ? 4.614   -7.464  5.324   1.00 34.19 ? 50  ILE B CA  1 
ATOM   1111 C C   . ILE B 1 50 ? 5.383   -8.049  6.502   1.00 35.20 ? 50  ILE B C   1 
ATOM   1112 O O   . ILE B 1 50 ? 5.819   -9.200  6.445   1.00 36.27 ? 50  ILE B O   1 
ATOM   1113 C CB  . ILE B 1 50 ? 5.562   -6.606  4.454   1.00 35.21 ? 50  ILE B CB  1 
ATOM   1114 C CG1 . ILE B 1 50 ? 5.251   -6.855  2.977   1.00 33.73 ? 50  ILE B CG1 1 
ATOM   1115 C CG2 . ILE B 1 50 ? 7.025   -6.921  4.776   1.00 34.50 ? 50  ILE B CG2 1 
ATOM   1116 C CD1 . ILE B 1 50 ? 6.228   -6.201  2.023   1.00 36.08 ? 50  ILE B CD1 1 
ATOM   1117 N N   . GLY B 1 51 ? 5.537   -7.275  7.574   1.00 34.87 ? 51  GLY B N   1 
ATOM   1118 C CA  . GLY B 1 51 ? 6.282   -7.767  8.720   1.00 35.00 ? 51  GLY B CA  1 
ATOM   1119 C C   . GLY B 1 51 ? 5.504   -8.594  9.724   1.00 34.24 ? 51  GLY B C   1 
ATOM   1120 O O   . GLY B 1 51 ? 6.075   -9.107  10.688  1.00 34.30 ? 51  GLY B O   1 
ATOM   1121 N N   . GLY B 1 52 ? 4.203   -8.738  9.506   1.00 33.27 ? 52  GLY B N   1 
ATOM   1122 C CA  . GLY B 1 52 ? 3.386   -9.500  10.434  1.00 27.64 ? 52  GLY B CA  1 
ATOM   1123 C C   . GLY B 1 52 ? 2.271   -8.616  10.954  1.00 24.82 ? 52  GLY B C   1 
ATOM   1124 O O   . GLY B 1 52 ? 1.936   -7.618  10.317  1.00 21.96 ? 52  GLY B O   1 
ATOM   1125 N N   . PHE B 1 53 ? 1.717   -8.956  12.116  1.00 22.44 ? 53  PHE B N   1 
ATOM   1126 C CA  . PHE B 1 53 ? 0.621   -8.181  12.695  1.00 22.70 ? 53  PHE B CA  1 
ATOM   1127 C C   . PHE B 1 53 ? 1.013   -7.223  13.813  1.00 21.39 ? 53  PHE B C   1 
ATOM   1128 O O   . PHE B 1 53 ? 2.049   -7.383  14.455  1.00 21.18 ? 53  PHE B O   1 
ATOM   1129 C CB  . PHE B 1 53 ? -0.471  -9.114  13.235  1.00 22.63 ? 53  PHE B CB  1 
ATOM   1130 C CG  . PHE B 1 53 ? -1.234  -9.847  12.170  1.00 24.63 ? 53  PHE B CG  1 
ATOM   1131 C CD1 . PHE B 1 53 ? -0.662  -10.924 11.496  1.00 26.89 ? 53  PHE B CD1 1 
ATOM   1132 C CD2 . PHE B 1 53 ? -2.525  -9.452  11.829  1.00 25.78 ? 53  PHE B CD2 1 
ATOM   1133 C CE1 . PHE B 1 53 ? -1.368  -11.597 10.494  1.00 25.56 ? 53  PHE B CE1 1 
ATOM   1134 C CE2 . PHE B 1 53 ? -3.238  -10.114 10.831  1.00 25.08 ? 53  PHE B CE2 1 
ATOM   1135 C CZ  . PHE B 1 53 ? -2.658  -11.189 10.162  1.00 27.26 ? 53  PHE B CZ  1 
ATOM   1136 N N   . ILE B 1 54 ? 0.169   -6.221  14.025  1.00 19.04 ? 54  ILE B N   1 
ATOM   1137 C CA  . ILE B 1 54 ? 0.363   -5.255  15.095  1.00 19.19 ? 54  ILE B CA  1 
ATOM   1138 C C   . ILE B 1 54 ? -0.994  -5.105  15.755  1.00 18.93 ? 54  ILE B C   1 
ATOM   1139 O O   . ILE B 1 54 ? -2.013  -5.478  15.176  1.00 20.10 ? 54  ILE B O   1 
ATOM   1140 C CB  . ILE B 1 54 ? 0.791   -3.847  14.589  1.00 19.70 ? 54  ILE B CB  1 
ATOM   1141 C CG1 . ILE B 1 54 ? -0.281  -3.278  13.652  1.00 17.97 ? 54  ILE B CG1 1 
ATOM   1142 C CG2 . ILE B 1 54 ? 2.174   -3.915  13.941  1.00 16.85 ? 54  ILE B CG2 1 
ATOM   1143 C CD1 . ILE B 1 54 ? -0.125  -1.787  13.356  1.00 17.07 ? 54  ILE B CD1 1 
ATOM   1144 N N   . LYS B 1 55 ? -1.001  -4.559  16.963  1.00 20.04 ? 55  LYS B N   1 
ATOM   1145 C CA  . LYS B 1 55 ? -2.236  -4.329  17.694  1.00 20.88 ? 55  LYS B CA  1 
ATOM   1146 C C   . LYS B 1 55 ? -2.633  -2.873  17.503  1.00 21.09 ? 55  LYS B C   1 
ATOM   1147 O O   . LYS B 1 55 ? -1.787  -1.978  17.569  1.00 19.56 ? 55  LYS B O   1 
ATOM   1148 C CB  . LYS B 1 55 ? -2.030  -4.621  19.179  1.00 23.26 ? 55  LYS B CB  1 
ATOM   1149 C CG  . LYS B 1 55 ? -1.836  -6.102  19.498  1.00 25.75 ? 55  LYS B CG  1 
ATOM   1150 C CD  . LYS B 1 55 ? -1.372  -6.297  20.934  1.00 27.16 ? 55  LYS B CD  1 
ATOM   1151 C CE  . LYS B 1 55 ? -2.382  -5.761  21.925  1.00 26.32 ? 55  LYS B CE  1 
ATOM   1152 N NZ  . LYS B 1 55 ? -1.782  -5.652  23.274  1.00 28.52 ? 55  LYS B NZ  1 
ATOM   1153 N N   . VAL B 1 56 ? -3.916  -2.636  17.250  1.00 19.61 ? 56  VAL B N   1 
ATOM   1154 C CA  . VAL B 1 56 ? -4.397  -1.273  17.048  1.00 21.22 ? 56  VAL B CA  1 
ATOM   1155 C C   . VAL B 1 56 ? -5.699  -1.009  17.799  1.00 21.32 ? 56  VAL B C   1 
ATOM   1156 O O   . VAL B 1 56 ? -6.322  -1.929  18.334  1.00 22.37 ? 56  VAL B O   1 
ATOM   1157 C CB  . VAL B 1 56 ? -4.643  -0.977  15.540  1.00 20.23 ? 56  VAL B CB  1 
ATOM   1158 C CG1 . VAL B 1 56 ? -3.344  -1.125  14.753  1.00 20.08 ? 56  VAL B CG1 1 
ATOM   1159 C CG2 . VAL B 1 56 ? -5.701  -1.916  14.988  1.00 21.53 ? 56  VAL B CG2 1 
ATOM   1160 N N   . ARG B 1 57 ? -6.091  0.261   17.846  1.00 20.04 ? 57  ARG B N   1 
ATOM   1161 C CA  . ARG B 1 57 ? -7.339  0.668   18.480  1.00 22.47 ? 57  ARG B CA  1 
ATOM   1162 C C   . ARG B 1 57 ? -8.252  0.985   17.314  1.00 21.59 ? 57  ARG B C   1 
ATOM   1163 O O   . ARG B 1 57 ? -7.867  1.725   16.410  1.00 22.25 ? 57  ARG B O   1 
ATOM   1164 C CB  . ARG B 1 57 ? -7.154  1.933   19.321  1.00 24.08 ? 57  ARG B CB  1 
ATOM   1165 C CG  . ARG B 1 57 ? -6.170  1.792   20.471  1.00 25.99 ? 57  ARG B CG  1 
ATOM   1166 C CD  . ARG B 1 57 ? -6.207  3.032   21.348  1.00 30.41 ? 57  ARG B CD  1 
ATOM   1167 N NE  . ARG B 1 57 ? -5.310  2.912   22.491  1.00 34.85 ? 57  ARG B NE  1 
ATOM   1168 C CZ  . ARG B 1 57 ? -5.265  3.776   23.500  1.00 38.61 ? 57  ARG B CZ  1 
ATOM   1169 N NH1 . ARG B 1 57 ? -6.071  4.831   23.513  1.00 38.60 ? 57  ARG B NH1 1 
ATOM   1170 N NH2 . ARG B 1 57 ? -4.411  3.581   24.500  1.00 41.18 ? 57  ARG B NH2 1 
ATOM   1171 N N   . GLN B 1 58 ? -9.455  0.428   17.318  1.00 20.51 ? 58  GLN B N   1 
ATOM   1172 C CA  . GLN B 1 58 ? -10.372 0.679   16.217  1.00 20.43 ? 58  GLN B CA  1 
ATOM   1173 C C   . GLN B 1 58 ? -11.494 1.656   16.554  1.00 21.68 ? 58  GLN B C   1 
ATOM   1174 O O   . GLN B 1 58 ? -12.350 1.374   17.398  1.00 22.53 ? 58  GLN B O   1 
ATOM   1175 C CB  . GLN B 1 58 ? -10.974 -0.638  15.729  1.00 20.86 ? 58  GLN B CB  1 
ATOM   1176 C CG  . GLN B 1 58 ? -11.975 -0.479  14.596  1.00 22.45 ? 58  GLN B CG  1 
ATOM   1177 C CD  . GLN B 1 58 ? -12.583 -1.797  14.175  1.00 26.11 ? 58  GLN B CD  1 
ATOM   1178 O OE1 . GLN B 1 58 ? -11.882 -2.702  13.729  1.00 29.15 ? 58  GLN B OE1 1 
ATOM   1179 N NE2 . GLN B 1 58 ? -13.897 -1.914  14.317  1.00 29.41 ? 58  GLN B NE2 1 
ATOM   1180 N N   . TYR B 1 59 ? -11.475 2.807   15.889  1.00 21.08 ? 59  TYR B N   1 
ATOM   1181 C CA  . TYR B 1 59 ? -12.498 3.828   16.069  1.00 23.73 ? 59  TYR B CA  1 
ATOM   1182 C C   . TYR B 1 59 ? -13.397 3.790   14.839  1.00 24.64 ? 59  TYR B C   1 
ATOM   1183 O O   . TYR B 1 59 ? -12.915 3.779   13.707  1.00 23.39 ? 59  TYR B O   1 
ATOM   1184 C CB  . TYR B 1 59 ? -11.872 5.222   16.189  1.00 22.46 ? 59  TYR B CB  1 
ATOM   1185 C CG  . TYR B 1 59 ? -10.995 5.411   17.402  1.00 24.78 ? 59  TYR B CG  1 
ATOM   1186 C CD1 . TYR B 1 59 ? -9.687  4.927   17.429  1.00 24.72 ? 59  TYR B CD1 1 
ATOM   1187 C CD2 . TYR B 1 59 ? -11.479 6.066   18.536  1.00 25.94 ? 59  TYR B CD2 1 
ATOM   1188 C CE1 . TYR B 1 59 ? -8.886  5.089   18.554  1.00 23.88 ? 59  TYR B CE1 1 
ATOM   1189 C CE2 . TYR B 1 59 ? -10.687 6.230   19.663  1.00 24.47 ? 59  TYR B CE2 1 
ATOM   1190 C CZ  . TYR B 1 59 ? -9.395  5.739   19.667  1.00 26.96 ? 59  TYR B CZ  1 
ATOM   1191 O OH  . TYR B 1 59 ? -8.621  5.875   20.796  1.00 28.85 ? 59  TYR B OH  1 
ATOM   1192 N N   . ASP B 1 60 ? -14.705 3.769   15.053  1.00 25.87 ? 60  ASP B N   1 
ATOM   1193 C CA  . ASP B 1 60 ? -15.631 3.722   13.932  1.00 26.96 ? 60  ASP B CA  1 
ATOM   1194 C C   . ASP B 1 60 ? -16.278 5.063   13.635  1.00 26.20 ? 60  ASP B C   1 
ATOM   1195 O O   . ASP B 1 60 ? -16.306 5.955   14.483  1.00 26.22 ? 60  ASP B O   1 
ATOM   1196 C CB  . ASP B 1 60 ? -16.730 2.692   14.201  1.00 29.88 ? 60  ASP B CB  1 
ATOM   1197 C CG  . ASP B 1 60 ? -16.184 1.291   14.362  1.00 31.50 ? 60  ASP B CG  1 
ATOM   1198 O OD1 . ASP B 1 60 ? -15.399 0.859   13.493  1.00 33.29 ? 60  ASP B OD1 1 
ATOM   1199 O OD2 . ASP B 1 60 ? -16.545 0.620   15.352  1.00 33.44 ? 60  ASP B OD2 1 
ATOM   1200 N N   . GLN B 1 61 ? -16.782 5.187   12.411  1.00 25.89 ? 61  GLN B N   1 
ATOM   1201 C CA  . GLN B 1 61 ? -17.489 6.375   11.951  1.00 25.96 ? 61  GLN B CA  1 
ATOM   1202 C C   . GLN B 1 61 ? -16.787 7.679   12.327  1.00 25.10 ? 61  GLN B C   1 
ATOM   1203 O O   . GLN B 1 61 ? -17.390 8.582   12.909  1.00 25.36 ? 61  GLN B O   1 
ATOM   1204 C CB  . GLN B 1 61 ? -18.913 6.340   12.522  1.00 28.35 ? 61  GLN B CB  1 
ATOM   1205 C CG  . GLN B 1 61 ? -19.943 7.154   11.762  1.00 28.86 ? 61  GLN B CG  1 
ATOM   1206 C CD  . GLN B 1 61 ? -21.367 6.812   12.184  1.00 31.59 ? 61  GLN B CD  1 
ATOM   1207 O OE1 . GLN B 1 61 ? -22.310 7.546   11.885  1.00 31.35 ? 61  GLN B OE1 1 
ATOM   1208 N NE2 . GLN B 1 61 ? -21.527 5.688   12.874  1.00 30.13 ? 61  GLN B NE2 1 
ATOM   1209 N N   . ILE B 1 62 ? -15.511 7.770   11.978  1.00 23.43 ? 62  ILE B N   1 
ATOM   1210 C CA  . ILE B 1 62 ? -14.700 8.947   12.270  1.00 23.06 ? 62  ILE B CA  1 
ATOM   1211 C C   . ILE B 1 62 ? -14.562 9.809   11.027  1.00 22.02 ? 62  ILE B C   1 
ATOM   1212 O O   . ILE B 1 62 ? -14.135 9.328   9.975   1.00 20.79 ? 62  ILE B O   1 
ATOM   1213 C CB  . ILE B 1 62 ? -13.278 8.539   12.738  1.00 22.08 ? 62  ILE B CB  1 
ATOM   1214 C CG1 . ILE B 1 62 ? -13.353 7.761   14.055  1.00 22.04 ? 62  ILE B CG1 1 
ATOM   1215 C CG2 . ILE B 1 62 ? -12.395 9.761   12.852  1.00 22.23 ? 62  ILE B CG2 1 
ATOM   1216 C CD1 . ILE B 1 62 ? -13.938 8.528   15.221  1.00 26.00 ? 62  ILE B CD1 1 
ATOM   1217 N N   . PRO B 1 63 ? -14.927 11.097  11.121  1.00 22.43 ? 63  PRO B N   1 
ATOM   1218 C CA  . PRO B 1 63 ? -14.806 11.969  9.947   1.00 19.80 ? 63  PRO B CA  1 
ATOM   1219 C C   . PRO B 1 63 ? -13.344 12.301  9.646   1.00 20.93 ? 63  PRO B C   1 
ATOM   1220 O O   . PRO B 1 63 ? -12.578 12.634  10.547  1.00 18.72 ? 63  PRO B O   1 
ATOM   1221 C CB  . PRO B 1 63 ? -15.602 13.212  10.353  1.00 22.32 ? 63  PRO B CB  1 
ATOM   1222 C CG  . PRO B 1 63 ? -16.613 12.664  11.342  1.00 23.31 ? 63  PRO B CG  1 
ATOM   1223 C CD  . PRO B 1 63 ? -15.748 11.738  12.163  1.00 23.11 ? 63  PRO B CD  1 
ATOM   1224 N N   . VAL B 1 64 ? -12.964 12.208  8.377   1.00 21.01 ? 64  VAL B N   1 
ATOM   1225 C CA  . VAL B 1 64 ? -11.602 12.517  7.964   1.00 21.18 ? 64  VAL B CA  1 
ATOM   1226 C C   . VAL B 1 64 ? -11.633 13.258  6.638   1.00 22.93 ? 64  VAL B C   1 
ATOM   1227 O O   . VAL B 1 64 ? -12.176 12.759  5.651   1.00 25.16 ? 64  VAL B O   1 
ATOM   1228 C CB  . VAL B 1 64 ? -10.753 11.235  7.783   1.00 19.55 ? 64  VAL B CB  1 
ATOM   1229 C CG1 . VAL B 1 64 ? -9.358  11.599  7.319   1.00 19.40 ? 64  VAL B CG1 1 
ATOM   1230 C CG2 . VAL B 1 64 ? -10.686 10.460  9.085   1.00 17.15 ? 64  VAL B CG2 1 
ATOM   1231 N N   . GLU B 1 65 ? -11.074 14.463  6.616   1.00 22.18 ? 65  GLU B N   1 
ATOM   1232 C CA  . GLU B 1 65 ? -11.026 15.228  5.377   1.00 24.14 ? 65  GLU B CA  1 
ATOM   1233 C C   . GLU B 1 65 ? -9.688  14.901  4.727   1.00 23.28 ? 65  GLU B C   1 
ATOM   1234 O O   . GLU B 1 65 ? -8.627  15.175  5.283   1.00 23.62 ? 65  GLU B O   1 
ATOM   1235 C CB  . GLU B 1 65 ? -11.143 16.730  5.656   1.00 25.84 ? 65  GLU B CB  1 
ATOM   1236 C CG  . GLU B 1 65 ? -11.133 17.587  4.398   1.00 28.49 ? 65  GLU B CG  1 
ATOM   1237 C CD  . GLU B 1 65 ? -11.450 19.043  4.687   1.00 31.43 ? 65  GLU B CD  1 
ATOM   1238 O OE1 . GLU B 1 65 ? -12.616 19.340  5.033   1.00 27.93 ? 65  GLU B OE1 1 
ATOM   1239 O OE2 . GLU B 1 65 ? -10.532 19.882  4.577   1.00 33.04 ? 65  GLU B OE2 1 
ATOM   1240 N N   . ILE B 1 66 ? -9.749  14.306  3.545   1.00 22.50 ? 66  ILE B N   1 
ATOM   1241 C CA  . ILE B 1 66 ? -8.557  13.883  2.830   1.00 24.11 ? 66  ILE B CA  1 
ATOM   1242 C C   . ILE B 1 66 ? -8.297  14.723  1.594   1.00 24.98 ? 66  ILE B C   1 
ATOM   1243 O O   . ILE B 1 66 ? -8.999  14.601  0.596   1.00 24.12 ? 66  ILE B O   1 
ATOM   1244 C CB  . ILE B 1 66 ? -8.696  12.407  2.387   1.00 23.60 ? 66  ILE B CB  1 
ATOM   1245 C CG1 . ILE B 1 66 ? -9.057  11.538  3.595   1.00 23.04 ? 66  ILE B CG1 1 
ATOM   1246 C CG2 . ILE B 1 66 ? -7.408  11.931  1.726   1.00 22.47 ? 66  ILE B CG2 1 
ATOM   1247 C CD1 . ILE B 1 66 ? -9.566  10.153  3.228   1.00 25.24 ? 66  ILE B CD1 1 
ATOM   1248 N N   . CYS B 1 67 ? -7.281  15.572  1.665   1.00 25.67 ? 67  CYS B N   1 
ATOM   1249 C CA  . CYS B 1 67 ? -6.927  16.414  0.536   1.00 27.56 ? 67  CYS B CA  1 
ATOM   1250 C C   . CYS B 1 67 ? -8.157  17.145  -0.009  1.00 26.91 ? 67  CYS B C   1 
ATOM   1251 O O   . CYS B 1 67 ? -8.334  17.272  -1.218  1.00 26.12 ? 67  CYS B O   1 
ATOM   1252 C CB  . CYS B 1 67 ? -6.292  15.547  -0.557  1.00 28.04 ? 67  CYS B CB  1 
ATOM   1253 S SG  . CYS B 1 67 ? -5.524  16.456  -1.906  1.00 35.11 ? 67  CYS B SG  1 
ATOM   1254 N N   . GLY B 1 68 ? -9.016  17.613  0.887   1.00 26.33 ? 68  GLY B N   1 
ATOM   1255 C CA  . GLY B 1 68 ? -10.198 18.337  0.449   1.00 26.49 ? 68  GLY B CA  1 
ATOM   1256 C C   . GLY B 1 68 ? -11.475 17.523  0.339   1.00 26.44 ? 68  GLY B C   1 
ATOM   1257 O O   . GLY B 1 68 ? -12.566 18.095  0.308   1.00 27.09 ? 68  GLY B O   1 
ATOM   1258 N N   . HIS B 1 69 ? -11.357 16.199  0.275   1.00 24.83 ? 69  HIS B N   1 
ATOM   1259 C CA  . HIS B 1 69 ? -12.541 15.351  0.170   1.00 24.12 ? 69  HIS B CA  1 
ATOM   1260 C C   . HIS B 1 69 ? -12.951 14.766  1.512   1.00 24.55 ? 69  HIS B C   1 
ATOM   1261 O O   . HIS B 1 69 ? -12.109 14.410  2.334   1.00 23.74 ? 69  HIS B O   1 
ATOM   1262 C CB  . HIS B 1 69 ? -12.305 14.239  -0.845  1.00 24.65 ? 69  HIS B CB  1 
ATOM   1263 C CG  . HIS B 1 69 ? -12.166 14.744  -2.246  1.00 22.92 ? 69  HIS B CG  1 
ATOM   1264 N ND1 . HIS B 1 69 ? -11.135 15.568  -2.635  1.00 22.05 ? 69  HIS B ND1 1 
ATOM   1265 C CD2 . HIS B 1 69 ? -12.952 14.579  -3.335  1.00 20.34 ? 69  HIS B CD2 1 
ATOM   1266 C CE1 . HIS B 1 69 ? -11.290 15.891  -3.907  1.00 21.20 ? 69  HIS B CE1 1 
ATOM   1267 N NE2 . HIS B 1 69 ? -12.385 15.304  -4.355  1.00 23.35 ? 69  HIS B NE2 1 
ATOM   1268 N N   . LYS B 1 70 ? -14.256 14.664  1.725   1.00 23.36 ? 70  LYS B N   1 
ATOM   1269 C CA  . LYS B 1 70 ? -14.770 14.161  2.985   1.00 23.25 ? 70  LYS B CA  1 
ATOM   1270 C C   . LYS B 1 70 ? -15.063 12.668  3.021   1.00 23.65 ? 70  LYS B C   1 
ATOM   1271 O O   . LYS B 1 70 ? -15.632 12.096  2.090   1.00 23.71 ? 70  LYS B O   1 
ATOM   1272 C CB  . LYS B 1 70 ? -16.026 14.943  3.371   1.00 26.10 ? 70  LYS B CB  1 
ATOM   1273 N N   . ALA B 1 71 ? -14.665 12.047  4.123   1.00 22.44 ? 71  ALA B N   1 
ATOM   1274 C CA  . ALA B 1 71 ? -14.904 10.638  4.351   1.00 22.16 ? 71  ALA B CA  1 
ATOM   1275 C C   . ALA B 1 71 ? -15.289 10.509  5.818   1.00 21.70 ? 71  ALA B C   1 
ATOM   1276 O O   . ALA B 1 71 ? -15.009 11.400  6.621   1.00 22.23 ? 71  ALA B O   1 
ATOM   1277 C CB  . ALA B 1 71 ? -13.647 9.831   4.056   1.00 21.73 ? 71  ALA B CB  1 
ATOM   1278 N N   . ILE B 1 72 ? -15.966 9.421   6.154   1.00 20.57 ? 72  ILE B N   1 
ATOM   1279 C CA  . ILE B 1 72 ? -16.361 9.149   7.530   1.00 22.41 ? 72  ILE B CA  1 
ATOM   1280 C C   . ILE B 1 72 ? -16.369 7.639   7.635   1.00 21.90 ? 72  ILE B C   1 
ATOM   1281 O O   . ILE B 1 72 ? -17.245 6.979   7.080   1.00 21.45 ? 72  ILE B O   1 
ATOM   1282 C CB  . ILE B 1 72 ? -17.786 9.647   7.862   1.00 22.06 ? 72  ILE B CB  1 
ATOM   1283 C CG1 . ILE B 1 72 ? -17.935 11.127  7.509   1.00 22.47 ? 72  ILE B CG1 1 
ATOM   1284 C CG2 . ILE B 1 72 ? -18.065 9.428   9.356   1.00 21.27 ? 72  ILE B CG2 1 
ATOM   1285 C CD1 . ILE B 1 72 ? -19.320 11.676  7.782   1.00 23.70 ? 72  ILE B CD1 1 
ATOM   1286 N N   . GLY B 1 73 ? -15.391 7.089   8.340   1.00 22.02 ? 73  GLY B N   1 
ATOM   1287 C CA  . GLY B 1 73 ? -15.329 5.649   8.462   1.00 21.89 ? 73  GLY B CA  1 
ATOM   1288 C C   . GLY B 1 73 ? -14.400 5.166   9.550   1.00 22.49 ? 73  GLY B C   1 
ATOM   1289 O O   . GLY B 1 73 ? -14.020 5.914   10.451  1.00 22.52 ? 73  GLY B O   1 
ATOM   1290 N N   . THR B 1 74 ? -14.033 3.895   9.458   1.00 21.37 ? 74  THR B N   1 
ATOM   1291 C CA  . THR B 1 74 ? -13.159 3.286   10.441  1.00 21.19 ? 74  THR B CA  1 
ATOM   1292 C C   . THR B 1 74 ? -11.736 3.808   10.354  1.00 18.49 ? 74  THR B C   1 
ATOM   1293 O O   . THR B 1 74 ? -11.166 3.928   9.268   1.00 17.92 ? 74  THR B O   1 
ATOM   1294 C CB  . THR B 1 74 ? -13.148 1.760   10.267  1.00 23.34 ? 74  THR B CB  1 
ATOM   1295 O OG1 . THR B 1 74 ? -14.475 1.263   10.474  1.00 23.46 ? 74  THR B OG1 1 
ATOM   1296 C CG2 . THR B 1 74 ? -12.203 1.104   11.275  1.00 23.98 ? 74  THR B CG2 1 
ATOM   1297 N N   . VAL B 1 75 ? -11.173 4.125   11.510  1.00 17.95 ? 75  VAL B N   1 
ATOM   1298 C CA  . VAL B 1 75 ? -9.806  4.614   11.586  1.00 17.61 ? 75  VAL B CA  1 
ATOM   1299 C C   . VAL B 1 75 ? -9.095  3.809   12.660  1.00 19.70 ? 75  VAL B C   1 
ATOM   1300 O O   . VAL B 1 75 ? -9.540  3.754   13.815  1.00 20.51 ? 75  VAL B O   1 
ATOM   1301 C CB  . VAL B 1 75 ? -9.755  6.111   11.957  1.00 18.90 ? 75  VAL B CB  1 
ATOM   1302 C CG1 . VAL B 1 75 ? -8.303  6.572   12.078  1.00 16.47 ? 75  VAL B CG1 1 
ATOM   1303 C CG2 . VAL B 1 75 ? -10.488 6.925   10.910  1.00 17.12 ? 75  VAL B CG2 1 
ATOM   1304 N N   . LEU B 1 76 ? -8.007  3.160   12.274  1.00 20.40 ? 76  LEU B N   1 
ATOM   1305 C CA  . LEU B 1 76 ? -7.239  2.363   13.214  1.00 19.24 ? 76  LEU B CA  1 
ATOM   1306 C C   . LEU B 1 76 ? -6.050  3.193   13.675  1.00 20.24 ? 76  LEU B C   1 
ATOM   1307 O O   . LEU B 1 76 ? -5.436  3.917   12.886  1.00 19.34 ? 76  LEU B O   1 
ATOM   1308 C CB  . LEU B 1 76 ? -6.757  1.075   12.542  1.00 18.60 ? 76  LEU B CB  1 
ATOM   1309 C CG  . LEU B 1 76 ? -7.827  0.207   11.866  1.00 20.06 ? 76  LEU B CG  1 
ATOM   1310 C CD1 . LEU B 1 76 ? -7.154  -0.940  11.123  1.00 20.34 ? 76  LEU B CD1 1 
ATOM   1311 C CD2 . LEU B 1 76 ? -8.821  -0.323  12.903  1.00 17.77 ? 76  LEU B CD2 1 
ATOM   1312 N N   . VAL B 1 77 ? -5.734  3.097   14.961  1.00 18.32 ? 77  VAL B N   1 
ATOM   1313 C CA  . VAL B 1 77 ? -4.611  3.833   15.515  1.00 21.03 ? 77  VAL B CA  1 
ATOM   1314 C C   . VAL B 1 77 ? -3.656  2.873   16.198  1.00 19.55 ? 77  VAL B C   1 
ATOM   1315 O O   . VAL B 1 77 ? -4.054  2.094   17.059  1.00 20.29 ? 77  VAL B O   1 
ATOM   1316 C CB  . VAL B 1 77 ? -5.085  4.888   16.535  1.00 19.72 ? 77  VAL B CB  1 
ATOM   1317 C CG1 . VAL B 1 77 ? -3.887  5.592   17.164  1.00 20.04 ? 77  VAL B CG1 1 
ATOM   1318 C CG2 . VAL B 1 77 ? -5.976  5.904   15.838  1.00 22.88 ? 77  VAL B CG2 1 
ATOM   1319 N N   . GLY B 1 78 ? -2.391  2.930   15.807  1.00 21.67 ? 78  GLY B N   1 
ATOM   1320 C CA  . GLY B 1 78 ? -1.406  2.048   16.400  1.00 23.40 ? 78  GLY B CA  1 
ATOM   1321 C C   . GLY B 1 78 ? -0.010  2.308   15.882  1.00 24.36 ? 78  GLY B C   1 
ATOM   1322 O O   . GLY B 1 78 ? 0.215   3.308   15.193  1.00 24.24 ? 78  GLY B O   1 
ATOM   1323 N N   . PRO B 1 79 ? 0.952   1.426   16.205  1.00 25.26 ? 79  PRO B N   1 
ATOM   1324 C CA  . PRO B 1 79 ? 2.352   1.532   15.784  1.00 26.63 ? 79  PRO B CA  1 
ATOM   1325 C C   . PRO B 1 79 ? 2.583   1.219   14.305  1.00 28.02 ? 79  PRO B C   1 
ATOM   1326 O O   . PRO B 1 79 ? 3.293   0.273   13.956  1.00 28.07 ? 79  PRO B O   1 
ATOM   1327 C CB  . PRO B 1 79 ? 3.059   0.538   16.699  1.00 27.74 ? 79  PRO B CB  1 
ATOM   1328 C CG  . PRO B 1 79 ? 2.036   -0.529  16.860  1.00 27.39 ? 79  PRO B CG  1 
ATOM   1329 C CD  . PRO B 1 79 ? 0.768   0.267   17.096  1.00 27.24 ? 79  PRO B CD  1 
ATOM   1330 N N   . THR B 1 80 ? 1.974   2.016   13.441  1.00 28.91 ? 80  THR B N   1 
ATOM   1331 C CA  . THR B 1 80 ? 2.133   1.842   12.005  1.00 28.98 ? 80  THR B CA  1 
ATOM   1332 C C   . THR B 1 80 ? 3.391   2.599   11.625  1.00 28.90 ? 80  THR B C   1 
ATOM   1333 O O   . THR B 1 80 ? 3.738   3.588   12.260  1.00 29.94 ? 80  THR B O   1 
ATOM   1334 C CB  . THR B 1 80 ? 0.950   2.449   11.236  1.00 28.92 ? 80  THR B CB  1 
ATOM   1335 O OG1 . THR B 1 80 ? 1.172   2.320   9.825   1.00 27.77 ? 80  THR B OG1 1 
ATOM   1336 C CG2 . THR B 1 80 ? 0.789   3.926   11.595  1.00 25.09 ? 80  THR B CG2 1 
ATOM   1337 N N   . PRO B 1 81 ? 4.104   2.139   10.592  1.00 29.71 ? 81  PRO B N   1 
ATOM   1338 C CA  . PRO B 1 81 ? 5.319   2.862   10.209  1.00 27.90 ? 81  PRO B CA  1 
ATOM   1339 C C   . PRO B 1 81 ? 5.046   4.272   9.673   1.00 27.45 ? 81  PRO B C   1 
ATOM   1340 O O   . PRO B 1 81 ? 5.958   5.100   9.606   1.00 26.03 ? 81  PRO B O   1 
ATOM   1341 C CB  . PRO B 1 81 ? 5.957   1.941   9.169   1.00 28.28 ? 81  PRO B CB  1 
ATOM   1342 C CG  . PRO B 1 81 ? 4.778   1.195   8.592   1.00 31.14 ? 81  PRO B CG  1 
ATOM   1343 C CD  . PRO B 1 81 ? 3.956   0.896   9.815   1.00 30.78 ? 81  PRO B CD  1 
ATOM   1344 N N   . ALA B 1 82 ? 3.793   4.545   9.309   1.00 24.30 ? 82  ALA B N   1 
ATOM   1345 C CA  . ALA B 1 82 ? 3.410   5.856   8.779   1.00 23.95 ? 82  ALA B CA  1 
ATOM   1346 C C   . ALA B 1 82 ? 1.893   5.998   8.700   1.00 21.11 ? 82  ALA B C   1 
ATOM   1347 O O   . ALA B 1 82 ? 1.186   4.997   8.631   1.00 23.04 ? 82  ALA B O   1 
ATOM   1348 C CB  . ALA B 1 82 ? 4.012   6.048   7.383   1.00 25.42 ? 82  ALA B CB  1 
ATOM   1349 N N   . ASN B 1 83 ? 1.396   7.234   8.706   1.00 19.35 ? 83  ASN B N   1 
ATOM   1350 C CA  . ASN B 1 83 ? -0.050  7.462   8.604   1.00 20.30 ? 83  ASN B CA  1 
ATOM   1351 C C   . ASN B 1 83 ? -0.512  6.955   7.245   1.00 19.37 ? 83  ASN B C   1 
ATOM   1352 O O   . ASN B 1 83 ? -0.075  7.448   6.204   1.00 17.92 ? 83  ASN B O   1 
ATOM   1353 C CB  . ASN B 1 83 ? -0.398  8.950   8.740   1.00 18.20 ? 83  ASN B CB  1 
ATOM   1354 C CG  . ASN B 1 83 ? -0.137  9.485   10.132  1.00 20.93 ? 83  ASN B CG  1 
ATOM   1355 O OD1 . ASN B 1 83 ? -0.252  8.759   11.121  1.00 18.92 ? 83  ASN B OD1 1 
ATOM   1356 N ND2 . ASN B 1 83 ? 0.195   10.772  10.221  1.00 19.15 ? 83  ASN B ND2 1 
ATOM   1357 N N   . ILE B 1 84 ? -1.397  5.967   7.265   1.00 20.44 ? 84  ILE B N   1 
ATOM   1358 C CA  . ILE B 1 84 ? -1.894  5.358   6.043   1.00 19.35 ? 84  ILE B CA  1 
ATOM   1359 C C   . ILE B 1 84 ? -3.385  5.531   5.810   1.00 18.02 ? 84  ILE B C   1 
ATOM   1360 O O   . ILE B 1 84 ? -4.192  5.264   6.696   1.00 17.03 ? 84  ILE B O   1 
ATOM   1361 C CB  . ILE B 1 84 ? -1.599  3.838   6.048   1.00 21.31 ? 84  ILE B CB  1 
ATOM   1362 C CG1 . ILE B 1 84 ? -0.089  3.597   6.063   1.00 23.23 ? 84  ILE B CG1 1 
ATOM   1363 C CG2 . ILE B 1 84 ? -2.280  3.163   4.868   1.00 23.30 ? 84  ILE B CG2 1 
ATOM   1364 C CD1 . ILE B 1 84 ? 0.648   4.257   4.926   1.00 24.84 ? 84  ILE B CD1 1 
ATOM   1365 N N   . ILE B 1 85 ? -3.740  5.983   4.611   1.00 18.57 ? 85  ILE B N   1 
ATOM   1366 C CA  . ILE B 1 85 ? -5.140  6.127   4.223   1.00 18.14 ? 85  ILE B CA  1 
ATOM   1367 C C   . ILE B 1 85 ? -5.428  4.908   3.351   1.00 18.66 ? 85  ILE B C   1 
ATOM   1368 O O   . ILE B 1 85 ? -4.909  4.793   2.235   1.00 18.16 ? 85  ILE B O   1 
ATOM   1369 C CB  . ILE B 1 85 ? -5.384  7.404   3.397   1.00 19.59 ? 85  ILE B CB  1 
ATOM   1370 C CG1 . ILE B 1 85 ? -5.004  8.642   4.217   1.00 19.00 ? 85  ILE B CG1 1 
ATOM   1371 C CG2 . ILE B 1 85 ? -6.850  7.479   2.981   1.00 20.46 ? 85  ILE B CG2 1 
ATOM   1372 C CD1 . ILE B 1 85 ? -5.761  8.795   5.527   1.00 17.37 ? 85  ILE B CD1 1 
ATOM   1373 N N   . GLY B 1 86 ? -6.243  3.995   3.866   1.00 19.04 ? 86  GLY B N   1 
ATOM   1374 C CA  . GLY B 1 86 ? -6.560  2.780   3.138   1.00 18.59 ? 86  GLY B CA  1 
ATOM   1375 C C   . GLY B 1 86 ? -7.769  2.851   2.226   1.00 17.50 ? 86  GLY B C   1 
ATOM   1376 O O   . GLY B 1 86 ? -8.430  3.887   2.115   1.00 16.50 ? 86  GLY B O   1 
ATOM   1377 N N   . ARG B 1 87 ? -8.060  1.733   1.576   1.00 16.80 ? 87  ARG B N   1 
ATOM   1378 C CA  . ARG B 1 87 ? -9.184  1.654   0.646   1.00 16.75 ? 87  ARG B CA  1 
ATOM   1379 C C   . ARG B 1 87 ? -10.538 1.949   1.274   1.00 16.41 ? 87  ARG B C   1 
ATOM   1380 O O   . ARG B 1 87 ? -11.437 2.432   0.592   1.00 18.67 ? 87  ARG B O   1 
ATOM   1381 C CB  . ARG B 1 87 ? -9.226  0.276   -0.038  1.00 15.11 ? 87  ARG B CB  1 
ATOM   1382 C CG  . ARG B 1 87 ? -8.080  0.042   -1.013  1.00 17.95 ? 87  ARG B CG  1 
ATOM   1383 C CD  . ARG B 1 87 ? -8.253  -1.236  -1.840  1.00 18.71 ? 87  ARG B CD  1 
ATOM   1384 N NE  . ARG B 1 87 ? -8.308  -2.445  -1.017  1.00 19.60 ? 87  ARG B NE  1 
ATOM   1385 C CZ  . ARG B 1 87 ? -9.434  -3.037  -0.625  1.00 19.69 ? 87  ARG B CZ  1 
ATOM   1386 N NH1 . ARG B 1 87 ? -10.608 -2.534  -0.983  1.00 18.68 ? 87  ARG B NH1 1 
ATOM   1387 N NH2 . ARG B 1 87 ? -9.390  -4.130  0.130   1.00 19.75 ? 87  ARG B NH2 1 
ATOM   1388 N N   . ASN B 1 88 ? -10.702 1.663   2.563   1.00 16.40 ? 88  ASN B N   1 
ATOM   1389 C CA  . ASN B 1 88 ? -11.989 1.934   3.190   1.00 16.87 ? 88  ASN B CA  1 
ATOM   1390 C C   . ASN B 1 88 ? -12.363 3.417   3.047   1.00 16.54 ? 88  ASN B C   1 
ATOM   1391 O O   . ASN B 1 88 ? -13.539 3.750   2.895   1.00 18.90 ? 88  ASN B O   1 
ATOM   1392 C CB  . ASN B 1 88 ? -11.982 1.506   4.671   1.00 17.73 ? 88  ASN B CB  1 
ATOM   1393 C CG  . ASN B 1 88 ? -11.134 2.411   5.555   1.00 18.30 ? 88  ASN B CG  1 
ATOM   1394 O OD1 . ASN B 1 88 ? -11.622 2.939   6.558   1.00 20.39 ? 88  ASN B OD1 1 
ATOM   1395 N ND2 . ASN B 1 88 ? -9.868  2.585   5.200   1.00 13.88 ? 88  ASN B ND2 1 
ATOM   1396 N N   . LEU B 1 89 ? -11.372 4.304   3.074   1.00 16.15 ? 89  LEU B N   1 
ATOM   1397 C CA  . LEU B 1 89 ? -11.637 5.739   2.930   1.00 16.37 ? 89  LEU B CA  1 
ATOM   1398 C C   . LEU B 1 89 ? -11.344 6.231   1.515   1.00 17.09 ? 89  LEU B C   1 
ATOM   1399 O O   . LEU B 1 89 ? -11.936 7.206   1.053   1.00 17.17 ? 89  LEU B O   1 
ATOM   1400 C CB  . LEU B 1 89 ? -10.799 6.551   3.926   1.00 15.53 ? 89  LEU B CB  1 
ATOM   1401 C CG  . LEU B 1 89 ? -10.926 6.170   5.403   1.00 16.34 ? 89  LEU B CG  1 
ATOM   1402 C CD1 . LEU B 1 89 ? -10.127 7.158   6.257   1.00 19.24 ? 89  LEU B CD1 1 
ATOM   1403 C CD2 . LEU B 1 89 ? -12.394 6.167   5.818   1.00 17.56 ? 89  LEU B CD2 1 
ATOM   1404 N N   . LEU B 1 90 ? -10.425 5.562   0.824   1.00 19.51 ? 90  LEU B N   1 
ATOM   1405 C CA  . LEU B 1 90 ? -10.081 5.968   -0.533  1.00 18.18 ? 90  LEU B CA  1 
ATOM   1406 C C   . LEU B 1 90 ? -11.286 5.811   -1.443  1.00 19.19 ? 90  LEU B C   1 
ATOM   1407 O O   . LEU B 1 90 ? -11.494 6.614   -2.347  1.00 20.22 ? 90  LEU B O   1 
ATOM   1408 C CB  . LEU B 1 90 ? -8.915  5.131   -1.076  1.00 17.89 ? 90  LEU B CB  1 
ATOM   1409 C CG  . LEU B 1 90 ? -7.519  5.395   -0.493  1.00 19.57 ? 90  LEU B CG  1 
ATOM   1410 C CD1 . LEU B 1 90 ? -6.524  4.423   -1.114  1.00 18.32 ? 90  LEU B CD1 1 
ATOM   1411 C CD2 . LEU B 1 90 ? -7.089  6.840   -0.759  1.00 18.72 ? 90  LEU B CD2 1 
ATOM   1412 N N   . THR B 1 91 ? -12.076 4.770   -1.206  1.00 18.05 ? 91  THR B N   1 
ATOM   1413 C CA  . THR B 1 91 ? -13.258 4.530   -2.016  1.00 18.90 ? 91  THR B CA  1 
ATOM   1414 C C   . THR B 1 91 ? -14.291 5.628   -1.795  1.00 20.56 ? 91  THR B C   1 
ATOM   1415 O O   . THR B 1 91 ? -14.981 6.033   -2.725  1.00 20.65 ? 91  THR B O   1 
ATOM   1416 C CB  . THR B 1 91 ? -13.892 3.170   -1.673  1.00 20.18 ? 91  THR B CB  1 
ATOM   1417 O OG1 . THR B 1 91 ? -14.150 3.107   -0.266  1.00 22.29 ? 91  THR B OG1 1 
ATOM   1418 C CG2 . THR B 1 91 ? -12.956 2.037   -2.063  1.00 16.88 ? 91  THR B CG2 1 
ATOM   1419 N N   . GLN B 1 92 ? -14.386 6.112   -0.559  1.00 21.25 ? 92  GLN B N   1 
ATOM   1420 C CA  . GLN B 1 92 ? -15.337 7.161   -0.213  1.00 21.78 ? 92  GLN B CA  1 
ATOM   1421 C C   . GLN B 1 92 ? -15.081 8.486   -0.918  1.00 21.47 ? 92  GLN B C   1 
ATOM   1422 O O   . GLN B 1 92 ? -16.020 9.240   -1.181  1.00 19.53 ? 92  GLN B O   1 
ATOM   1423 C CB  . GLN B 1 92 ? -15.354 7.390   1.299   1.00 19.09 ? 92  GLN B CB  1 
ATOM   1424 C CG  . GLN B 1 92 ? -16.053 6.287   2.068   1.00 21.47 ? 92  GLN B CG  1 
ATOM   1425 C CD  . GLN B 1 92 ? -16.287 6.658   3.521   1.00 21.74 ? 92  GLN B CD  1 
ATOM   1426 O OE1 . GLN B 1 92 ? -16.376 7.836   3.859   1.00 19.51 ? 92  GLN B OE1 1 
ATOM   1427 N NE2 . GLN B 1 92 ? -16.407 5.651   4.384   1.00 16.60 ? 92  GLN B NE2 1 
ATOM   1428 N N   . ILE B 1 93 ? -13.821 8.781   -1.221  1.00 20.87 ? 93  ILE B N   1 
ATOM   1429 C CA  . ILE B 1 93 ? -13.518 10.032  -1.898  1.00 21.34 ? 93  ILE B CA  1 
ATOM   1430 C C   . ILE B 1 93 ? -13.430 9.828   -3.405  1.00 22.43 ? 93  ILE B C   1 
ATOM   1431 O O   . ILE B 1 93 ? -12.978 10.709  -4.130  1.00 22.34 ? 93  ILE B O   1 
ATOM   1432 C CB  . ILE B 1 93 ? -12.200 10.674  -1.371  1.00 20.89 ? 93  ILE B CB  1 
ATOM   1433 C CG1 . ILE B 1 93 ? -11.014 9.745   -1.619  1.00 21.86 ? 93  ILE B CG1 1 
ATOM   1434 C CG2 . ILE B 1 93 ? -12.332 10.969  0.121   1.00 19.58 ? 93  ILE B CG2 1 
ATOM   1435 C CD1 . ILE B 1 93 ? -9.675  10.362  -1.253  1.00 21.27 ? 93  ILE B CD1 1 
ATOM   1436 N N   . GLY B 1 94 ? -13.878 8.662   -3.866  1.00 22.74 ? 94  GLY B N   1 
ATOM   1437 C CA  . GLY B 1 94 ? -13.861 8.354   -5.290  1.00 24.00 ? 94  GLY B CA  1 
ATOM   1438 C C   . GLY B 1 94 ? -12.477 8.208   -5.897  1.00 24.59 ? 94  GLY B C   1 
ATOM   1439 O O   . GLY B 1 94 ? -12.242 8.613   -7.039  1.00 24.82 ? 94  GLY B O   1 
ATOM   1440 N N   . CYS B 1 95 ? -11.555 7.617   -5.143  1.00 24.21 ? 95  CYS B N   1 
ATOM   1441 C CA  . CYS B 1 95 ? -10.189 7.432   -5.622  1.00 24.21 ? 95  CYS B CA  1 
ATOM   1442 C C   . CYS B 1 95 ? -10.012 6.155   -6.445  1.00 23.28 ? 95  CYS B C   1 
ATOM   1443 O O   . CYS B 1 95 ? -10.502 5.093   -6.061  1.00 26.36 ? 95  CYS B O   1 
ATOM   1444 C CB  . CYS B 1 95 ? -9.222  7.410   -4.438  1.00 22.89 ? 95  CYS B CB  1 
ATOM   1445 S SG  . CYS B 1 95 ? -7.493  7.461   -4.926  1.00 25.63 ? 95  CYS B SG  1 
ATOM   1446 N N   . THR B 1 96 ? -9.328  6.267   -7.583  1.00 22.54 ? 96  THR B N   1 
ATOM   1447 C CA  . THR B 1 96 ? -9.064  5.110   -8.440  1.00 22.12 ? 96  THR B CA  1 
ATOM   1448 C C   . THR B 1 96 ? -7.630  5.127   -8.961  1.00 21.69 ? 96  THR B C   1 
ATOM   1449 O O   . THR B 1 96 ? -6.952  6.155   -8.926  1.00 19.38 ? 96  THR B O   1 
ATOM   1450 C CB  . THR B 1 96 ? -9.967  5.068   -9.706  1.00 22.94 ? 96  THR B CB  1 
ATOM   1451 O OG1 . THR B 1 96 ? -9.727  6.236   -10.505 1.00 20.85 ? 96  THR B OG1 1 
ATOM   1452 C CG2 . THR B 1 96 ? -11.441 4.989   -9.328  1.00 25.03 ? 96  THR B CG2 1 
ATOM   1453 N N   . LEU B 1 97 ? -7.184  3.972   -9.438  1.00 18.41 ? 97  LEU B N   1 
ATOM   1454 C CA  . LEU B 1 97 ? -5.865  3.838   -10.034 1.00 19.54 ? 97  LEU B CA  1 
ATOM   1455 C C   . LEU B 1 97 ? -6.124  3.940   -11.531 1.00 20.70 ? 97  LEU B C   1 
ATOM   1456 O O   . LEU B 1 97 ? -7.134  3.443   -12.014 1.00 21.67 ? 97  LEU B O   1 
ATOM   1457 C CB  . LEU B 1 97 ? -5.256  2.479   -9.696  1.00 17.94 ? 97  LEU B CB  1 
ATOM   1458 C CG  . LEU B 1 97 ? -4.699  2.350   -8.279  1.00 17.92 ? 97  LEU B CG  1 
ATOM   1459 C CD1 . LEU B 1 97 ? -4.306  0.905   -7.995  1.00 19.18 ? 97  LEU B CD1 1 
ATOM   1460 C CD2 . LEU B 1 97 ? -3.496  3.268   -8.142  1.00 18.11 ? 97  LEU B CD2 1 
ATOM   1461 N N   . ASN B 1 98 ? -5.218  4.580   -12.263 1.00 21.96 ? 98  ASN B N   1 
ATOM   1462 C CA  . ASN B 1 98 ? -5.399  4.755   -13.697 1.00 22.61 ? 98  ASN B CA  1 
ATOM   1463 C C   . ASN B 1 98 ? -4.094  4.699   -14.467 1.00 22.88 ? 98  ASN B C   1 
ATOM   1464 O O   . ASN B 1 98 ? -3.100  5.302   -14.061 1.00 24.73 ? 98  ASN B O   1 
ATOM   1465 C CB  . ASN B 1 98 ? -6.061  6.106   -13.973 1.00 22.28 ? 98  ASN B CB  1 
ATOM   1466 C CG  . ASN B 1 98 ? -7.488  6.168   -13.480 1.00 24.73 ? 98  ASN B CG  1 
ATOM   1467 O OD1 . ASN B 1 98 ? -8.422  5.798   -14.191 1.00 27.87 ? 98  ASN B OD1 1 
ATOM   1468 N ND2 . ASN B 1 98 ? -7.663  6.626   -12.251 1.00 22.23 ? 98  ASN B ND2 1 
ATOM   1469 N N   . PHE B 1 99 ? -4.103  3.975   -15.577 1.00 23.39 ? 99  PHE B N   1 
ATOM   1470 C CA  . PHE B 1 99 ? -2.933  3.879   -16.441 1.00 26.36 ? 99  PHE B CA  1 
ATOM   1471 C C   . PHE B 1 99 ? -3.328  3.307   -17.797 1.00 26.59 ? 99  PHE B C   1 
ATOM   1472 O O   . PHE B 1 99 ? -4.546  3.144   -18.028 1.00 27.25 ? 99  PHE B O   1 
ATOM   1473 C CB  . PHE B 1 99 ? -1.819  3.031   -15.803 1.00 26.04 ? 99  PHE B CB  1 
ATOM   1474 C CG  . PHE B 1 99 ? -2.201  1.603   -15.538 1.00 26.78 ? 99  PHE B CG  1 
ATOM   1475 C CD1 . PHE B 1 99 ? -2.862  1.251   -14.365 1.00 27.12 ? 99  PHE B CD1 1 
ATOM   1476 C CD2 . PHE B 1 99 ? -1.894  0.607   -16.464 1.00 27.33 ? 99  PHE B CD2 1 
ATOM   1477 C CE1 . PHE B 1 99 ? -3.212  -0.076  -14.117 1.00 27.24 ? 99  PHE B CE1 1 
ATOM   1478 C CE2 . PHE B 1 99 ? -2.242  -0.721  -16.224 1.00 27.62 ? 99  PHE B CE2 1 
ATOM   1479 C CZ  . PHE B 1 99 ? -2.902  -1.061  -15.047 1.00 27.80 ? 99  PHE B CZ  1 
ATOM   1480 O OXT . PHE B 1 99 ? -2.426  3.048   -18.619 1.00 27.47 ? 99  PHE B OXT 1 
ATOM   1481 N N   . ARG C 2 1  ? 13.035  -0.464  1.213   1.00 47.15 ? 2   ARG P N   1 
ATOM   1482 C CA  . ARG C 2 1  ? 12.718  0.662   2.133   1.00 46.12 ? 2   ARG P CA  1 
ATOM   1483 C C   . ARG C 2 1  ? 11.417  0.375   2.873   1.00 46.08 ? 2   ARG P C   1 
ATOM   1484 O O   . ARG C 2 1  ? 11.406  -0.367  3.855   1.00 45.46 ? 2   ARG P O   1 
ATOM   1485 C CB  . ARG C 2 1  ? 12.603  1.966   1.343   1.00 47.29 ? 2   ARG P CB  1 
ATOM   1486 N N   . GLN C 2 2  ? 10.319  0.955   2.388   1.00 44.42 ? 3   GLN P N   1 
ATOM   1487 C CA  . GLN C 2 2  ? 9.014   0.767   3.011   1.00 41.94 ? 3   GLN P CA  1 
ATOM   1488 C C   . GLN C 2 2  ? 7.954   0.249   2.038   1.00 40.13 ? 3   GLN P C   1 
ATOM   1489 O O   . GLN C 2 2  ? 7.667   0.876   1.018   1.00 38.79 ? 3   GLN P O   1 
ATOM   1490 C CB  . GLN C 2 2  ? 8.551   2.077   3.639   1.00 41.50 ? 3   GLN P CB  1 
ATOM   1491 N N   . VAL C 2 3  ? 7.380   -0.902  2.369   1.00 37.90 ? 4   VAL P N   1 
ATOM   1492 C CA  . VAL C 2 3  ? 6.339   -1.516  1.556   1.00 37.71 ? 4   VAL P CA  1 
ATOM   1493 C C   . VAL C 2 3  ? 5.135   -1.690  2.463   1.00 37.07 ? 4   VAL P C   1 
ATOM   1494 O O   . VAL C 2 3  ? 4.914   -2.760  3.033   1.00 37.11 ? 4   VAL P O   1 
ATOM   1495 C CB  . VAL C 2 3  ? 6.777   -2.890  1.026   1.00 38.82 ? 4   VAL P CB  1 
ATOM   1496 C CG1 . VAL C 2 3  ? 5.654   -3.506  0.195   1.00 39.52 ? 4   VAL P CG1 1 
ATOM   1497 C CG2 . VAL C 2 3  ? 8.040   -2.739  0.189   1.00 37.98 ? 4   VAL P CG2 1 
ATOM   1498 N N   . ASN C 2 4  ? 4.351   -0.626  2.585   1.00 34.77 ? 5   ASN P N   1 
ATOM   1499 C CA  . ASN C 2 4  ? 3.197   -0.640  3.461   1.00 34.97 ? 5   ASN P CA  1 
ATOM   1500 C C   . ASN C 2 4  ? 1.945   -1.348  2.946   1.00 35.01 ? 5   ASN P C   1 
ATOM   1501 O O   . ASN C 2 4  ? 0.990   -0.712  2.511   1.00 38.46 ? 5   ASN P O   1 
ATOM   1502 C CB  . ASN C 2 4  ? 2.871   0.797   3.878   1.00 33.19 ? 5   ASN P CB  1 
ATOM   1503 C CG  . ASN C 2 4  ? 4.028   1.462   4.610   1.00 33.91 ? 5   ASN P CG  1 
ATOM   1504 O OD1 . ASN C 2 4  ? 4.545   0.922   5.587   1.00 33.75 ? 5   ASN P OD1 1 
ATOM   1505 N ND2 . ASN C 2 4  ? 4.442   2.633   4.136   1.00 32.27 ? 5   ASN P ND2 1 
ATOM   1506 N N   . PHE C 2 5  ? 1.963   -2.674  2.991   1.00 33.37 ? 6   PHE P N   1 
ATOM   1507 C CA  . PHE C 2 5  ? 0.811   -3.462  2.585   1.00 32.21 ? 6   PHE P CA  1 
ATOM   1508 C C   . PHE C 2 5  ? 0.036   -3.682  3.876   1.00 32.18 ? 6   PHE P C   1 
ATOM   1509 O O   . PHE C 2 5  ? 0.632   -3.844  4.939   1.00 31.96 ? 6   PHE P O   1 
ATOM   1510 C CB  . PHE C 2 5  ? 1.256   -4.797  1.978   1.00 31.63 ? 6   PHE P CB  1 
ATOM   1511 C CG  . PHE C 2 5  ? 0.231   -5.888  2.089   1.00 31.56 ? 6   PHE P CG  1 
ATOM   1512 C CD1 . PHE C 2 5  ? 0.276   -6.793  3.143   1.00 32.41 ? 6   PHE P CD1 1 
ATOM   1513 C CD2 . PHE C 2 5  ? -0.788  -6.006  1.148   1.00 30.71 ? 6   PHE P CD2 1 
ATOM   1514 C CE1 . PHE C 2 5  ? -0.679  -7.801  3.264   1.00 31.78 ? 6   PHE P CE1 1 
ATOM   1515 C CE2 . PHE C 2 5  ? -1.750  -7.010  1.258   1.00 31.58 ? 6   PHE P CE2 1 
ATOM   1516 C CZ  . PHE C 2 5  ? -1.695  -7.911  2.319   1.00 31.65 ? 6   PHE P CZ  1 
ATOM   1517 N N   . LEU C 2 6  ? -1.287  -3.677  3.792   1.00 33.14 ? 7   LEU P N   1 
ATOM   1518 C CA  . LEU C 2 6  ? -2.111  -3.856  4.980   1.00 33.79 ? 7   LEU P CA  1 
ATOM   1519 C C   . LEU C 2 6  ? -3.316  -4.740  4.678   1.00 33.24 ? 7   LEU P C   1 
ATOM   1520 O O   . LEU C 2 6  ? -4.107  -4.440  3.783   1.00 31.18 ? 7   LEU P O   1 
ATOM   1521 C CB  . LEU C 2 6  ? -2.570  -2.488  5.483   1.00 34.71 ? 7   LEU P CB  1 
ATOM   1522 C CG  . LEU C 2 6  ? -3.324  -2.411  6.802   1.00 35.54 ? 7   LEU P CG  1 
ATOM   1523 C CD1 . LEU C 2 6  ? -2.404  -2.817  7.936   1.00 38.23 ? 7   LEU P CD1 1 
ATOM   1524 C CD2 . LEU C 2 6  ? -3.815  -0.992  7.006   1.00 38.85 ? 7   LEU P CD2 1 
ATOM   1525 N N   . GLY C 2 7  ? -3.439  -5.831  5.425   1.00 34.10 ? 8   GLY P N   1 
ATOM   1526 C CA  . GLY C 2 7  ? -4.539  -6.754  5.225   1.00 37.19 ? 8   GLY P CA  1 
ATOM   1527 C C   . GLY C 2 7  ? -5.816  -6.288  5.894   1.00 39.03 ? 8   GLY P C   1 
ATOM   1528 O O   . GLY C 2 7  ? -5.953  -5.117  6.239   1.00 38.75 ? 8   GLY P O   1 
ATOM   1529 N N   . LYS C 2 8  ? -6.756  -7.210  6.078   1.00 40.89 ? 9   LYS P N   1 
ATOM   1530 C CA  . LYS C 2 8  ? -8.031  -6.887  6.705   1.00 42.67 ? 9   LYS P CA  1 
ATOM   1531 C C   . LYS C 2 8  ? -7.891  -6.865  8.224   1.00 43.07 ? 9   LYS P C   1 
ATOM   1532 O O   . LYS C 2 8  ? -6.987  -7.486  8.779   1.00 42.76 ? 9   LYS P O   1 
ATOM   1533 C CB  . LYS C 2 8  ? -9.082  -7.910  6.295   1.00 43.18 ? 9   LYS P CB  1 
ATOM   1534 N N   . ILE C 2 9  ? -8.781  -6.138  8.892   1.00 44.00 ? 10  ILE P N   1 
ATOM   1535 C CA  . ILE C 2 9  ? -8.750  -6.063  10.346  1.00 45.87 ? 10  ILE P CA  1 
ATOM   1536 C C   . ILE C 2 9  ? -8.855  -7.490  10.866  1.00 47.30 ? 10  ILE P C   1 
ATOM   1537 O O   . ILE C 2 9  ? -9.422  -8.364  10.202  1.00 47.58 ? 10  ILE P O   1 
ATOM   1538 C CB  . ILE C 2 9  ? -9.915  -5.225  10.864  1.00 45.75 ? 10  ILE P CB  1 
ATOM   1539 N N   . ASN C 2 10 ? -8.298  -7.731  12.048  1.00 48.57 ? 11  ASN P N   1 
ATOM   1540 C CA  . ASN C 2 10 ? -8.342  -9.065  12.637  1.00 48.78 ? 11  ASN P CA  1 
ATOM   1541 C C   . ASN C 2 10 ? -8.699  -9.003  14.120  1.00 49.36 ? 11  ASN P C   1 
ATOM   1542 O O   . ASN C 2 10 ? -8.242  -8.047  14.787  1.00 48.97 ? 11  ASN P O   1 
ATOM   1543 C CB  . ASN C 2 10 ? -6.998  -9.761  12.446  1.00 50.25 ? 11  ASN P CB  1 
ATOM   1544 O OXT . ASN C 2 10 ? -9.433  -9.905  14.591  1.00 48.90 ? 11  ASN P OXT 1 
HETATM 1545 C C   . ACT D 3 .  ? 6.046   -10.199 -25.836 1.00 50.10 ? 503 ACT A C   1 
HETATM 1546 O O   . ACT D 3 .  ? 6.863   -10.521 -24.705 1.00 50.27 ? 503 ACT A O   1 
HETATM 1547 O OXT . ACT D 3 .  ? 6.629   -9.483  -26.797 1.00 50.56 ? 503 ACT A OXT 1 
HETATM 1548 C CH3 . ACT D 3 .  ? 4.594   -10.649 -25.937 1.00 50.04 ? 503 ACT A CH3 1 
HETATM 1549 C C   . ACT E 3 .  ? -0.391  -16.180 -7.905  1.00 42.30 ? 504 ACT A C   1 
HETATM 1550 O O   . ACT E 3 .  ? 0.616   -17.126 -7.529  1.00 43.02 ? 504 ACT A O   1 
HETATM 1551 O OXT . ACT E 3 .  ? 0.025   -14.935 -8.134  1.00 41.69 ? 504 ACT A OXT 1 
HETATM 1552 C CH3 . ACT E 3 .  ? -1.855  -16.574 -8.034  1.00 42.28 ? 504 ACT A CH3 1 
HETATM 1553 C C   . ACT F 3 .  ? -10.289 -8.516  -1.178  1.00 48.52 ? 506 ACT A C   1 
HETATM 1554 O O   . ACT F 3 .  ? -11.098 -7.422  -0.724  1.00 47.50 ? 506 ACT A O   1 
HETATM 1555 O OXT . ACT F 3 .  ? -10.079 -8.592  -2.492  1.00 48.24 ? 506 ACT A OXT 1 
HETATM 1556 C CH3 . ACT F 3 .  ? -9.700  -9.538  -0.213  1.00 48.77 ? 506 ACT A CH3 1 
HETATM 1557 C C   . ACT G 3 .  ? 9.252   -21.309 -6.916  1.00 41.61 ? 507 ACT A C   1 
HETATM 1558 O O   . ACT G 3 .  ? 10.383  -21.166 -7.782  1.00 42.58 ? 507 ACT A O   1 
HETATM 1559 O OXT . ACT G 3 .  ? 8.072   -20.954 -7.423  1.00 41.98 ? 507 ACT A OXT 1 
HETATM 1560 C CH3 . ACT G 3 .  ? 9.391   -21.835 -5.499  1.00 42.60 ? 507 ACT A CH3 1 
HETATM 1561 C C   . ACT H 3 .  ? -16.917 15.975  -1.052  1.00 34.24 ? 501 ACT B C   1 
HETATM 1562 O O   . ACT H 3 .  ? -17.009 15.688  -2.450  1.00 35.78 ? 501 ACT B O   1 
HETATM 1563 O OXT . ACT H 3 .  ? -15.869 15.460  -0.420  1.00 37.04 ? 501 ACT B OXT 1 
HETATM 1564 C CH3 . ACT H 3 .  ? -17.951 16.817  -0.330  1.00 35.19 ? 501 ACT B CH3 1 
HETATM 1565 C C   . ACT I 3 .  ? -9.841  18.480  -6.379  1.00 41.59 ? 502 ACT B C   1 
HETATM 1566 O O   . ACT I 3 .  ? -10.620 19.467  -5.696  1.00 42.28 ? 502 ACT B O   1 
HETATM 1567 O OXT . ACT I 3 .  ? -10.167 17.211  -6.145  1.00 41.25 ? 502 ACT B OXT 1 
HETATM 1568 C CH3 . ACT I 3 .  ? -8.702  18.859  -7.320  1.00 42.20 ? 502 ACT B CH3 1 
HETATM 1569 C C   . ACT J 3 .  ? -3.904  -1.418  22.551  1.00 44.59 ? 505 ACT B C   1 
HETATM 1570 O O   . ACT J 3 .  ? -4.975  -2.357  22.714  1.00 44.81 ? 505 ACT B O   1 
HETATM 1571 O OXT . ACT J 3 .  ? -2.732  -1.921  22.166  1.00 45.17 ? 505 ACT B OXT 1 
HETATM 1572 C CH3 . ACT J 3 .  ? -4.092  0.067   22.800  1.00 43.84 ? 505 ACT B CH3 1 
HETATM 1573 C C   . ACT K 3 .  ? -14.728 19.967  12.134  1.00 34.88 ? 508 ACT B C   1 
HETATM 1574 O O   . ACT K 3 .  ? -15.803 19.404  12.897  1.00 36.94 ? 508 ACT B O   1 
HETATM 1575 O OXT . ACT K 3 .  ? -13.498 19.595  12.487  1.00 33.51 ? 508 ACT B OXT 1 
HETATM 1576 C CH3 . ACT K 3 .  ? -14.977 20.937  10.993  1.00 35.02 ? 508 ACT B CH3 1 
HETATM 1577 C C   . ACT L 3 .  ? 2.114   14.599  11.144  1.00 52.79 ? 509 ACT B C   1 
HETATM 1578 O O   . ACT L 3 .  ? 1.296   13.431  11.253  1.00 53.03 ? 509 ACT B O   1 
HETATM 1579 O OXT . ACT L 3 .  ? 2.791   14.738  10.006  1.00 54.61 ? 509 ACT B OXT 1 
HETATM 1580 C CH3 . ACT L 3 .  ? 2.208   15.620  12.263  1.00 54.04 ? 509 ACT B CH3 1 
HETATM 1581 C C   . ACT M 3 .  ? -1.949  13.231  20.315  1.00 37.16 ? 510 ACT B C   1 
HETATM 1582 O O   . ACT M 3 .  ? -1.371  13.941  19.212  1.00 39.14 ? 510 ACT B O   1 
HETATM 1583 O OXT . ACT M 3 .  ? -3.209  12.826  20.163  1.00 34.97 ? 510 ACT B OXT 1 
HETATM 1584 C CH3 . ACT M 3 .  ? -1.167  12.955  21.588  1.00 38.61 ? 510 ACT B CH3 1 
HETATM 1585 O O   . HOH N 4 .  ? 16.849  -2.512  -11.602 1.00 30.45 ? 508 HOH A O   1 
HETATM 1586 O O   . HOH N 4 .  ? 4.720   4.982   -1.456  1.00 21.37 ? 509 HOH A O   1 
HETATM 1587 O O   . HOH N 4 .  ? 21.240  -6.580  -6.790  1.00 44.15 ? 510 HOH A O   1 
HETATM 1588 O O   . HOH N 4 .  ? 14.220  -8.255  9.910   1.00 50.32 ? 511 HOH A O   1 
HETATM 1589 O O   . HOH N 4 .  ? 10.174  4.266   -5.620  1.00 38.33 ? 512 HOH A O   1 
HETATM 1590 O O   . HOH N 4 .  ? 3.204   7.672   -11.653 1.00 19.93 ? 513 HOH A O   1 
HETATM 1591 O O   . HOH N 4 .  ? -10.142 -3.209  -7.016  1.00 36.57 ? 514 HOH A O   1 
HETATM 1592 O O   . HOH N 4 .  ? -12.811 -2.516  -7.235  1.00 27.51 ? 515 HOH A O   1 
HETATM 1593 O O   . HOH N 4 .  ? 5.868   3.990   0.888   1.00 29.16 ? 516 HOH A O   1 
HETATM 1594 O O   . HOH N 4 .  ? 11.629  -2.992  -5.926  1.00 21.97 ? 517 HOH A O   1 
HETATM 1595 O O   . HOH N 4 .  ? 16.745  -12.076 9.168   1.00 40.15 ? 518 HOH A O   1 
HETATM 1596 O O   . HOH N 4 .  ? 12.882  -24.478 -8.432  1.00 29.24 ? 519 HOH A O   1 
HETATM 1597 O O   . HOH N 4 .  ? -11.478 8.435   -9.852  1.00 26.62 ? 520 HOH A O   1 
HETATM 1598 O O   . HOH N 4 .  ? -2.314  -15.098 -12.614 1.00 29.11 ? 521 HOH A O   1 
HETATM 1599 O O   . HOH N 4 .  ? 14.106  -14.528 6.598   1.00 25.63 ? 522 HOH A O   1 
HETATM 1600 O O   . HOH N 4 .  ? 13.847  0.175   -10.327 1.00 33.40 ? 523 HOH A O   1 
HETATM 1601 O O   . HOH N 4 .  ? 18.856  -17.852 -4.928  1.00 46.69 ? 524 HOH A O   1 
HETATM 1602 O O   . HOH N 4 .  ? 19.705  -0.840  -10.989 1.00 41.62 ? 525 HOH A O   1 
HETATM 1603 O O   . HOH N 4 .  ? 26.241  -3.155  -13.282 1.00 49.14 ? 526 HOH A O   1 
HETATM 1604 O O   . HOH N 4 .  ? 13.229  -11.553 12.343  1.00 41.97 ? 527 HOH A O   1 
HETATM 1605 O O   . HOH N 4 .  ? -5.524  -12.959 -7.450  1.00 36.41 ? 528 HOH A O   1 
HETATM 1606 O O   . HOH N 4 .  ? 12.810  -12.199 6.971   1.00 22.02 ? 529 HOH A O   1 
HETATM 1607 O O   . HOH N 4 .  ? 10.234  -13.235 7.383   1.00 24.87 ? 530 HOH A O   1 
HETATM 1608 O O   . HOH N 4 .  ? 11.751  -16.223 5.925   1.00 25.21 ? 531 HOH A O   1 
HETATM 1609 O O   . HOH N 4 .  ? 17.443  -16.013 9.382   1.00 25.09 ? 532 HOH A O   1 
HETATM 1610 O O   . HOH N 4 .  ? 14.836  -19.737 -3.258  1.00 26.76 ? 533 HOH A O   1 
HETATM 1611 O O   . HOH N 4 .  ? 7.980   -21.524 -1.667  1.00 28.08 ? 534 HOH A O   1 
HETATM 1612 O O   . HOH N 4 .  ? 3.953   -21.915 -0.042  1.00 30.41 ? 535 HOH A O   1 
HETATM 1613 O O   . HOH N 4 .  ? 2.373   -21.054 -2.554  1.00 51.61 ? 536 HOH A O   1 
HETATM 1614 O O   . HOH N 4 .  ? 1.927   -28.070 -5.921  1.00 48.87 ? 537 HOH A O   1 
HETATM 1615 O O   . HOH N 4 .  ? -9.788  -5.082  -9.191  1.00 33.71 ? 538 HOH A O   1 
HETATM 1616 O O   . HOH N 4 .  ? -8.743  -7.571  -9.045  1.00 45.18 ? 539 HOH A O   1 
HETATM 1617 O O   . HOH N 4 .  ? -4.824  -8.160  -15.269 1.00 33.93 ? 540 HOH A O   1 
HETATM 1618 O O   . HOH N 4 .  ? 0.087   -9.014  -18.017 1.00 47.99 ? 541 HOH A O   1 
HETATM 1619 O O   . HOH N 4 .  ? 11.230  -11.176 -16.384 1.00 25.41 ? 542 HOH A O   1 
HETATM 1620 O O   . HOH N 4 .  ? 11.971  3.515   -3.651  1.00 53.86 ? 543 HOH A O   1 
HETATM 1621 O O   . HOH N 4 .  ? 16.516  -17.543 -6.656  1.00 35.62 ? 544 HOH A O   1 
HETATM 1622 O O   . HOH N 4 .  ? 19.118  -16.424 -8.432  1.00 28.14 ? 545 HOH A O   1 
HETATM 1623 O O   . HOH N 4 .  ? 23.153  -5.639  1.443   1.00 38.41 ? 546 HOH A O   1 
HETATM 1624 O O   . HOH N 4 .  ? 1.856   -14.714 -3.339  1.00 51.20 ? 547 HOH A O   1 
HETATM 1625 O O   . HOH N 4 .  ? 7.671   -9.351  -18.369 1.00 31.05 ? 548 HOH A O   1 
HETATM 1626 O O   . HOH N 4 .  ? 18.252  -13.378 2.003   1.00 49.86 ? 549 HOH A O   1 
HETATM 1627 O O   . HOH N 4 .  ? -4.339  -1.565  -20.951 1.00 46.44 ? 550 HOH A O   1 
HETATM 1628 O O   . HOH N 4 .  ? -13.051 0.382   -13.094 1.00 28.02 ? 551 HOH A O   1 
HETATM 1629 O O   . HOH N 4 .  ? 18.457  1.986   0.582   1.00 49.78 ? 552 HOH A O   1 
HETATM 1630 O O   . HOH N 4 .  ? 15.452  -14.557 9.019   1.00 32.02 ? 553 HOH A O   1 
HETATM 1631 O O   . HOH N 4 .  ? 15.464  -9.238  14.460  1.00 33.73 ? 554 HOH A O   1 
HETATM 1632 O O   . HOH N 4 .  ? 7.745   -6.123  -19.186 1.00 29.12 ? 555 HOH A O   1 
HETATM 1633 O O   . HOH N 4 .  ? -5.525  -10.879 4.984   1.00 41.92 ? 556 HOH A O   1 
HETATM 1634 O O   . HOH N 4 .  ? 6.527   -19.955 -3.340  1.00 62.08 ? 557 HOH A O   1 
HETATM 1635 O O   . HOH N 4 .  ? 11.081  6.597   -3.123  1.00 48.28 ? 558 HOH A O   1 
HETATM 1636 O O   . HOH N 4 .  ? 2.869   -15.805 -6.709  1.00 44.49 ? 559 HOH A O   1 
HETATM 1637 O O   . HOH N 4 .  ? 4.020   8.006   -14.327 1.00 29.67 ? 560 HOH A O   1 
HETATM 1638 O O   . HOH N 4 .  ? 25.195  -9.658  -5.874  1.00 40.23 ? 561 HOH A O   1 
HETATM 1639 O O   . HOH N 4 .  ? 16.125  -8.618  12.044  1.00 44.91 ? 562 HOH A O   1 
HETATM 1640 O O   . HOH N 4 .  ? 14.127  -11.276 9.325   1.00 53.64 ? 563 HOH A O   1 
HETATM 1641 O O   . HOH N 4 .  ? -11.275 0.702   -17.073 1.00 43.42 ? 564 HOH A O   1 
HETATM 1642 O O   . HOH N 4 .  ? -6.967  -13.041 -4.380  1.00 45.94 ? 565 HOH A O   1 
HETATM 1643 O O   . HOH N 4 .  ? 22.822  -12.576 3.020   1.00 54.24 ? 566 HOH A O   1 
HETATM 1644 O O   . HOH N 4 .  ? 10.652  -8.158  14.816  1.00 41.40 ? 567 HOH A O   1 
HETATM 1645 O O   . HOH N 4 .  ? 13.310  -0.173  -6.422  1.00 38.06 ? 568 HOH A O   1 
HETATM 1646 O O   . HOH N 4 .  ? 5.982   -14.458 -6.727  1.00 38.94 ? 569 HOH A O   1 
HETATM 1647 O O   . HOH N 4 .  ? 11.475  -7.445  12.102  1.00 39.50 ? 570 HOH A O   1 
HETATM 1648 O O   . HOH N 4 .  ? 9.720   -9.904  10.637  1.00 30.94 ? 571 HOH A O   1 
HETATM 1649 O O   . HOH N 4 .  ? 14.692  1.758   -1.127  1.00 47.85 ? 572 HOH A O   1 
HETATM 1650 O O   . HOH N 4 .  ? 16.060  -15.269 0.130   1.00 50.69 ? 573 HOH A O   1 
HETATM 1651 O O   . HOH N 4 .  ? 15.138  -15.403 4.321   1.00 41.41 ? 574 HOH A O   1 
HETATM 1652 O O   . HOH N 4 .  ? -5.556  -12.093 2.794   1.00 54.31 ? 575 HOH A O   1 
HETATM 1653 O O   . HOH O 4 .  ? -1.628  12.787  26.499  1.00 47.53 ? 511 HOH B O   1 
HETATM 1654 O O   . HOH O 4 .  ? -19.667 6.634   8.135   1.00 29.98 ? 512 HOH B O   1 
HETATM 1655 O O   . HOH O 4 .  ? 2.687   13.429  -4.221  1.00 33.08 ? 513 HOH B O   1 
HETATM 1656 O O   . HOH O 4 .  ? 10.893  11.781  -13.243 1.00 52.50 ? 514 HOH B O   1 
HETATM 1657 O O   . HOH O 4 .  ? -16.484 6.209   -5.420  1.00 37.89 ? 515 HOH B O   1 
HETATM 1658 O O   . HOH O 4 .  ? -16.311 0.394   19.408  1.00 36.57 ? 516 HOH B O   1 
HETATM 1659 O O   . HOH O 4 .  ? -5.573  -3.327  -1.014  1.00 13.46 ? 517 HOH B O   1 
HETATM 1660 O O   . HOH O 4 .  ? -0.929  10.087  22.097  1.00 42.55 ? 518 HOH B O   1 
HETATM 1661 O O   . HOH O 4 .  ? -16.037 3.809   17.924  1.00 35.90 ? 519 HOH B O   1 
HETATM 1662 O O   . HOH O 4 .  ? 3.132   10.926  -5.096  1.00 22.29 ? 520 HOH B O   1 
HETATM 1663 O O   . HOH O 4 .  ? -6.311  25.055  10.313  1.00 42.05 ? 521 HOH B O   1 
HETATM 1664 O O   . HOH O 4 .  ? -12.462 3.341   -6.104  1.00 26.09 ? 522 HOH B O   1 
HETATM 1665 O O   . HOH O 4 .  ? -22.919 5.108   15.975  1.00 51.01 ? 523 HOH B O   1 
HETATM 1666 O O   . HOH O 4 .  ? 9.184   11.010  -0.721  1.00 44.95 ? 524 HOH B O   1 
HETATM 1667 O O   . HOH O 4 .  ? -12.942 13.712  12.922  1.00 24.95 ? 525 HOH B O   1 
HETATM 1668 O O   . HOH O 4 .  ? -16.648 -4.609  15.287  1.00 51.62 ? 526 HOH B O   1 
HETATM 1669 O O   . HOH O 4 .  ? -8.296  21.531  11.290  1.00 33.16 ? 527 HOH B O   1 
HETATM 1670 O O   . HOH O 4 .  ? 5.087   21.603  6.031   1.00 48.89 ? 528 HOH B O   1 
HETATM 1671 O O   . HOH O 4 .  ? -2.982  2.427   19.624  1.00 44.92 ? 529 HOH B O   1 
HETATM 1672 O O   . HOH O 4 .  ? 4.213   4.462   14.651  1.00 31.80 ? 530 HOH B O   1 
HETATM 1673 O O   . HOH O 4 .  ? 1.557   -4.358  18.158  1.00 19.02 ? 531 HOH B O   1 
HETATM 1674 O O   . HOH O 4 .  ? 3.001   10.842  6.875   1.00 46.28 ? 532 HOH B O   1 
HETATM 1675 O O   . HOH O 4 .  ? -8.765  23.938  10.042  1.00 56.86 ? 533 HOH B O   1 
HETATM 1676 O O   . HOH O 4 .  ? -18.871 7.295   20.595  1.00 48.33 ? 534 HOH B O   1 
HETATM 1677 O O   . HOH O 4 .  ? 5.632   -11.627 6.245   1.00 32.21 ? 535 HOH B O   1 
HETATM 1678 O O   . HOH O 4 .  ? -14.796 6.097   -9.076  1.00 43.59 ? 536 HOH B O   1 
HETATM 1679 O O   . HOH O 4 .  ? -14.583 4.975   -6.565  1.00 41.20 ? 537 HOH B O   1 
HETATM 1680 O O   . HOH O 4 .  ? -4.507  -4.772  0.936   1.00 16.23 ? 538 HOH B O   1 
HETATM 1681 O O   . HOH O 4 .  ? -11.325 -1.759  2.675   1.00 28.11 ? 539 HOH B O   1 
HETATM 1682 O O   . HOH O 4 .  ? -9.546  1.533   8.637   1.00 21.23 ? 540 HOH B O   1 
HETATM 1683 O O   . HOH O 4 .  ? -18.166 15.928  6.945   1.00 52.20 ? 541 HOH B O   1 
HETATM 1684 O O   . HOH O 4 .  ? 3.882   -3.935  17.452  1.00 38.38 ? 542 HOH B O   1 
HETATM 1685 O O   . HOH O 4 .  ? 5.790   12.982  -1.011  1.00 36.49 ? 543 HOH B O   1 
HETATM 1686 O O   . HOH O 4 .  ? 0.420   15.860  20.348  1.00 40.99 ? 544 HOH B O   1 
HETATM 1687 O O   . HOH O 4 .  ? 4.655   -1.866  12.904  1.00 39.93 ? 545 HOH B O   1 
HETATM 1688 O O   . HOH O 4 .  ? -3.347  18.150  0.642   1.00 43.05 ? 546 HOH B O   1 
HETATM 1689 O O   . HOH O 4 .  ? -0.220  19.075  1.804   1.00 44.51 ? 547 HOH B O   1 
HETATM 1690 O O   . HOH O 4 .  ? -7.952  18.187  3.402   1.00 31.84 ? 548 HOH B O   1 
HETATM 1691 O O   . HOH O 4 .  ? -12.225 17.275  12.368  1.00 34.97 ? 549 HOH B O   1 
HETATM 1692 O O   . HOH O 4 .  ? -12.604 16.022  9.552   1.00 42.23 ? 550 HOH B O   1 
HETATM 1693 O O   . HOH O 4 .  ? -15.496 13.917  6.429   1.00 31.52 ? 551 HOH B O   1 
HETATM 1694 O O   . HOH O 4 .  ? -5.754  20.176  17.498  1.00 28.64 ? 552 HOH B O   1 
HETATM 1695 O O   . HOH O 4 .  ? -8.059  18.743  18.001  1.00 33.78 ? 553 HOH B O   1 
HETATM 1696 O O   . HOH O 4 .  ? -1.083  9.666   13.724  1.00 47.38 ? 554 HOH B O   1 
HETATM 1697 O O   . HOH O 4 .  ? 3.242   12.056  9.661   1.00 31.96 ? 555 HOH B O   1 
HETATM 1698 O O   . HOH O 4 .  ? 3.493   9.445   9.003   1.00 38.43 ? 556 HOH B O   1 
HETATM 1699 O O   . HOH O 4 .  ? -14.868 2.614   6.858   1.00 21.24 ? 557 HOH B O   1 
HETATM 1700 O O   . HOH O 4 .  ? -15.664 2.851   4.194   1.00 39.43 ? 558 HOH B O   1 
HETATM 1701 O O   . HOH O 4 .  ? -16.853 3.149   10.768  1.00 37.23 ? 559 HOH B O   1 
HETATM 1702 O O   . HOH O 4 .  ? -20.002 3.887   9.942   1.00 42.60 ? 560 HOH B O   1 
HETATM 1703 O O   . HOH O 4 .  ? -11.879 16.106  -7.882  1.00 34.68 ? 561 HOH B O   1 
HETATM 1704 O O   . HOH O 4 .  ? -7.884  17.843  -3.739  1.00 35.50 ? 562 HOH B O   1 
HETATM 1705 O O   . HOH O 4 .  ? 12.120  6.295   5.426   1.00 50.73 ? 563 HOH B O   1 
HETATM 1706 O O   . HOH O 4 .  ? -20.095 3.266   15.585  1.00 55.47 ? 564 HOH B O   1 
HETATM 1707 O O   . HOH O 4 .  ? 0.438   -10.361 7.475   1.00 42.78 ? 565 HOH B O   1 
HETATM 1708 O O   . HOH O 4 .  ? -1.874  -10.457 6.186   1.00 51.08 ? 566 HOH B O   1 
HETATM 1709 O O   . HOH O 4 .  ? 1.379   11.502  13.102  1.00 54.00 ? 567 HOH B O   1 
HETATM 1710 O O   . HOH O 4 .  ? -5.256  18.517  2.530   1.00 33.34 ? 568 HOH B O   1 
HETATM 1711 O O   . HOH O 4 .  ? -11.081 -5.285  15.896  1.00 45.86 ? 569 HOH B O   1 
HETATM 1712 O O   . HOH O 4 .  ? -1.508  18.571  -0.957  1.00 54.62 ? 570 HOH B O   1 
HETATM 1713 O O   . HOH O 4 .  ? 2.545   5.481   16.796  1.00 31.31 ? 571 HOH B O   1 
HETATM 1714 O O   . HOH O 4 .  ? -15.141 6.231   18.363  1.00 34.64 ? 572 HOH B O   1 
HETATM 1715 O O   . HOH O 4 .  ? 6.599   -11.564 11.852  1.00 34.30 ? 573 HOH B O   1 
HETATM 1716 O O   . HOH O 4 .  ? -9.994  23.673  7.036   1.00 41.54 ? 574 HOH B O   1 
HETATM 1717 O O   . HOH O 4 .  ? -2.980  14.559  25.371  1.00 38.33 ? 575 HOH B O   1 
HETATM 1718 O O   . HOH P 4 .  ? 3.255   -4.064  5.324   1.00 38.19 ? 33  HOH P O   1 
HETATM 1719 O O   . HOH P 4 .  ? -10.661 -4.947  7.208   1.00 48.91 ? 50  HOH P O   1 
HETATM 1720 O O   . HOH P 4 .  ? 5.537   5.311   3.443   1.00 30.28 ? 93  HOH P O   1 
HETATM 1721 O O   . HOH P 4 .  ? 16.247  1.473   2.417   1.00 51.92 ? 106 HOH P O   1 
HETATM 1722 O O   . HOH P 4 .  ? -4.572  -7.824  8.324   1.00 36.28 ? 112 HOH P O   1 
# 
loop_
_pdbx_poly_seq_scheme.asym_id 
_pdbx_poly_seq_scheme.entity_id 
_pdbx_poly_seq_scheme.seq_id 
_pdbx_poly_seq_scheme.mon_id 
_pdbx_poly_seq_scheme.ndb_seq_num 
_pdbx_poly_seq_scheme.pdb_seq_num 
_pdbx_poly_seq_scheme.auth_seq_num 
_pdbx_poly_seq_scheme.pdb_mon_id 
_pdbx_poly_seq_scheme.auth_mon_id 
_pdbx_poly_seq_scheme.pdb_strand_id 
_pdbx_poly_seq_scheme.pdb_ins_code 
_pdbx_poly_seq_scheme.hetero 
A 1 1  PRO 1  1  1  PRO PRO A . n 
A 1 2  GLN 2  2  2  GLN GLN A . n 
A 1 3  ILE 3  3  3  ILE ILE A . n 
A 1 4  THR 4  4  4  THR THR A . n 
A 1 5  LEU 5  5  5  LEU LEU A . n 
A 1 6  TRP 6  6  6  TRP TRP A . n 
A 1 7  LYS 7  7  7  LYS LYS A . n 
A 1 8  ARG 8  8  8  ARG ARG A . n 
A 1 9  PRO 9  9  9  PRO PRO A . n 
A 1 10 LEU 10 10 10 LEU LEU A . n 
A 1 11 VAL 11 11 11 VAL VAL A . n 
A 1 12 THR 12 12 12 THR THR A . n 
A 1 13 ILE 13 13 13 ILE ILE A . n 
A 1 14 ARG 14 14 14 ARG ARG A . n 
A 1 15 ILE 15 15 15 ILE ILE A . n 
A 1 16 GLY 16 16 16 GLY GLY A . n 
A 1 17 GLY 17 17 17 GLY GLY A . n 
A 1 18 GLN 18 18 18 GLN GLN A . n 
A 1 19 LEU 19 19 19 LEU LEU A . n 
A 1 20 LYS 20 20 20 LYS LYS A . n 
A 1 21 GLU 21 21 21 GLU GLU A . n 
A 1 22 ALA 22 22 22 ALA ALA A . n 
A 1 23 LEU 23 23 23 LEU LEU A . n 
A 1 24 LEU 24 24 24 LEU LEU A . n 
A 1 25 ASN 25 25 25 ASN ASN A . n 
A 1 26 THR 26 26 26 THR THR A . n 
A 1 27 GLY 27 27 27 GLY GLY A . n 
A 1 28 ALA 28 28 28 ALA ALA A . n 
A 1 29 ASP 29 29 29 ASP ASP A . n 
A 1 30 ASP 30 30 30 ASP ASP A . n 
A 1 31 THR 31 31 31 THR THR A . n 
A 1 32 VAL 32 32 32 VAL VAL A . n 
A 1 33 LEU 33 33 33 LEU LEU A . n 
A 1 34 GLU 34 34 34 GLU GLU A . n 
A 1 35 GLU 35 35 35 GLU GLU A . n 
A 1 36 MET 36 36 36 MET MET A . n 
A 1 37 ASN 37 37 37 ASN ASN A . n 
A 1 38 LEU 38 38 38 LEU LEU A . n 
A 1 39 PRO 39 39 39 PRO PRO A . n 
A 1 40 GLY 40 40 40 GLY GLY A . n 
A 1 41 LYS 41 41 41 LYS ALA A . n 
A 1 42 TRP 42 42 42 TRP TRP A . n 
A 1 43 LYS 43 43 43 LYS ALA A . n 
A 1 44 PRO 44 44 44 PRO PRO A . n 
A 1 45 LYS 45 45 45 LYS LYS A . n 
A 1 46 MET 46 46 46 MET MET A . n 
A 1 47 ILE 47 47 47 ILE ILE A . n 
A 1 48 GLY 48 48 48 GLY GLY A . n 
A 1 49 GLY 49 49 49 GLY GLY A . n 
A 1 50 ILE 50 50 50 ILE ILE A . n 
A 1 51 GLY 51 51 51 GLY GLY A . n 
A 1 52 GLY 52 52 52 GLY GLY A . n 
A 1 53 PHE 53 53 53 PHE PHE A . n 
A 1 54 ILE 54 54 54 ILE ILE A . n 
A 1 55 LYS 55 55 55 LYS ALA A . n 
A 1 56 VAL 56 56 56 VAL VAL A . n 
A 1 57 ARG 57 57 57 ARG ARG A . n 
A 1 58 GLN 58 58 58 GLN GLN A . n 
A 1 59 TYR 59 59 59 TYR TYR A . n 
A 1 60 ASP 60 60 60 ASP ASP A . n 
A 1 61 GLN 61 61 61 GLN GLN A . n 
A 1 62 ILE 62 62 62 ILE ILE A . n 
A 1 63 PRO 63 63 63 PRO PRO A . n 
A 1 64 VAL 64 64 64 VAL VAL A . n 
A 1 65 GLU 65 65 65 GLU GLU A . n 
A 1 66 ILE 66 66 66 ILE ILE A . n 
A 1 67 CYS 67 67 67 CYS CYS A . n 
A 1 68 GLY 68 68 68 GLY GLY A . n 
A 1 69 HIS 69 69 69 HIS HIS A . n 
A 1 70 LYS 70 70 70 LYS LYS A . n 
A 1 71 ALA 71 71 71 ALA ALA A . n 
A 1 72 ILE 72 72 72 ILE ILE A . n 
A 1 73 GLY 73 73 73 GLY GLY A . n 
A 1 74 THR 74 74 74 THR THR A . n 
A 1 75 VAL 75 75 75 VAL VAL A . n 
A 1 76 LEU 76 76 76 LEU LEU A . n 
A 1 77 VAL 77 77 77 VAL VAL A . n 
A 1 78 GLY 78 78 78 GLY GLY A . n 
A 1 79 PRO 79 79 79 PRO PRO A . n 
A 1 80 THR 80 80 80 THR THR A . n 
A 1 81 PRO 81 81 81 PRO PRO A . n 
A 1 82 ALA 82 82 82 ALA ALA A . n 
A 1 83 ASN 83 83 83 ASN ASN A . n 
A 1 84 ILE 84 84 84 ILE ILE A . n 
A 1 85 ILE 85 85 85 ILE ILE A . n 
A 1 86 GLY 86 86 86 GLY GLY A . n 
A 1 87 ARG 87 87 87 ARG ARG A . n 
A 1 88 ASN 88 88 88 ASN ASN A . n 
A 1 89 LEU 89 89 89 LEU LEU A . n 
A 1 90 LEU 90 90 90 LEU LEU A . n 
A 1 91 THR 91 91 91 THR THR A . n 
A 1 92 GLN 92 92 92 GLN GLN A . n 
A 1 93 ILE 93 93 93 ILE ILE A . n 
A 1 94 GLY 94 94 94 GLY GLY A . n 
A 1 95 CYS 95 95 95 CYS CYS A . n 
A 1 96 THR 96 96 96 THR THR A . n 
A 1 97 LEU 97 97 97 LEU LEU A . n 
A 1 98 ASN 98 98 98 ASN ASN A . n 
A 1 99 PHE 99 99 99 PHE PHE A . n 
B 1 1  PRO 1  1  1  PRO PRO B . n 
B 1 2  GLN 2  2  2  GLN GLN B . n 
B 1 3  ILE 3  3  3  ILE ILE B . n 
B 1 4  THR 4  4  4  THR THR B . n 
B 1 5  LEU 5  5  5  LEU LEU B . n 
B 1 6  TRP 6  6  6  TRP TRP B . n 
B 1 7  LYS 7  7  7  LYS ALA B . n 
B 1 8  ARG 8  8  8  ARG ARG B . n 
B 1 9  PRO 9  9  9  PRO PRO B . n 
B 1 10 LEU 10 10 10 LEU LEU B . n 
B 1 11 VAL 11 11 11 VAL VAL B . n 
B 1 12 THR 12 12 12 THR THR B . n 
B 1 13 ILE 13 13 13 ILE ILE B . n 
B 1 14 ARG 14 14 14 ARG ARG B . n 
B 1 15 ILE 15 15 15 ILE ILE B . n 
B 1 16 GLY 16 16 16 GLY GLY B . n 
B 1 17 GLY 17 17 17 GLY GLY B . n 
B 1 18 GLN 18 18 18 GLN GLN B . n 
B 1 19 LEU 19 19 19 LEU LEU B . n 
B 1 20 LYS 20 20 20 LYS LYS B . n 
B 1 21 GLU 21 21 21 GLU GLU B . n 
B 1 22 ALA 22 22 22 ALA ALA B . n 
B 1 23 LEU 23 23 23 LEU LEU B . n 
B 1 24 LEU 24 24 24 LEU LEU B . n 
B 1 25 ASN 25 25 25 ASN ASN B . n 
B 1 26 THR 26 26 26 THR THR B . n 
B 1 27 GLY 27 27 27 GLY GLY B . n 
B 1 28 ALA 28 28 28 ALA ALA B . n 
B 1 29 ASP 29 29 29 ASP ASP B . n 
B 1 30 ASP 30 30 30 ASP ASP B . n 
B 1 31 THR 31 31 31 THR THR B . n 
B 1 32 VAL 32 32 32 VAL VAL B . n 
B 1 33 LEU 33 33 33 LEU LEU B . n 
B 1 34 GLU 34 34 34 GLU GLU B . n 
B 1 35 GLU 35 35 35 GLU GLU B . n 
B 1 36 MET 36 36 36 MET MET B . n 
B 1 37 ASN 37 37 37 ASN ASN B . n 
B 1 38 LEU 38 38 38 LEU LEU B . n 
B 1 39 PRO 39 39 39 PRO PRO B . n 
B 1 40 GLY 40 40 40 GLY GLY B . n 
B 1 41 LYS 41 41 41 LYS ALA B . n 
B 1 42 TRP 42 42 42 TRP TRP B . n 
B 1 43 LYS 43 43 43 LYS ALA B . n 
B 1 44 PRO 44 44 44 PRO PRO B . n 
B 1 45 LYS 45 45 45 LYS ALA B . n 
B 1 46 MET 46 46 46 MET MET B . n 
B 1 47 ILE 47 47 47 ILE ILE B . n 
B 1 48 GLY 48 48 48 GLY GLY B . n 
B 1 49 GLY 49 49 49 GLY GLY B . n 
B 1 50 ILE 50 50 50 ILE ILE B . n 
B 1 51 GLY 51 51 51 GLY GLY B . n 
B 1 52 GLY 52 52 52 GLY GLY B . n 
B 1 53 PHE 53 53 53 PHE PHE B . n 
B 1 54 ILE 54 54 54 ILE ILE B . n 
B 1 55 LYS 55 55 55 LYS LYS B . n 
B 1 56 VAL 56 56 56 VAL VAL B . n 
B 1 57 ARG 57 57 57 ARG ARG B . n 
B 1 58 GLN 58 58 58 GLN GLN B . n 
B 1 59 TYR 59 59 59 TYR TYR B . n 
B 1 60 ASP 60 60 60 ASP ASP B . n 
B 1 61 GLN 61 61 61 GLN GLN B . n 
B 1 62 ILE 62 62 62 ILE ILE B . n 
B 1 63 PRO 63 63 63 PRO PRO B . n 
B 1 64 VAL 64 64 64 VAL VAL B . n 
B 1 65 GLU 65 65 65 GLU GLU B . n 
B 1 66 ILE 66 66 66 ILE ILE B . n 
B 1 67 CYS 67 67 67 CYS CYS B . n 
B 1 68 GLY 68 68 68 GLY GLY B . n 
B 1 69 HIS 69 69 69 HIS HIS B . n 
B 1 70 LYS 70 70 70 LYS ALA B . n 
B 1 71 ALA 71 71 71 ALA ALA B . n 
B 1 72 ILE 72 72 72 ILE ILE B . n 
B 1 73 GLY 73 73 73 GLY GLY B . n 
B 1 74 THR 74 74 74 THR THR B . n 
B 1 75 VAL 75 75 75 VAL VAL B . n 
B 1 76 LEU 76 76 76 LEU LEU B . n 
B 1 77 VAL 77 77 77 VAL VAL B . n 
B 1 78 GLY 78 78 78 GLY GLY B . n 
B 1 79 PRO 79 79 79 PRO PRO B . n 
B 1 80 THR 80 80 80 THR THR B . n 
B 1 81 PRO 81 81 81 PRO PRO B . n 
B 1 82 ALA 82 82 82 ALA ALA B . n 
B 1 83 ASN 83 83 83 ASN ASN B . n 
B 1 84 ILE 84 84 84 ILE ILE B . n 
B 1 85 ILE 85 85 85 ILE ILE B . n 
B 1 86 GLY 86 86 86 GLY GLY B . n 
B 1 87 ARG 87 87 87 ARG ARG B . n 
B 1 88 ASN 88 88 88 ASN ASN B . n 
B 1 89 LEU 89 89 89 LEU LEU B . n 
B 1 90 LEU 90 90 90 LEU LEU B . n 
B 1 91 THR 91 91 91 THR THR B . n 
B 1 92 GLN 92 92 92 GLN GLN B . n 
B 1 93 ILE 93 93 93 ILE ILE B . n 
B 1 94 GLY 94 94 94 GLY GLY B . n 
B 1 95 CYS 95 95 95 CYS CYS B . n 
B 1 96 THR 96 96 96 THR THR B . n 
B 1 97 LEU 97 97 97 LEU LEU B . n 
B 1 98 ASN 98 98 98 ASN ASN B . n 
B 1 99 PHE 99 99 99 PHE PHE B . n 
C 2 1  ARG 1  2  2  ARG ALA P . n 
C 2 2  GLN 2  3  3  GLN ALA P . n 
C 2 3  VAL 3  4  4  VAL VAL P . n 
C 2 4  ASN 4  5  5  ASN ASN P . n 
C 2 5  PHE 5  6  6  PHE PHE P . n 
C 2 6  LEU 6  7  7  LEU LEU P . n 
C 2 7  GLY 7  8  8  GLY GLY P . n 
C 2 8  LYS 8  9  9  LYS ALA P . n 
C 2 9  ILE 9  10 10 ILE ALA P . n 
C 2 10 ASN 10 11 11 ASN ALA P . n 
# 
loop_
_pdbx_nonpoly_scheme.asym_id 
_pdbx_nonpoly_scheme.entity_id 
_pdbx_nonpoly_scheme.mon_id 
_pdbx_nonpoly_scheme.ndb_seq_num 
_pdbx_nonpoly_scheme.pdb_seq_num 
_pdbx_nonpoly_scheme.auth_seq_num 
_pdbx_nonpoly_scheme.pdb_mon_id 
_pdbx_nonpoly_scheme.auth_mon_id 
_pdbx_nonpoly_scheme.pdb_strand_id 
_pdbx_nonpoly_scheme.pdb_ins_code 
D 3 ACT 1  503 503 ACT ACT A . 
E 3 ACT 1  504 504 ACT ACT A . 
F 3 ACT 1  506 506 ACT ACT A . 
G 3 ACT 1  507 507 ACT ACT A . 
H 3 ACT 1  501 501 ACT ACT B . 
I 3 ACT 1  502 502 ACT ACT B . 
J 3 ACT 1  505 505 ACT ACT B . 
K 3 ACT 1  508 508 ACT ACT B . 
L 3 ACT 1  509 509 ACT ACT B . 
M 3 ACT 1  510 510 ACT ACT B . 
N 4 HOH 1  508 1   HOH WAT A . 
N 4 HOH 2  509 4   HOH WAT A . 
N 4 HOH 3  510 12  HOH WAT A . 
N 4 HOH 4  511 17  HOH WAT A . 
N 4 HOH 5  512 19  HOH WAT A . 
N 4 HOH 6  513 22  HOH WAT A . 
N 4 HOH 7  514 24  HOH WAT A . 
N 4 HOH 8  515 25  HOH WAT A . 
N 4 HOH 9  516 27  HOH WAT A . 
N 4 HOH 10 517 28  HOH WAT A . 
N 4 HOH 11 518 38  HOH WAT A . 
N 4 HOH 12 519 39  HOH WAT A . 
N 4 HOH 13 520 44  HOH WAT A . 
N 4 HOH 14 521 45  HOH WAT A . 
N 4 HOH 15 522 46  HOH WAT A . 
N 4 HOH 16 523 47  HOH WAT A . 
N 4 HOH 17 524 48  HOH WAT A . 
N 4 HOH 18 525 51  HOH WAT A . 
N 4 HOH 19 526 52  HOH WAT A . 
N 4 HOH 20 527 53  HOH WAT A . 
N 4 HOH 21 528 54  HOH WAT A . 
N 4 HOH 22 529 58  HOH WAT A . 
N 4 HOH 23 530 59  HOH WAT A . 
N 4 HOH 24 531 60  HOH WAT A . 
N 4 HOH 25 532 61  HOH WAT A . 
N 4 HOH 26 533 63  HOH WAT A . 
N 4 HOH 27 534 65  HOH WAT A . 
N 4 HOH 28 535 66  HOH WAT A . 
N 4 HOH 29 536 67  HOH WAT A . 
N 4 HOH 30 537 69  HOH WAT A . 
N 4 HOH 31 538 70  HOH WAT A . 
N 4 HOH 32 539 72  HOH WAT A . 
N 4 HOH 33 540 74  HOH WAT A . 
N 4 HOH 34 541 75  HOH WAT A . 
N 4 HOH 35 542 76  HOH WAT A . 
N 4 HOH 36 543 77  HOH WAT A . 
N 4 HOH 37 544 78  HOH WAT A . 
N 4 HOH 38 545 79  HOH WAT A . 
N 4 HOH 39 546 80  HOH WAT A . 
N 4 HOH 40 547 82  HOH WAT A . 
N 4 HOH 41 548 86  HOH WAT A . 
N 4 HOH 42 549 96  HOH WAT A . 
N 4 HOH 43 550 101 HOH WAT A . 
N 4 HOH 44 551 105 HOH WAT A . 
N 4 HOH 45 552 107 HOH WAT A . 
N 4 HOH 46 553 109 HOH WAT A . 
N 4 HOH 47 554 110 HOH WAT A . 
N 4 HOH 48 555 111 HOH WAT A . 
N 4 HOH 49 556 113 HOH WAT A . 
N 4 HOH 50 557 114 HOH WAT A . 
N 4 HOH 51 558 115 HOH WAT A . 
N 4 HOH 52 559 116 HOH WAT A . 
N 4 HOH 53 560 121 HOH WAT A . 
N 4 HOH 54 561 122 HOH WAT A . 
N 4 HOH 55 562 124 HOH WAT A . 
N 4 HOH 56 563 125 HOH WAT A . 
N 4 HOH 57 564 126 HOH WAT A . 
N 4 HOH 58 565 127 HOH WAT A . 
N 4 HOH 59 566 128 HOH WAT A . 
N 4 HOH 60 567 129 HOH WAT A . 
N 4 HOH 61 568 133 HOH WAT A . 
N 4 HOH 62 569 134 HOH WAT A . 
N 4 HOH 63 570 135 HOH WAT A . 
N 4 HOH 64 571 136 HOH WAT A . 
N 4 HOH 65 572 139 HOH WAT A . 
N 4 HOH 66 573 141 HOH WAT A . 
N 4 HOH 67 574 142 HOH WAT A . 
N 4 HOH 68 575 143 HOH WAT A . 
O 4 HOH 1  511 2   HOH WAT B . 
O 4 HOH 2  512 3   HOH WAT B . 
O 4 HOH 3  513 5   HOH WAT B . 
O 4 HOH 4  514 6   HOH WAT B . 
O 4 HOH 5  515 7   HOH WAT B . 
O 4 HOH 6  516 8   HOH WAT B . 
O 4 HOH 7  517 9   HOH WAT B . 
O 4 HOH 8  518 10  HOH WAT B . 
O 4 HOH 9  519 11  HOH WAT B . 
O 4 HOH 10 520 13  HOH WAT B . 
O 4 HOH 11 521 15  HOH WAT B . 
O 4 HOH 12 522 16  HOH WAT B . 
O 4 HOH 13 523 18  HOH WAT B . 
O 4 HOH 14 524 20  HOH WAT B . 
O 4 HOH 15 525 21  HOH WAT B . 
O 4 HOH 16 526 23  HOH WAT B . 
O 4 HOH 17 527 26  HOH WAT B . 
O 4 HOH 18 528 29  HOH WAT B . 
O 4 HOH 19 529 30  HOH WAT B . 
O 4 HOH 20 530 31  HOH WAT B . 
O 4 HOH 21 531 34  HOH WAT B . 
O 4 HOH 22 532 35  HOH WAT B . 
O 4 HOH 23 533 36  HOH WAT B . 
O 4 HOH 24 534 37  HOH WAT B . 
O 4 HOH 25 535 40  HOH WAT B . 
O 4 HOH 26 536 41  HOH WAT B . 
O 4 HOH 27 537 42  HOH WAT B . 
O 4 HOH 28 538 55  HOH WAT B . 
O 4 HOH 29 539 56  HOH WAT B . 
O 4 HOH 30 540 57  HOH WAT B . 
O 4 HOH 31 541 62  HOH WAT B . 
O 4 HOH 32 542 64  HOH WAT B . 
O 4 HOH 33 543 68  HOH WAT B . 
O 4 HOH 34 544 71  HOH WAT B . 
O 4 HOH 35 545 81  HOH WAT B . 
O 4 HOH 36 546 83  HOH WAT B . 
O 4 HOH 37 547 84  HOH WAT B . 
O 4 HOH 38 548 85  HOH WAT B . 
O 4 HOH 39 549 87  HOH WAT B . 
O 4 HOH 40 550 88  HOH WAT B . 
O 4 HOH 41 551 89  HOH WAT B . 
O 4 HOH 42 552 90  HOH WAT B . 
O 4 HOH 43 553 91  HOH WAT B . 
O 4 HOH 44 554 92  HOH WAT B . 
O 4 HOH 45 555 94  HOH WAT B . 
O 4 HOH 46 556 95  HOH WAT B . 
O 4 HOH 47 557 97  HOH WAT B . 
O 4 HOH 48 558 98  HOH WAT B . 
O 4 HOH 49 559 99  HOH WAT B . 
O 4 HOH 50 560 100 HOH WAT B . 
O 4 HOH 51 561 102 HOH WAT B . 
O 4 HOH 52 562 103 HOH WAT B . 
O 4 HOH 53 563 104 HOH WAT B . 
O 4 HOH 54 564 108 HOH WAT B . 
O 4 HOH 55 565 117 HOH WAT B . 
O 4 HOH 56 566 118 HOH WAT B . 
O 4 HOH 57 567 119 HOH WAT B . 
O 4 HOH 58 568 120 HOH WAT B . 
O 4 HOH 59 569 123 HOH WAT B . 
O 4 HOH 60 570 130 HOH WAT B . 
O 4 HOH 61 571 131 HOH WAT B . 
O 4 HOH 62 572 132 HOH WAT B . 
O 4 HOH 63 573 137 HOH WAT B . 
O 4 HOH 64 574 138 HOH WAT B . 
O 4 HOH 65 575 140 HOH WAT B . 
P 4 HOH 1  33  33  HOH WAT P . 
P 4 HOH 2  50  50  HOH WAT P . 
P 4 HOH 3  93  93  HOH WAT P . 
P 4 HOH 4  106 106 HOH WAT P . 
P 4 HOH 5  112 112 HOH WAT P . 
# 
_pdbx_struct_assembly.id                   1 
_pdbx_struct_assembly.details              author_and_software_defined_assembly 
_pdbx_struct_assembly.method_details       PISA 
_pdbx_struct_assembly.oligomeric_details   trimeric 
_pdbx_struct_assembly.oligomeric_count     3 
# 
_pdbx_struct_assembly_gen.assembly_id       1 
_pdbx_struct_assembly_gen.oper_expression   1 
_pdbx_struct_assembly_gen.asym_id_list      A,B,C,D,E,F,G,H,I,J,K,L,M,N,O,P 
# 
loop_
_pdbx_struct_assembly_prop.biol_id 
_pdbx_struct_assembly_prop.type 
_pdbx_struct_assembly_prop.value 
_pdbx_struct_assembly_prop.details 
1 'ABSA (A^2)' 6820 ? 
1 MORE         -30  ? 
1 'SSA (A^2)'  9410 ? 
# 
_pdbx_struct_oper_list.id                   1 
_pdbx_struct_oper_list.type                 'identity operation' 
_pdbx_struct_oper_list.name                 1_555 
_pdbx_struct_oper_list.symmetry_operation   x,y,z 
_pdbx_struct_oper_list.matrix[1][1]         1.0000000000 
_pdbx_struct_oper_list.matrix[1][2]         0.0000000000 
_pdbx_struct_oper_list.matrix[1][3]         0.0000000000 
_pdbx_struct_oper_list.vector[1]            0.0000000000 
_pdbx_struct_oper_list.matrix[2][1]         0.0000000000 
_pdbx_struct_oper_list.matrix[2][2]         1.0000000000 
_pdbx_struct_oper_list.matrix[2][3]         0.0000000000 
_pdbx_struct_oper_list.vector[2]            0.0000000000 
_pdbx_struct_oper_list.matrix[3][1]         0.0000000000 
_pdbx_struct_oper_list.matrix[3][2]         0.0000000000 
_pdbx_struct_oper_list.matrix[3][3]         1.0000000000 
_pdbx_struct_oper_list.vector[3]            0.0000000000 
# 
loop_
_pdbx_audit_revision_history.ordinal 
_pdbx_audit_revision_history.data_content_type 
_pdbx_audit_revision_history.major_revision 
_pdbx_audit_revision_history.minor_revision 
_pdbx_audit_revision_history.revision_date 
1 'Structure model' 1 0 2005-03-29 
2 'Structure model' 1 1 2008-04-30 
3 'Structure model' 1 2 2011-07-13 
4 'Structure model' 1 3 2017-10-11 
5 'Structure model' 1 4 2019-07-24 
6 'Structure model' 1 5 2021-10-27 
7 'Structure model' 1 6 2023-08-23 
# 
_pdbx_audit_revision_details.ordinal             1 
_pdbx_audit_revision_details.revision_ordinal    1 
_pdbx_audit_revision_details.data_content_type   'Structure model' 
_pdbx_audit_revision_details.provider            repository 
_pdbx_audit_revision_details.type                'Initial release' 
_pdbx_audit_revision_details.description         ? 
_pdbx_audit_revision_details.details             ? 
# 
loop_
_pdbx_audit_revision_group.ordinal 
_pdbx_audit_revision_group.revision_ordinal 
_pdbx_audit_revision_group.data_content_type 
_pdbx_audit_revision_group.group 
1 2 'Structure model' 'Version format compliance' 
2 3 'Structure model' 'Version format compliance' 
3 4 'Structure model' 'Refinement description'    
4 5 'Structure model' 'Data collection'           
5 5 'Structure model' 'Refinement description'    
6 6 'Structure model' 'Database references'       
7 6 'Structure model' 'Derived calculations'      
8 7 'Structure model' 'Data collection'           
9 7 'Structure model' 'Refinement description'    
# 
loop_
_pdbx_audit_revision_category.ordinal 
_pdbx_audit_revision_category.revision_ordinal 
_pdbx_audit_revision_category.data_content_type 
_pdbx_audit_revision_category.category 
1 4 'Structure model' software                      
2 5 'Structure model' software                      
3 6 'Structure model' database_2                    
4 6 'Structure model' struct_ref_seq_dif            
5 6 'Structure model' struct_site                   
6 7 'Structure model' chem_comp_atom                
7 7 'Structure model' chem_comp_bond                
8 7 'Structure model' pdbx_initial_refinement_model 
# 
loop_
_pdbx_audit_revision_item.ordinal 
_pdbx_audit_revision_item.revision_ordinal 
_pdbx_audit_revision_item.data_content_type 
_pdbx_audit_revision_item.item 
1 5 'Structure model' '_software.name'                      
2 5 'Structure model' '_software.version'                   
3 6 'Structure model' '_database_2.pdbx_DOI'                
4 6 'Structure model' '_database_2.pdbx_database_accession' 
5 6 'Structure model' '_struct_ref_seq_dif.details'         
6 6 'Structure model' '_struct_site.pdbx_auth_asym_id'      
7 6 'Structure model' '_struct_site.pdbx_auth_comp_id'      
8 6 'Structure model' '_struct_site.pdbx_auth_seq_id'       
# 
loop_
_software.name 
_software.classification 
_software.version 
_software.citation_id 
_software.pdbx_ordinal 
REFMAC    refinement     5   ? 1 
SCALEPACK 'data scaling' .   ? 2 
AMoRE     phasing        .   ? 3 
CNS       refinement     1.0 ? 4 
# 
_pdbx_database_remark.id     999 
_pdbx_database_remark.text   
;SEQUENCE
The sequence difference at this position is due to a 
mutation in the NC-p1 site in the virus and is an in
vivo characteristic of the virus
;
# 
loop_
_pdbx_validate_torsion.id 
_pdbx_validate_torsion.PDB_model_num 
_pdbx_validate_torsion.auth_comp_id 
_pdbx_validate_torsion.auth_asym_id 
_pdbx_validate_torsion.auth_seq_id 
_pdbx_validate_torsion.PDB_ins_code 
_pdbx_validate_torsion.label_alt_id 
_pdbx_validate_torsion.phi 
_pdbx_validate_torsion.psi 
1 1 PRO A 81 ? ? -68.91  2.72   
2 1 ALA A 82 ? ? -172.15 147.93 
# 
loop_
_pdbx_unobs_or_zero_occ_atoms.id 
_pdbx_unobs_or_zero_occ_atoms.PDB_model_num 
_pdbx_unobs_or_zero_occ_atoms.polymer_flag 
_pdbx_unobs_or_zero_occ_atoms.occupancy_flag 
_pdbx_unobs_or_zero_occ_atoms.auth_asym_id 
_pdbx_unobs_or_zero_occ_atoms.auth_comp_id 
_pdbx_unobs_or_zero_occ_atoms.auth_seq_id 
_pdbx_unobs_or_zero_occ_atoms.PDB_ins_code 
_pdbx_unobs_or_zero_occ_atoms.auth_atom_id 
_pdbx_unobs_or_zero_occ_atoms.label_alt_id 
_pdbx_unobs_or_zero_occ_atoms.label_asym_id 
_pdbx_unobs_or_zero_occ_atoms.label_comp_id 
_pdbx_unobs_or_zero_occ_atoms.label_seq_id 
_pdbx_unobs_or_zero_occ_atoms.label_atom_id 
1  1 Y 1 A LYS 41 ? CG  ? A LYS 41 CG  
2  1 Y 1 A LYS 41 ? CD  ? A LYS 41 CD  
3  1 Y 1 A LYS 41 ? CE  ? A LYS 41 CE  
4  1 Y 1 A LYS 41 ? NZ  ? A LYS 41 NZ  
5  1 Y 1 A LYS 43 ? CG  ? A LYS 43 CG  
6  1 Y 1 A LYS 43 ? CD  ? A LYS 43 CD  
7  1 Y 1 A LYS 43 ? CE  ? A LYS 43 CE  
8  1 Y 1 A LYS 43 ? NZ  ? A LYS 43 NZ  
9  1 Y 1 A LYS 55 ? CG  ? A LYS 55 CG  
10 1 Y 1 A LYS 55 ? CD  ? A LYS 55 CD  
11 1 Y 1 A LYS 55 ? CE  ? A LYS 55 CE  
12 1 Y 1 A LYS 55 ? NZ  ? A LYS 55 NZ  
13 1 Y 1 B LYS 7  ? CG  ? B LYS 7  CG  
14 1 Y 1 B LYS 7  ? CD  ? B LYS 7  CD  
15 1 Y 1 B LYS 7  ? CE  ? B LYS 7  CE  
16 1 Y 1 B LYS 7  ? NZ  ? B LYS 7  NZ  
17 1 Y 1 B LYS 41 ? CG  ? B LYS 41 CG  
18 1 Y 1 B LYS 41 ? CD  ? B LYS 41 CD  
19 1 Y 1 B LYS 41 ? CE  ? B LYS 41 CE  
20 1 Y 1 B LYS 41 ? NZ  ? B LYS 41 NZ  
21 1 Y 1 B LYS 43 ? CG  ? B LYS 43 CG  
22 1 Y 1 B LYS 43 ? CD  ? B LYS 43 CD  
23 1 Y 1 B LYS 43 ? CE  ? B LYS 43 CE  
24 1 Y 1 B LYS 43 ? NZ  ? B LYS 43 NZ  
25 1 Y 1 B LYS 45 ? CG  ? B LYS 45 CG  
26 1 Y 1 B LYS 45 ? CD  ? B LYS 45 CD  
27 1 Y 1 B LYS 45 ? CE  ? B LYS 45 CE  
28 1 Y 1 B LYS 45 ? NZ  ? B LYS 45 NZ  
29 1 Y 1 B LYS 70 ? CG  ? B LYS 70 CG  
30 1 Y 1 B LYS 70 ? CD  ? B LYS 70 CD  
31 1 Y 1 B LYS 70 ? CE  ? B LYS 70 CE  
32 1 Y 1 B LYS 70 ? NZ  ? B LYS 70 NZ  
33 1 Y 1 P ARG 2  ? CG  ? C ARG 1  CG  
34 1 Y 1 P ARG 2  ? CD  ? C ARG 1  CD  
35 1 Y 1 P ARG 2  ? NE  ? C ARG 1  NE  
36 1 Y 1 P ARG 2  ? CZ  ? C ARG 1  CZ  
37 1 Y 1 P ARG 2  ? NH1 ? C ARG 1  NH1 
38 1 Y 1 P ARG 2  ? NH2 ? C ARG 1  NH2 
39 1 Y 1 P GLN 3  ? CG  ? C GLN 2  CG  
40 1 Y 1 P GLN 3  ? CD  ? C GLN 2  CD  
41 1 Y 1 P GLN 3  ? OE1 ? C GLN 2  OE1 
42 1 Y 1 P GLN 3  ? NE2 ? C GLN 2  NE2 
43 1 Y 1 P LYS 9  ? CG  ? C LYS 8  CG  
44 1 Y 1 P LYS 9  ? CD  ? C LYS 8  CD  
45 1 Y 1 P LYS 9  ? CE  ? C LYS 8  CE  
46 1 Y 1 P LYS 9  ? NZ  ? C LYS 8  NZ  
47 1 Y 1 P ILE 10 ? CG1 ? C ILE 9  CG1 
48 1 Y 1 P ILE 10 ? CG2 ? C ILE 9  CG2 
49 1 Y 1 P ILE 10 ? CD1 ? C ILE 9  CD1 
50 1 Y 1 P ASN 11 ? CG  ? C ASN 10 CG  
51 1 Y 1 P ASN 11 ? OD1 ? C ASN 10 OD1 
52 1 Y 1 P ASN 11 ? ND2 ? C ASN 10 ND2 
# 
loop_
_chem_comp_atom.comp_id 
_chem_comp_atom.atom_id 
_chem_comp_atom.type_symbol 
_chem_comp_atom.pdbx_aromatic_flag 
_chem_comp_atom.pdbx_stereo_config 
_chem_comp_atom.pdbx_ordinal 
ACT C    C N N 1   
ACT O    O N N 2   
ACT OXT  O N N 3   
ACT CH3  C N N 4   
ACT H1   H N N 5   
ACT H2   H N N 6   
ACT H3   H N N 7   
ALA N    N N N 8   
ALA CA   C N S 9   
ALA C    C N N 10  
ALA O    O N N 11  
ALA CB   C N N 12  
ALA OXT  O N N 13  
ALA H    H N N 14  
ALA H2   H N N 15  
ALA HA   H N N 16  
ALA HB1  H N N 17  
ALA HB2  H N N 18  
ALA HB3  H N N 19  
ALA HXT  H N N 20  
ARG N    N N N 21  
ARG CA   C N S 22  
ARG C    C N N 23  
ARG O    O N N 24  
ARG CB   C N N 25  
ARG CG   C N N 26  
ARG CD   C N N 27  
ARG NE   N N N 28  
ARG CZ   C N N 29  
ARG NH1  N N N 30  
ARG NH2  N N N 31  
ARG OXT  O N N 32  
ARG H    H N N 33  
ARG H2   H N N 34  
ARG HA   H N N 35  
ARG HB2  H N N 36  
ARG HB3  H N N 37  
ARG HG2  H N N 38  
ARG HG3  H N N 39  
ARG HD2  H N N 40  
ARG HD3  H N N 41  
ARG HE   H N N 42  
ARG HH11 H N N 43  
ARG HH12 H N N 44  
ARG HH21 H N N 45  
ARG HH22 H N N 46  
ARG HXT  H N N 47  
ASN N    N N N 48  
ASN CA   C N S 49  
ASN C    C N N 50  
ASN O    O N N 51  
ASN CB   C N N 52  
ASN CG   C N N 53  
ASN OD1  O N N 54  
ASN ND2  N N N 55  
ASN OXT  O N N 56  
ASN H    H N N 57  
ASN H2   H N N 58  
ASN HA   H N N 59  
ASN HB2  H N N 60  
ASN HB3  H N N 61  
ASN HD21 H N N 62  
ASN HD22 H N N 63  
ASN HXT  H N N 64  
ASP N    N N N 65  
ASP CA   C N S 66  
ASP C    C N N 67  
ASP O    O N N 68  
ASP CB   C N N 69  
ASP CG   C N N 70  
ASP OD1  O N N 71  
ASP OD2  O N N 72  
ASP OXT  O N N 73  
ASP H    H N N 74  
ASP H2   H N N 75  
ASP HA   H N N 76  
ASP HB2  H N N 77  
ASP HB3  H N N 78  
ASP HD2  H N N 79  
ASP HXT  H N N 80  
CYS N    N N N 81  
CYS CA   C N R 82  
CYS C    C N N 83  
CYS O    O N N 84  
CYS CB   C N N 85  
CYS SG   S N N 86  
CYS OXT  O N N 87  
CYS H    H N N 88  
CYS H2   H N N 89  
CYS HA   H N N 90  
CYS HB2  H N N 91  
CYS HB3  H N N 92  
CYS HG   H N N 93  
CYS HXT  H N N 94  
GLN N    N N N 95  
GLN CA   C N S 96  
GLN C    C N N 97  
GLN O    O N N 98  
GLN CB   C N N 99  
GLN CG   C N N 100 
GLN CD   C N N 101 
GLN OE1  O N N 102 
GLN NE2  N N N 103 
GLN OXT  O N N 104 
GLN H    H N N 105 
GLN H2   H N N 106 
GLN HA   H N N 107 
GLN HB2  H N N 108 
GLN HB3  H N N 109 
GLN HG2  H N N 110 
GLN HG3  H N N 111 
GLN HE21 H N N 112 
GLN HE22 H N N 113 
GLN HXT  H N N 114 
GLU N    N N N 115 
GLU CA   C N S 116 
GLU C    C N N 117 
GLU O    O N N 118 
GLU CB   C N N 119 
GLU CG   C N N 120 
GLU CD   C N N 121 
GLU OE1  O N N 122 
GLU OE2  O N N 123 
GLU OXT  O N N 124 
GLU H    H N N 125 
GLU H2   H N N 126 
GLU HA   H N N 127 
GLU HB2  H N N 128 
GLU HB3  H N N 129 
GLU HG2  H N N 130 
GLU HG3  H N N 131 
GLU HE2  H N N 132 
GLU HXT  H N N 133 
GLY N    N N N 134 
GLY CA   C N N 135 
GLY C    C N N 136 
GLY O    O N N 137 
GLY OXT  O N N 138 
GLY H    H N N 139 
GLY H2   H N N 140 
GLY HA2  H N N 141 
GLY HA3  H N N 142 
GLY HXT  H N N 143 
HIS N    N N N 144 
HIS CA   C N S 145 
HIS C    C N N 146 
HIS O    O N N 147 
HIS CB   C N N 148 
HIS CG   C Y N 149 
HIS ND1  N Y N 150 
HIS CD2  C Y N 151 
HIS CE1  C Y N 152 
HIS NE2  N Y N 153 
HIS OXT  O N N 154 
HIS H    H N N 155 
HIS H2   H N N 156 
HIS HA   H N N 157 
HIS HB2  H N N 158 
HIS HB3  H N N 159 
HIS HD1  H N N 160 
HIS HD2  H N N 161 
HIS HE1  H N N 162 
HIS HE2  H N N 163 
HIS HXT  H N N 164 
HOH O    O N N 165 
HOH H1   H N N 166 
HOH H2   H N N 167 
ILE N    N N N 168 
ILE CA   C N S 169 
ILE C    C N N 170 
ILE O    O N N 171 
ILE CB   C N S 172 
ILE CG1  C N N 173 
ILE CG2  C N N 174 
ILE CD1  C N N 175 
ILE OXT  O N N 176 
ILE H    H N N 177 
ILE H2   H N N 178 
ILE HA   H N N 179 
ILE HB   H N N 180 
ILE HG12 H N N 181 
ILE HG13 H N N 182 
ILE HG21 H N N 183 
ILE HG22 H N N 184 
ILE HG23 H N N 185 
ILE HD11 H N N 186 
ILE HD12 H N N 187 
ILE HD13 H N N 188 
ILE HXT  H N N 189 
LEU N    N N N 190 
LEU CA   C N S 191 
LEU C    C N N 192 
LEU O    O N N 193 
LEU CB   C N N 194 
LEU CG   C N N 195 
LEU CD1  C N N 196 
LEU CD2  C N N 197 
LEU OXT  O N N 198 
LEU H    H N N 199 
LEU H2   H N N 200 
LEU HA   H N N 201 
LEU HB2  H N N 202 
LEU HB3  H N N 203 
LEU HG   H N N 204 
LEU HD11 H N N 205 
LEU HD12 H N N 206 
LEU HD13 H N N 207 
LEU HD21 H N N 208 
LEU HD22 H N N 209 
LEU HD23 H N N 210 
LEU HXT  H N N 211 
LYS N    N N N 212 
LYS CA   C N S 213 
LYS C    C N N 214 
LYS O    O N N 215 
LYS CB   C N N 216 
LYS CG   C N N 217 
LYS CD   C N N 218 
LYS CE   C N N 219 
LYS NZ   N N N 220 
LYS OXT  O N N 221 
LYS H    H N N 222 
LYS H2   H N N 223 
LYS HA   H N N 224 
LYS HB2  H N N 225 
LYS HB3  H N N 226 
LYS HG2  H N N 227 
LYS HG3  H N N 228 
LYS HD2  H N N 229 
LYS HD3  H N N 230 
LYS HE2  H N N 231 
LYS HE3  H N N 232 
LYS HZ1  H N N 233 
LYS HZ2  H N N 234 
LYS HZ3  H N N 235 
LYS HXT  H N N 236 
MET N    N N N 237 
MET CA   C N S 238 
MET C    C N N 239 
MET O    O N N 240 
MET CB   C N N 241 
MET CG   C N N 242 
MET SD   S N N 243 
MET CE   C N N 244 
MET OXT  O N N 245 
MET H    H N N 246 
MET H2   H N N 247 
MET HA   H N N 248 
MET HB2  H N N 249 
MET HB3  H N N 250 
MET HG2  H N N 251 
MET HG3  H N N 252 
MET HE1  H N N 253 
MET HE2  H N N 254 
MET HE3  H N N 255 
MET HXT  H N N 256 
PHE N    N N N 257 
PHE CA   C N S 258 
PHE C    C N N 259 
PHE O    O N N 260 
PHE CB   C N N 261 
PHE CG   C Y N 262 
PHE CD1  C Y N 263 
PHE CD2  C Y N 264 
PHE CE1  C Y N 265 
PHE CE2  C Y N 266 
PHE CZ   C Y N 267 
PHE OXT  O N N 268 
PHE H    H N N 269 
PHE H2   H N N 270 
PHE HA   H N N 271 
PHE HB2  H N N 272 
PHE HB3  H N N 273 
PHE HD1  H N N 274 
PHE HD2  H N N 275 
PHE HE1  H N N 276 
PHE HE2  H N N 277 
PHE HZ   H N N 278 
PHE HXT  H N N 279 
PRO N    N N N 280 
PRO CA   C N S 281 
PRO C    C N N 282 
PRO O    O N N 283 
PRO CB   C N N 284 
PRO CG   C N N 285 
PRO CD   C N N 286 
PRO OXT  O N N 287 
PRO H    H N N 288 
PRO HA   H N N 289 
PRO HB2  H N N 290 
PRO HB3  H N N 291 
PRO HG2  H N N 292 
PRO HG3  H N N 293 
PRO HD2  H N N 294 
PRO HD3  H N N 295 
PRO HXT  H N N 296 
THR N    N N N 297 
THR CA   C N S 298 
THR C    C N N 299 
THR O    O N N 300 
THR CB   C N R 301 
THR OG1  O N N 302 
THR CG2  C N N 303 
THR OXT  O N N 304 
THR H    H N N 305 
THR H2   H N N 306 
THR HA   H N N 307 
THR HB   H N N 308 
THR HG1  H N N 309 
THR HG21 H N N 310 
THR HG22 H N N 311 
THR HG23 H N N 312 
THR HXT  H N N 313 
TRP N    N N N 314 
TRP CA   C N S 315 
TRP C    C N N 316 
TRP O    O N N 317 
TRP CB   C N N 318 
TRP CG   C Y N 319 
TRP CD1  C Y N 320 
TRP CD2  C Y N 321 
TRP NE1  N Y N 322 
TRP CE2  C Y N 323 
TRP CE3  C Y N 324 
TRP CZ2  C Y N 325 
TRP CZ3  C Y N 326 
TRP CH2  C Y N 327 
TRP OXT  O N N 328 
TRP H    H N N 329 
TRP H2   H N N 330 
TRP HA   H N N 331 
TRP HB2  H N N 332 
TRP HB3  H N N 333 
TRP HD1  H N N 334 
TRP HE1  H N N 335 
TRP HE3  H N N 336 
TRP HZ2  H N N 337 
TRP HZ3  H N N 338 
TRP HH2  H N N 339 
TRP HXT  H N N 340 
TYR N    N N N 341 
TYR CA   C N S 342 
TYR C    C N N 343 
TYR O    O N N 344 
TYR CB   C N N 345 
TYR CG   C Y N 346 
TYR CD1  C Y N 347 
TYR CD2  C Y N 348 
TYR CE1  C Y N 349 
TYR CE2  C Y N 350 
TYR CZ   C Y N 351 
TYR OH   O N N 352 
TYR OXT  O N N 353 
TYR H    H N N 354 
TYR H2   H N N 355 
TYR HA   H N N 356 
TYR HB2  H N N 357 
TYR HB3  H N N 358 
TYR HD1  H N N 359 
TYR HD2  H N N 360 
TYR HE1  H N N 361 
TYR HE2  H N N 362 
TYR HH   H N N 363 
TYR HXT  H N N 364 
VAL N    N N N 365 
VAL CA   C N S 366 
VAL C    C N N 367 
VAL O    O N N 368 
VAL CB   C N N 369 
VAL CG1  C N N 370 
VAL CG2  C N N 371 
VAL OXT  O N N 372 
VAL H    H N N 373 
VAL H2   H N N 374 
VAL HA   H N N 375 
VAL HB   H N N 376 
VAL HG11 H N N 377 
VAL HG12 H N N 378 
VAL HG13 H N N 379 
VAL HG21 H N N 380 
VAL HG22 H N N 381 
VAL HG23 H N N 382 
VAL HXT  H N N 383 
# 
loop_
_chem_comp_bond.comp_id 
_chem_comp_bond.atom_id_1 
_chem_comp_bond.atom_id_2 
_chem_comp_bond.value_order 
_chem_comp_bond.pdbx_aromatic_flag 
_chem_comp_bond.pdbx_stereo_config 
_chem_comp_bond.pdbx_ordinal 
ACT C   O    doub N N 1   
ACT C   OXT  sing N N 2   
ACT C   CH3  sing N N 3   
ACT CH3 H1   sing N N 4   
ACT CH3 H2   sing N N 5   
ACT CH3 H3   sing N N 6   
ALA N   CA   sing N N 7   
ALA N   H    sing N N 8   
ALA N   H2   sing N N 9   
ALA CA  C    sing N N 10  
ALA CA  CB   sing N N 11  
ALA CA  HA   sing N N 12  
ALA C   O    doub N N 13  
ALA C   OXT  sing N N 14  
ALA CB  HB1  sing N N 15  
ALA CB  HB2  sing N N 16  
ALA CB  HB3  sing N N 17  
ALA OXT HXT  sing N N 18  
ARG N   CA   sing N N 19  
ARG N   H    sing N N 20  
ARG N   H2   sing N N 21  
ARG CA  C    sing N N 22  
ARG CA  CB   sing N N 23  
ARG CA  HA   sing N N 24  
ARG C   O    doub N N 25  
ARG C   OXT  sing N N 26  
ARG CB  CG   sing N N 27  
ARG CB  HB2  sing N N 28  
ARG CB  HB3  sing N N 29  
ARG CG  CD   sing N N 30  
ARG CG  HG2  sing N N 31  
ARG CG  HG3  sing N N 32  
ARG CD  NE   sing N N 33  
ARG CD  HD2  sing N N 34  
ARG CD  HD3  sing N N 35  
ARG NE  CZ   sing N N 36  
ARG NE  HE   sing N N 37  
ARG CZ  NH1  sing N N 38  
ARG CZ  NH2  doub N N 39  
ARG NH1 HH11 sing N N 40  
ARG NH1 HH12 sing N N 41  
ARG NH2 HH21 sing N N 42  
ARG NH2 HH22 sing N N 43  
ARG OXT HXT  sing N N 44  
ASN N   CA   sing N N 45  
ASN N   H    sing N N 46  
ASN N   H2   sing N N 47  
ASN CA  C    sing N N 48  
ASN CA  CB   sing N N 49  
ASN CA  HA   sing N N 50  
ASN C   O    doub N N 51  
ASN C   OXT  sing N N 52  
ASN CB  CG   sing N N 53  
ASN CB  HB2  sing N N 54  
ASN CB  HB3  sing N N 55  
ASN CG  OD1  doub N N 56  
ASN CG  ND2  sing N N 57  
ASN ND2 HD21 sing N N 58  
ASN ND2 HD22 sing N N 59  
ASN OXT HXT  sing N N 60  
ASP N   CA   sing N N 61  
ASP N   H    sing N N 62  
ASP N   H2   sing N N 63  
ASP CA  C    sing N N 64  
ASP CA  CB   sing N N 65  
ASP CA  HA   sing N N 66  
ASP C   O    doub N N 67  
ASP C   OXT  sing N N 68  
ASP CB  CG   sing N N 69  
ASP CB  HB2  sing N N 70  
ASP CB  HB3  sing N N 71  
ASP CG  OD1  doub N N 72  
ASP CG  OD2  sing N N 73  
ASP OD2 HD2  sing N N 74  
ASP OXT HXT  sing N N 75  
CYS N   CA   sing N N 76  
CYS N   H    sing N N 77  
CYS N   H2   sing N N 78  
CYS CA  C    sing N N 79  
CYS CA  CB   sing N N 80  
CYS CA  HA   sing N N 81  
CYS C   O    doub N N 82  
CYS C   OXT  sing N N 83  
CYS CB  SG   sing N N 84  
CYS CB  HB2  sing N N 85  
CYS CB  HB3  sing N N 86  
CYS SG  HG   sing N N 87  
CYS OXT HXT  sing N N 88  
GLN N   CA   sing N N 89  
GLN N   H    sing N N 90  
GLN N   H2   sing N N 91  
GLN CA  C    sing N N 92  
GLN CA  CB   sing N N 93  
GLN CA  HA   sing N N 94  
GLN C   O    doub N N 95  
GLN C   OXT  sing N N 96  
GLN CB  CG   sing N N 97  
GLN CB  HB2  sing N N 98  
GLN CB  HB3  sing N N 99  
GLN CG  CD   sing N N 100 
GLN CG  HG2  sing N N 101 
GLN CG  HG3  sing N N 102 
GLN CD  OE1  doub N N 103 
GLN CD  NE2  sing N N 104 
GLN NE2 HE21 sing N N 105 
GLN NE2 HE22 sing N N 106 
GLN OXT HXT  sing N N 107 
GLU N   CA   sing N N 108 
GLU N   H    sing N N 109 
GLU N   H2   sing N N 110 
GLU CA  C    sing N N 111 
GLU CA  CB   sing N N 112 
GLU CA  HA   sing N N 113 
GLU C   O    doub N N 114 
GLU C   OXT  sing N N 115 
GLU CB  CG   sing N N 116 
GLU CB  HB2  sing N N 117 
GLU CB  HB3  sing N N 118 
GLU CG  CD   sing N N 119 
GLU CG  HG2  sing N N 120 
GLU CG  HG3  sing N N 121 
GLU CD  OE1  doub N N 122 
GLU CD  OE2  sing N N 123 
GLU OE2 HE2  sing N N 124 
GLU OXT HXT  sing N N 125 
GLY N   CA   sing N N 126 
GLY N   H    sing N N 127 
GLY N   H2   sing N N 128 
GLY CA  C    sing N N 129 
GLY CA  HA2  sing N N 130 
GLY CA  HA3  sing N N 131 
GLY C   O    doub N N 132 
GLY C   OXT  sing N N 133 
GLY OXT HXT  sing N N 134 
HIS N   CA   sing N N 135 
HIS N   H    sing N N 136 
HIS N   H2   sing N N 137 
HIS CA  C    sing N N 138 
HIS CA  CB   sing N N 139 
HIS CA  HA   sing N N 140 
HIS C   O    doub N N 141 
HIS C   OXT  sing N N 142 
HIS CB  CG   sing N N 143 
HIS CB  HB2  sing N N 144 
HIS CB  HB3  sing N N 145 
HIS CG  ND1  sing Y N 146 
HIS CG  CD2  doub Y N 147 
HIS ND1 CE1  doub Y N 148 
HIS ND1 HD1  sing N N 149 
HIS CD2 NE2  sing Y N 150 
HIS CD2 HD2  sing N N 151 
HIS CE1 NE2  sing Y N 152 
HIS CE1 HE1  sing N N 153 
HIS NE2 HE2  sing N N 154 
HIS OXT HXT  sing N N 155 
HOH O   H1   sing N N 156 
HOH O   H2   sing N N 157 
ILE N   CA   sing N N 158 
ILE N   H    sing N N 159 
ILE N   H2   sing N N 160 
ILE CA  C    sing N N 161 
ILE CA  CB   sing N N 162 
ILE CA  HA   sing N N 163 
ILE C   O    doub N N 164 
ILE C   OXT  sing N N 165 
ILE CB  CG1  sing N N 166 
ILE CB  CG2  sing N N 167 
ILE CB  HB   sing N N 168 
ILE CG1 CD1  sing N N 169 
ILE CG1 HG12 sing N N 170 
ILE CG1 HG13 sing N N 171 
ILE CG2 HG21 sing N N 172 
ILE CG2 HG22 sing N N 173 
ILE CG2 HG23 sing N N 174 
ILE CD1 HD11 sing N N 175 
ILE CD1 HD12 sing N N 176 
ILE CD1 HD13 sing N N 177 
ILE OXT HXT  sing N N 178 
LEU N   CA   sing N N 179 
LEU N   H    sing N N 180 
LEU N   H2   sing N N 181 
LEU CA  C    sing N N 182 
LEU CA  CB   sing N N 183 
LEU CA  HA   sing N N 184 
LEU C   O    doub N N 185 
LEU C   OXT  sing N N 186 
LEU CB  CG   sing N N 187 
LEU CB  HB2  sing N N 188 
LEU CB  HB3  sing N N 189 
LEU CG  CD1  sing N N 190 
LEU CG  CD2  sing N N 191 
LEU CG  HG   sing N N 192 
LEU CD1 HD11 sing N N 193 
LEU CD1 HD12 sing N N 194 
LEU CD1 HD13 sing N N 195 
LEU CD2 HD21 sing N N 196 
LEU CD2 HD22 sing N N 197 
LEU CD2 HD23 sing N N 198 
LEU OXT HXT  sing N N 199 
LYS N   CA   sing N N 200 
LYS N   H    sing N N 201 
LYS N   H2   sing N N 202 
LYS CA  C    sing N N 203 
LYS CA  CB   sing N N 204 
LYS CA  HA   sing N N 205 
LYS C   O    doub N N 206 
LYS C   OXT  sing N N 207 
LYS CB  CG   sing N N 208 
LYS CB  HB2  sing N N 209 
LYS CB  HB3  sing N N 210 
LYS CG  CD   sing N N 211 
LYS CG  HG2  sing N N 212 
LYS CG  HG3  sing N N 213 
LYS CD  CE   sing N N 214 
LYS CD  HD2  sing N N 215 
LYS CD  HD3  sing N N 216 
LYS CE  NZ   sing N N 217 
LYS CE  HE2  sing N N 218 
LYS CE  HE3  sing N N 219 
LYS NZ  HZ1  sing N N 220 
LYS NZ  HZ2  sing N N 221 
LYS NZ  HZ3  sing N N 222 
LYS OXT HXT  sing N N 223 
MET N   CA   sing N N 224 
MET N   H    sing N N 225 
MET N   H2   sing N N 226 
MET CA  C    sing N N 227 
MET CA  CB   sing N N 228 
MET CA  HA   sing N N 229 
MET C   O    doub N N 230 
MET C   OXT  sing N N 231 
MET CB  CG   sing N N 232 
MET CB  HB2  sing N N 233 
MET CB  HB3  sing N N 234 
MET CG  SD   sing N N 235 
MET CG  HG2  sing N N 236 
MET CG  HG3  sing N N 237 
MET SD  CE   sing N N 238 
MET CE  HE1  sing N N 239 
MET CE  HE2  sing N N 240 
MET CE  HE3  sing N N 241 
MET OXT HXT  sing N N 242 
PHE N   CA   sing N N 243 
PHE N   H    sing N N 244 
PHE N   H2   sing N N 245 
PHE CA  C    sing N N 246 
PHE CA  CB   sing N N 247 
PHE CA  HA   sing N N 248 
PHE C   O    doub N N 249 
PHE C   OXT  sing N N 250 
PHE CB  CG   sing N N 251 
PHE CB  HB2  sing N N 252 
PHE CB  HB3  sing N N 253 
PHE CG  CD1  doub Y N 254 
PHE CG  CD2  sing Y N 255 
PHE CD1 CE1  sing Y N 256 
PHE CD1 HD1  sing N N 257 
PHE CD2 CE2  doub Y N 258 
PHE CD2 HD2  sing N N 259 
PHE CE1 CZ   doub Y N 260 
PHE CE1 HE1  sing N N 261 
PHE CE2 CZ   sing Y N 262 
PHE CE2 HE2  sing N N 263 
PHE CZ  HZ   sing N N 264 
PHE OXT HXT  sing N N 265 
PRO N   CA   sing N N 266 
PRO N   CD   sing N N 267 
PRO N   H    sing N N 268 
PRO CA  C    sing N N 269 
PRO CA  CB   sing N N 270 
PRO CA  HA   sing N N 271 
PRO C   O    doub N N 272 
PRO C   OXT  sing N N 273 
PRO CB  CG   sing N N 274 
PRO CB  HB2  sing N N 275 
PRO CB  HB3  sing N N 276 
PRO CG  CD   sing N N 277 
PRO CG  HG2  sing N N 278 
PRO CG  HG3  sing N N 279 
PRO CD  HD2  sing N N 280 
PRO CD  HD3  sing N N 281 
PRO OXT HXT  sing N N 282 
THR N   CA   sing N N 283 
THR N   H    sing N N 284 
THR N   H2   sing N N 285 
THR CA  C    sing N N 286 
THR CA  CB   sing N N 287 
THR CA  HA   sing N N 288 
THR C   O    doub N N 289 
THR C   OXT  sing N N 290 
THR CB  OG1  sing N N 291 
THR CB  CG2  sing N N 292 
THR CB  HB   sing N N 293 
THR OG1 HG1  sing N N 294 
THR CG2 HG21 sing N N 295 
THR CG2 HG22 sing N N 296 
THR CG2 HG23 sing N N 297 
THR OXT HXT  sing N N 298 
TRP N   CA   sing N N 299 
TRP N   H    sing N N 300 
TRP N   H2   sing N N 301 
TRP CA  C    sing N N 302 
TRP CA  CB   sing N N 303 
TRP CA  HA   sing N N 304 
TRP C   O    doub N N 305 
TRP C   OXT  sing N N 306 
TRP CB  CG   sing N N 307 
TRP CB  HB2  sing N N 308 
TRP CB  HB3  sing N N 309 
TRP CG  CD1  doub Y N 310 
TRP CG  CD2  sing Y N 311 
TRP CD1 NE1  sing Y N 312 
TRP CD1 HD1  sing N N 313 
TRP CD2 CE2  doub Y N 314 
TRP CD2 CE3  sing Y N 315 
TRP NE1 CE2  sing Y N 316 
TRP NE1 HE1  sing N N 317 
TRP CE2 CZ2  sing Y N 318 
TRP CE3 CZ3  doub Y N 319 
TRP CE3 HE3  sing N N 320 
TRP CZ2 CH2  doub Y N 321 
TRP CZ2 HZ2  sing N N 322 
TRP CZ3 CH2  sing Y N 323 
TRP CZ3 HZ3  sing N N 324 
TRP CH2 HH2  sing N N 325 
TRP OXT HXT  sing N N 326 
TYR N   CA   sing N N 327 
TYR N   H    sing N N 328 
TYR N   H2   sing N N 329 
TYR CA  C    sing N N 330 
TYR CA  CB   sing N N 331 
TYR CA  HA   sing N N 332 
TYR C   O    doub N N 333 
TYR C   OXT  sing N N 334 
TYR CB  CG   sing N N 335 
TYR CB  HB2  sing N N 336 
TYR CB  HB3  sing N N 337 
TYR CG  CD1  doub Y N 338 
TYR CG  CD2  sing Y N 339 
TYR CD1 CE1  sing Y N 340 
TYR CD1 HD1  sing N N 341 
TYR CD2 CE2  doub Y N 342 
TYR CD2 HD2  sing N N 343 
TYR CE1 CZ   doub Y N 344 
TYR CE1 HE1  sing N N 345 
TYR CE2 CZ   sing Y N 346 
TYR CE2 HE2  sing N N 347 
TYR CZ  OH   sing N N 348 
TYR OH  HH   sing N N 349 
TYR OXT HXT  sing N N 350 
VAL N   CA   sing N N 351 
VAL N   H    sing N N 352 
VAL N   H2   sing N N 353 
VAL CA  C    sing N N 354 
VAL CA  CB   sing N N 355 
VAL CA  HA   sing N N 356 
VAL C   O    doub N N 357 
VAL C   OXT  sing N N 358 
VAL CB  CG1  sing N N 359 
VAL CB  CG2  sing N N 360 
VAL CB  HB   sing N N 361 
VAL CG1 HG11 sing N N 362 
VAL CG1 HG12 sing N N 363 
VAL CG1 HG13 sing N N 364 
VAL CG2 HG21 sing N N 365 
VAL CG2 HG22 sing N N 366 
VAL CG2 HG23 sing N N 367 
VAL OXT HXT  sing N N 368 
# 
loop_
_pdbx_entity_nonpoly.entity_id 
_pdbx_entity_nonpoly.name 
_pdbx_entity_nonpoly.comp_id 
3 'ACETATE ION' ACT 
4 water         HOH 
# 
_pdbx_initial_refinement_model.id               1 
_pdbx_initial_refinement_model.entity_id_list   ? 
_pdbx_initial_refinement_model.type             'experimental model' 
_pdbx_initial_refinement_model.source_name      PDB 
_pdbx_initial_refinement_model.accession_code   1MTR 
_pdbx_initial_refinement_model.details          ? 
# 
